data_7W4B
#
_entry.id   7W4B
#
_cell.length_a   83.290
_cell.length_b   92.410
_cell.length_c   280.780
_cell.angle_alpha   90.00
_cell.angle_beta   90.00
_cell.angle_gamma   90.00
#
_symmetry.space_group_name_H-M   'P 21 21 21'
#
loop_
_entity.id
_entity.type
_entity.pdbx_description
1 polymer '17 kDa phloem lectin'
2 branched 2-acetamido-2-deoxy-beta-D-glucopyranose-(1-4)-2-acetamido-2-deoxy-beta-D-glucopyranose-(1-4)-2-acetamido-2-deoxy-beta-D-glucopyranose
#
_entity_poly.entity_id   1
_entity_poly.type   'polypeptide(L)'
_entity_poly.pdbx_seq_one_letter_code
;STHYLAFPRASTITWGDDTRYWSWATVDFCSYAIEEARLLQVSWLDCRWSMDASDFKQDIWYNASVEVMLTSNASGWNVP
LHLEIELPDGSKQESQIVLAGRQPNVWFKIPIGKFILRGSLTSGTIRFGFYNHEGNWKRGLNIRTLAIQA
;
_entity_poly.pdbx_strand_id   A,B,C,D,E,F,G,H,I,J,K,L
#
# COMPACT_ATOMS: atom_id res chain seq x y z
N SER A 1 -18.80 30.50 17.09
CA SER A 1 -18.26 31.89 16.73
C SER A 1 -19.17 33.02 17.26
N THR A 2 -18.60 34.16 17.63
CA THR A 2 -19.28 35.33 18.24
C THR A 2 -20.14 36.08 17.21
N HIS A 3 -21.44 36.27 17.52
CA HIS A 3 -22.44 36.97 16.68
C HIS A 3 -22.56 38.43 17.11
N TYR A 4 -22.68 38.69 18.42
CA TYR A 4 -22.78 40.06 18.98
C TYR A 4 -21.91 40.17 20.23
N LEU A 5 -21.18 41.28 20.33
CA LEU A 5 -20.69 41.83 21.63
C LEU A 5 -21.58 43.04 21.94
N ALA A 6 -22.09 43.11 23.16
CA ALA A 6 -22.89 44.24 23.67
C ALA A 6 -22.19 44.76 24.92
N PHE A 7 -21.87 46.04 24.96
CA PHE A 7 -21.08 46.70 26.03
C PHE A 7 -22.04 47.30 27.06
N PRO A 8 -21.63 47.41 28.34
CA PRO A 8 -22.56 47.74 29.42
C PRO A 8 -23.36 49.03 29.22
N ARG A 9 -22.86 50.00 28.46
CA ARG A 9 -23.63 51.24 28.13
C ARG A 9 -24.96 50.89 27.44
N ALA A 10 -25.03 49.80 26.68
CA ALA A 10 -26.24 49.34 25.95
C ALA A 10 -27.23 48.66 26.91
N SER A 11 -26.80 48.38 28.14
CA SER A 11 -27.57 47.70 29.21
C SER A 11 -28.25 48.73 30.13
N THR A 12 -29.20 48.28 30.94
CA THR A 12 -29.79 49.03 32.07
C THR A 12 -29.12 48.53 33.36
N ILE A 13 -28.54 49.43 34.13
CA ILE A 13 -27.87 49.11 35.43
C ILE A 13 -28.53 49.97 36.50
N THR A 14 -29.19 49.34 37.47
CA THR A 14 -29.73 50.04 38.65
C THR A 14 -28.60 50.84 39.30
N TRP A 15 -28.83 52.14 39.45
CA TRP A 15 -27.88 53.14 40.01
C TRP A 15 -26.68 53.34 39.08
N GLY A 16 -26.78 52.93 37.82
CA GLY A 16 -25.67 52.99 36.84
C GLY A 16 -25.09 54.38 36.67
N ASP A 17 -25.93 55.40 36.75
CA ASP A 17 -25.61 56.80 36.42
C ASP A 17 -25.21 57.56 37.70
N ASP A 18 -25.30 56.89 38.87
CA ASP A 18 -25.02 57.45 40.23
C ASP A 18 -23.59 57.08 40.67
N THR A 19 -22.69 58.06 40.68
CA THR A 19 -21.22 57.87 40.90
C THR A 19 -20.89 57.53 42.37
N ARG A 20 -21.88 57.47 43.25
CA ARG A 20 -21.75 56.93 44.63
C ARG A 20 -21.59 55.40 44.58
N TYR A 21 -22.10 54.78 43.53
CA TYR A 21 -22.32 53.31 43.45
C TYR A 21 -21.58 52.71 42.25
N TRP A 22 -21.72 53.31 41.07
CA TRP A 22 -21.12 52.84 39.79
C TRP A 22 -20.23 53.92 39.20
N SER A 23 -19.21 53.53 38.44
CA SER A 23 -18.36 54.45 37.68
C SER A 23 -18.11 53.86 36.29
N TRP A 24 -17.65 54.70 35.36
CA TRP A 24 -17.34 54.30 33.98
C TRP A 24 -15.92 54.74 33.63
N ALA A 25 -15.25 53.98 32.79
CA ALA A 25 -13.87 54.28 32.36
C ALA A 25 -13.75 53.91 30.88
N THR A 26 -13.26 54.86 30.08
CA THR A 26 -13.01 54.68 28.64
C THR A 26 -11.73 53.84 28.52
N VAL A 27 -11.78 52.76 27.72
CA VAL A 27 -10.59 51.94 27.38
C VAL A 27 -10.72 51.52 25.91
N ASP A 28 -9.62 51.05 25.34
CA ASP A 28 -9.58 50.49 23.97
C ASP A 28 -9.83 48.97 24.00
N PHE A 29 -10.61 48.47 23.06
CA PHE A 29 -10.92 47.04 22.86
C PHE A 29 -10.80 46.71 21.37
N CYS A 30 -9.65 46.20 20.94
CA CYS A 30 -9.47 45.83 19.51
C CYS A 30 -9.80 47.01 18.60
N SER A 31 -9.30 48.22 18.89
CA SER A 31 -9.50 49.41 18.00
C SER A 31 -10.79 50.17 18.37
N TYR A 32 -11.60 49.62 19.25
CA TYR A 32 -12.90 50.25 19.54
C TYR A 32 -12.95 50.85 20.95
N ALA A 33 -13.33 52.11 21.06
CA ALA A 33 -13.55 52.80 22.34
C ALA A 33 -14.78 52.18 23.00
N ILE A 34 -14.60 51.57 24.18
CA ILE A 34 -15.71 51.04 25.03
C ILE A 34 -15.57 51.67 26.40
N GLU A 35 -16.65 51.60 27.17
CA GLU A 35 -16.68 52.04 28.58
C GLU A 35 -16.99 50.81 29.44
N GLU A 36 -16.03 50.43 30.31
CA GLU A 36 -16.22 49.43 31.40
C GLU A 36 -17.13 50.03 32.46
N ALA A 37 -18.13 49.27 32.89
CA ALA A 37 -18.93 49.56 34.10
C ALA A 37 -18.19 49.00 35.33
N ARG A 38 -17.80 49.88 36.25
CA ARG A 38 -16.94 49.55 37.41
C ARG A 38 -17.74 49.82 38.66
N LEU A 39 -18.23 48.76 39.28
CA LEU A 39 -19.01 48.80 40.53
C LEU A 39 -18.08 49.22 41.67
N LEU A 40 -18.40 50.32 42.34
CA LEU A 40 -17.74 50.77 43.60
C LEU A 40 -18.43 50.06 44.76
N GLN A 41 -19.76 50.20 44.83
CA GLN A 41 -20.62 49.57 45.87
C GLN A 41 -22.09 49.70 45.44
N VAL A 42 -22.88 48.64 45.62
CA VAL A 42 -24.36 48.71 45.42
C VAL A 42 -24.98 47.51 46.15
N SER A 43 -26.25 47.64 46.58
CA SER A 43 -26.99 46.52 47.21
C SER A 43 -27.94 45.89 46.19
N TRP A 44 -28.68 46.72 45.46
CA TRP A 44 -29.49 46.27 44.30
C TRP A 44 -28.57 46.21 43.07
N LEU A 45 -27.81 45.11 42.95
CA LEU A 45 -26.97 44.79 41.77
C LEU A 45 -27.89 44.19 40.71
N ASP A 46 -28.02 44.87 39.57
CA ASP A 46 -28.91 44.46 38.46
C ASP A 46 -28.39 45.07 37.16
N CYS A 47 -28.01 44.20 36.21
CA CYS A 47 -27.53 44.55 34.86
C CYS A 47 -28.29 43.68 33.85
N ARG A 48 -29.03 44.31 32.94
CA ARG A 48 -29.87 43.65 31.90
C ARG A 48 -29.60 44.30 30.53
N TRP A 49 -29.20 43.50 29.56
CA TRP A 49 -29.27 43.86 28.13
C TRP A 49 -30.64 43.42 27.61
N SER A 50 -31.30 44.27 26.83
CA SER A 50 -32.54 43.92 26.09
C SER A 50 -32.24 43.88 24.59
N MET A 51 -32.46 42.73 23.94
CA MET A 51 -32.35 42.59 22.47
C MET A 51 -33.61 41.85 21.99
N ASP A 52 -34.00 42.04 20.74
CA ASP A 52 -35.20 41.37 20.17
C ASP A 52 -34.76 40.04 19.54
N ALA A 53 -35.61 39.02 19.62
CA ALA A 53 -35.40 37.69 19.03
C ALA A 53 -35.13 37.80 17.53
N SER A 54 -35.76 38.74 16.84
CA SER A 54 -35.59 38.95 15.37
C SER A 54 -34.16 39.42 15.08
N ASP A 55 -33.41 39.91 16.07
CA ASP A 55 -31.95 40.21 15.92
C ASP A 55 -31.16 38.92 15.65
N PHE A 56 -31.74 37.75 15.96
CA PHE A 56 -31.02 36.46 16.02
C PHE A 56 -31.57 35.52 14.95
N LYS A 57 -30.76 34.54 14.56
CA LYS A 57 -31.17 33.50 13.58
C LYS A 57 -31.94 32.38 14.31
N GLN A 58 -32.96 31.83 13.67
CA GLN A 58 -33.81 30.77 14.30
C GLN A 58 -33.16 29.40 14.07
N ASP A 59 -33.67 28.36 14.75
CA ASP A 59 -33.31 26.93 14.55
C ASP A 59 -31.81 26.73 14.75
N ILE A 60 -31.20 27.52 15.63
CA ILE A 60 -29.75 27.40 15.98
C ILE A 60 -29.58 27.79 17.46
N TRP A 61 -28.75 27.00 18.16
CA TRP A 61 -28.42 27.14 19.60
C TRP A 61 -27.40 28.26 19.79
N TYR A 62 -27.80 29.26 20.56
CA TYR A 62 -26.96 30.41 21.01
C TYR A 62 -26.52 30.16 22.45
N ASN A 63 -25.31 30.54 22.79
CA ASN A 63 -24.87 30.64 24.21
C ASN A 63 -24.45 32.09 24.45
N ALA A 64 -24.65 32.56 25.68
CA ALA A 64 -24.40 33.95 26.10
C ALA A 64 -23.47 33.95 27.33
N SER A 65 -22.48 34.83 27.32
CA SER A 65 -21.50 34.99 28.42
C SER A 65 -21.36 36.49 28.75
N VAL A 66 -20.95 36.81 29.97
CA VAL A 66 -20.62 38.19 30.43
C VAL A 66 -19.17 38.18 30.93
N GLU A 67 -18.30 38.98 30.31
CA GLU A 67 -16.86 39.08 30.69
C GLU A 67 -16.71 40.13 31.79
N VAL A 68 -16.15 39.74 32.94
CA VAL A 68 -16.03 40.60 34.15
C VAL A 68 -14.63 40.43 34.73
N MET A 69 -14.30 41.30 35.69
CA MET A 69 -13.04 41.30 36.47
C MET A 69 -13.38 41.75 37.89
N LEU A 70 -12.90 41.01 38.90
CA LEU A 70 -12.97 41.44 40.32
C LEU A 70 -11.72 42.27 40.60
N THR A 71 -11.86 43.40 41.32
CA THR A 71 -10.70 44.25 41.74
C THR A 71 -10.12 43.70 43.04
N SER A 72 -8.99 44.24 43.47
CA SER A 72 -8.31 43.94 44.76
C SER A 72 -9.22 44.35 45.93
N ASN A 73 -10.20 45.22 45.68
CA ASN A 73 -11.11 45.81 46.69
C ASN A 73 -12.43 45.04 46.74
N ALA A 74 -12.53 43.90 46.05
CA ALA A 74 -13.79 43.13 45.89
C ALA A 74 -14.26 42.65 47.27
N SER A 75 -15.58 42.58 47.49
CA SER A 75 -16.24 42.17 48.76
C SER A 75 -17.75 42.04 48.53
N GLY A 76 -18.43 41.29 49.40
CA GLY A 76 -19.88 41.08 49.35
C GLY A 76 -20.29 39.99 48.36
N TRP A 77 -19.35 39.19 47.86
CA TRP A 77 -19.62 38.18 46.80
C TRP A 77 -19.86 36.80 47.41
N ASN A 78 -19.97 36.74 48.73
CA ASN A 78 -20.30 35.51 49.48
C ASN A 78 -21.80 35.20 49.35
N VAL A 79 -22.42 35.66 48.27
CA VAL A 79 -23.87 35.47 47.96
C VAL A 79 -23.98 34.90 46.54
N PRO A 80 -25.10 34.24 46.22
CA PRO A 80 -25.34 33.77 44.86
C PRO A 80 -25.60 34.95 43.90
N LEU A 81 -24.71 35.17 42.93
CA LEU A 81 -24.97 36.04 41.75
C LEU A 81 -25.89 35.28 40.79
N HIS A 82 -27.14 35.72 40.67
CA HIS A 82 -28.18 35.08 39.81
C HIS A 82 -27.92 35.48 38.35
N LEU A 83 -27.95 34.50 37.45
CA LEU A 83 -27.72 34.63 35.99
C LEU A 83 -29.02 34.26 35.28
N GLU A 84 -29.43 35.03 34.28
CA GLU A 84 -30.80 34.94 33.71
C GLU A 84 -30.81 35.31 32.23
N ILE A 85 -31.42 34.45 31.41
CA ILE A 85 -31.93 34.77 30.05
C ILE A 85 -33.45 34.62 30.09
N GLU A 86 -34.18 35.71 29.86
CA GLU A 86 -35.66 35.69 29.73
C GLU A 86 -36.01 35.70 28.24
N LEU A 87 -36.78 34.72 27.79
CA LEU A 87 -37.28 34.62 26.39
C LEU A 87 -38.59 35.36 26.27
N PRO A 88 -39.08 35.63 25.04
CA PRO A 88 -40.27 36.46 24.86
C PRO A 88 -41.56 35.84 25.44
N ASP A 89 -41.64 34.50 25.50
CA ASP A 89 -42.82 33.76 26.05
C ASP A 89 -42.92 33.97 27.58
N GLY A 90 -41.86 34.45 28.24
CA GLY A 90 -41.82 34.70 29.69
C GLY A 90 -40.92 33.72 30.42
N SER A 91 -40.54 32.61 29.77
CA SER A 91 -39.72 31.50 30.34
C SER A 91 -38.28 31.97 30.54
N LYS A 92 -37.51 31.29 31.41
CA LYS A 92 -36.22 31.78 31.95
C LYS A 92 -35.19 30.65 32.02
N GLN A 93 -33.96 30.88 31.56
CA GLN A 93 -32.74 30.12 31.95
C GLN A 93 -32.17 30.72 33.23
N GLU A 94 -32.47 30.11 34.38
CA GLU A 94 -31.96 30.55 35.71
C GLU A 94 -30.77 29.66 36.10
N SER A 95 -29.65 30.28 36.46
CA SER A 95 -28.45 29.63 37.02
C SER A 95 -27.82 30.62 38.01
N GLN A 96 -26.79 30.21 38.76
CA GLN A 96 -26.09 31.12 39.70
C GLN A 96 -24.61 30.77 39.76
N ILE A 97 -23.81 31.71 40.24
CA ILE A 97 -22.35 31.54 40.48
C ILE A 97 -21.98 32.35 41.73
N VAL A 98 -20.96 31.90 42.45
CA VAL A 98 -20.43 32.56 43.68
C VAL A 98 -19.05 33.11 43.31
N LEU A 99 -18.85 34.42 43.45
CA LEU A 99 -17.63 35.10 42.94
C LEU A 99 -16.58 35.21 44.06
N ALA A 100 -16.95 34.88 45.29
CA ALA A 100 -16.04 34.97 46.46
C ALA A 100 -14.80 34.13 46.21
N GLY A 101 -13.64 34.66 46.62
CA GLY A 101 -12.32 34.00 46.59
C GLY A 101 -11.90 33.59 45.20
N ARG A 102 -12.27 34.36 44.16
CA ARG A 102 -11.73 34.15 42.80
C ARG A 102 -10.46 34.98 42.69
N GLN A 103 -9.62 34.69 41.69
CA GLN A 103 -8.43 35.54 41.36
C GLN A 103 -8.92 36.94 41.00
N PRO A 104 -8.36 38.00 41.61
CA PRO A 104 -8.65 39.37 41.16
C PRO A 104 -7.77 39.79 39.96
N ASN A 105 -8.21 40.78 39.21
CA ASN A 105 -7.42 41.49 38.17
C ASN A 105 -7.16 40.57 36.96
N VAL A 106 -8.02 39.57 36.73
CA VAL A 106 -8.04 38.78 35.47
C VAL A 106 -9.47 38.75 34.94
N TRP A 107 -9.61 38.94 33.63
CA TRP A 107 -10.91 38.80 32.91
C TRP A 107 -11.30 37.32 32.87
N PHE A 108 -12.56 37.01 33.16
CA PHE A 108 -13.14 35.65 33.04
C PHE A 108 -14.56 35.80 32.51
N LYS A 109 -15.02 34.79 31.77
CA LYS A 109 -16.32 34.78 31.08
C LYS A 109 -17.31 33.92 31.89
N ILE A 110 -18.31 34.56 32.47
CA ILE A 110 -19.43 33.89 33.19
C ILE A 110 -20.47 33.47 32.15
N PRO A 111 -20.71 32.16 31.94
CA PRO A 111 -21.78 31.73 31.05
C PRO A 111 -23.12 32.02 31.75
N ILE A 112 -24.09 32.61 31.04
CA ILE A 112 -25.42 32.97 31.64
C ILE A 112 -26.53 32.14 30.98
N GLY A 113 -26.21 31.16 30.15
CA GLY A 113 -27.17 30.18 29.63
C GLY A 113 -27.17 30.05 28.12
N LYS A 114 -28.14 29.29 27.62
CA LYS A 114 -28.30 28.91 26.18
C LYS A 114 -29.74 29.17 25.79
N PHE A 115 -30.01 29.41 24.51
CA PHE A 115 -31.39 29.59 23.98
C PHE A 115 -31.40 29.20 22.51
N ILE A 116 -32.58 28.83 22.02
CA ILE A 116 -32.85 28.57 20.57
C ILE A 116 -34.21 29.17 20.25
N LEU A 117 -34.42 29.64 19.03
CA LEU A 117 -35.69 30.30 18.64
C LEU A 117 -36.41 29.47 17.57
N ARG A 118 -37.75 29.37 17.71
CA ARG A 118 -38.69 28.65 16.80
C ARG A 118 -39.94 29.51 16.58
N SER A 123 -39.38 36.71 17.21
CA SER A 123 -40.06 38.01 17.47
C SER A 123 -40.35 38.24 18.98
N GLY A 124 -39.82 39.32 19.57
CA GLY A 124 -40.07 39.76 20.96
C GLY A 124 -38.79 39.92 21.78
N THR A 125 -38.86 40.59 22.92
CA THR A 125 -37.69 40.94 23.77
C THR A 125 -37.07 39.69 24.41
N ILE A 126 -35.75 39.57 24.29
CA ILE A 126 -34.89 38.63 25.06
C ILE A 126 -34.04 39.46 26.03
N ARG A 127 -34.05 39.11 27.32
CA ARG A 127 -33.28 39.79 28.40
C ARG A 127 -32.10 38.91 28.82
N PHE A 128 -30.90 39.46 28.80
CA PHE A 128 -29.64 38.83 29.26
C PHE A 128 -29.14 39.64 30.46
N GLY A 129 -28.84 39.00 31.58
CA GLY A 129 -28.43 39.76 32.78
C GLY A 129 -27.98 38.91 33.95
N PHE A 130 -27.55 39.59 34.99
CA PHE A 130 -27.15 39.02 36.29
C PHE A 130 -27.61 40.02 37.34
N TYR A 131 -27.90 39.54 38.54
CA TYR A 131 -28.44 40.38 39.63
C TYR A 131 -28.20 39.70 40.97
N ASN A 132 -28.09 40.53 42.01
CA ASN A 132 -28.27 40.15 43.44
C ASN A 132 -28.91 41.33 44.17
N HIS A 133 -30.06 41.09 44.79
CA HIS A 133 -31.01 42.10 45.35
C HIS A 133 -30.91 42.12 46.89
N GLU A 134 -30.01 41.33 47.48
CA GLU A 134 -29.89 41.21 48.95
C GLU A 134 -29.32 42.52 49.50
N GLY A 135 -29.52 42.75 50.81
CA GLY A 135 -29.23 44.00 51.52
C GLY A 135 -27.76 44.21 51.81
N ASN A 136 -26.88 43.27 51.45
CA ASN A 136 -25.41 43.48 51.60
C ASN A 136 -24.88 44.35 50.44
N TRP A 137 -23.67 44.87 50.60
CA TRP A 137 -22.97 45.70 49.60
C TRP A 137 -22.06 44.82 48.75
N LYS A 138 -22.32 44.75 47.45
CA LYS A 138 -21.40 44.20 46.43
C LYS A 138 -20.46 45.33 46.00
N ARG A 139 -19.17 45.01 45.87
CA ARG A 139 -18.07 45.97 45.59
C ARG A 139 -17.08 45.33 44.60
N GLY A 140 -16.52 46.14 43.69
CA GLY A 140 -15.30 45.79 42.94
C GLY A 140 -15.52 44.75 41.85
N LEU A 141 -16.65 44.82 41.13
CA LEU A 141 -16.88 44.06 39.86
C LEU A 141 -16.82 45.02 38.68
N ASN A 142 -15.93 44.75 37.74
CA ASN A 142 -15.80 45.51 36.47
C ASN A 142 -16.40 44.65 35.37
N ILE A 143 -17.26 45.23 34.53
CA ILE A 143 -17.99 44.55 33.43
C ILE A 143 -17.42 45.05 32.11
N ARG A 144 -17.02 44.12 31.23
CA ARG A 144 -16.50 44.49 29.90
C ARG A 144 -17.61 44.36 28.84
N THR A 145 -18.23 43.19 28.70
CA THR A 145 -19.17 42.94 27.56
C THR A 145 -20.00 41.67 27.76
N LEU A 146 -21.22 41.69 27.22
CA LEU A 146 -22.05 40.50 26.95
C LEU A 146 -21.65 39.95 25.56
N ALA A 147 -21.36 38.66 25.46
CA ALA A 147 -21.03 37.96 24.19
C ALA A 147 -22.15 36.97 23.89
N ILE A 148 -22.64 36.98 22.64
CA ILE A 148 -23.67 36.01 22.15
C ILE A 148 -23.06 35.27 20.96
N GLN A 149 -23.03 33.93 21.03
CA GLN A 149 -22.31 33.01 20.11
C GLN A 149 -23.24 31.88 19.68
N ALA A 150 -22.94 31.23 18.55
CA ALA A 150 -23.78 30.16 17.92
C ALA A 150 -22.93 29.13 17.15
N SER B 1 -18.60 56.24 22.60
CA SER B 1 -18.25 54.80 23.04
C SER B 1 -19.10 53.75 22.31
N THR B 2 -18.53 52.57 22.05
CA THR B 2 -19.17 51.45 21.30
C THR B 2 -20.24 50.75 22.15
N HIS B 3 -21.47 50.64 21.63
CA HIS B 3 -22.63 49.98 22.28
C HIS B 3 -22.74 48.52 21.83
N TYR B 4 -22.65 48.26 20.51
CA TYR B 4 -22.73 46.90 19.93
C TYR B 4 -21.67 46.73 18.84
N LEU B 5 -20.98 45.59 18.86
CA LEU B 5 -20.29 45.03 17.66
C LEU B 5 -21.13 43.87 17.18
N ALA B 6 -21.44 43.83 15.88
CA ALA B 6 -22.18 42.72 15.23
C ALA B 6 -21.29 42.17 14.12
N PHE B 7 -21.04 40.87 14.13
CA PHE B 7 -20.11 40.18 13.21
C PHE B 7 -20.90 39.63 12.02
N PRO B 8 -20.27 39.48 10.84
CA PRO B 8 -21.01 39.23 9.60
C PRO B 8 -21.90 37.97 9.64
N ARG B 9 -21.60 36.98 10.47
CA ARG B 9 -22.48 35.78 10.64
C ARG B 9 -23.90 36.19 11.09
N ALA B 10 -24.04 37.29 11.85
CA ALA B 10 -25.33 37.82 12.36
C ALA B 10 -26.10 38.55 11.25
N SER B 11 -25.45 38.80 10.11
CA SER B 11 -25.99 39.54 8.94
C SER B 11 -26.54 38.55 7.90
N THR B 12 -27.30 39.05 6.93
CA THR B 12 -27.72 38.36 5.70
C THR B 12 -26.79 38.81 4.55
N ILE B 13 -26.12 37.87 3.91
CA ILE B 13 -25.21 38.16 2.76
C ILE B 13 -25.69 37.34 1.57
N THR B 14 -26.11 38.01 0.50
CA THR B 14 -26.51 37.33 -0.75
C THR B 14 -25.33 36.47 -1.20
N TRP B 15 -25.61 35.19 -1.41
CA TRP B 15 -24.62 34.14 -1.83
C TRP B 15 -23.61 33.88 -0.70
N GLY B 16 -23.91 34.29 0.53
CA GLY B 16 -22.99 34.16 1.68
C GLY B 16 -22.54 32.72 1.93
N ASP B 17 -23.43 31.76 1.68
CA ASP B 17 -23.23 30.32 2.02
C ASP B 17 -22.66 29.56 0.80
N ASP B 18 -22.49 30.25 -0.32
CA ASP B 18 -22.00 29.71 -1.62
C ASP B 18 -20.50 29.98 -1.78
N THR B 19 -19.66 28.95 -1.66
CA THR B 19 -18.17 29.05 -1.62
C THR B 19 -17.58 29.38 -3.00
N ARG B 20 -18.39 29.51 -4.05
CA ARG B 20 -17.96 30.07 -5.36
C ARG B 20 -17.74 31.58 -5.25
N TYR B 21 -18.40 32.23 -4.30
CA TYR B 21 -18.55 33.71 -4.24
C TYR B 21 -18.01 34.25 -2.92
N TRP B 22 -18.39 33.65 -1.79
CA TRP B 22 -17.98 34.07 -0.43
C TRP B 22 -17.25 32.94 0.28
N SER B 23 -16.36 33.28 1.21
CA SER B 23 -15.74 32.31 2.13
C SER B 23 -15.73 32.91 3.53
N TRP B 24 -15.49 32.04 4.52
CA TRP B 24 -15.41 32.42 5.95
C TRP B 24 -14.09 31.89 6.51
N ALA B 25 -13.53 32.61 7.47
CA ALA B 25 -12.28 32.22 8.15
C ALA B 25 -12.42 32.57 9.64
N THR B 26 -12.14 31.59 10.48
CA THR B 26 -12.17 31.75 11.95
C THR B 26 -10.90 32.52 12.32
N VAL B 27 -11.03 33.59 13.11
CA VAL B 27 -9.88 34.38 13.62
C VAL B 27 -10.22 34.82 15.04
N ASP B 28 -9.20 35.26 15.77
CA ASP B 28 -9.33 35.80 17.15
C ASP B 28 -9.49 37.31 17.08
N PHE B 29 -10.39 37.85 17.89
CA PHE B 29 -10.66 39.31 18.03
C PHE B 29 -10.73 39.62 19.53
N CYS B 30 -9.66 40.15 20.12
CA CYS B 30 -9.54 40.43 21.57
C CYS B 30 -10.12 39.26 22.37
N SER B 31 -9.66 38.06 22.07
CA SER B 31 -9.91 36.81 22.84
C SER B 31 -11.24 36.13 22.41
N TYR B 32 -12.01 36.74 21.50
CA TYR B 32 -13.31 36.19 21.03
C TYR B 32 -13.13 35.61 19.61
N ALA B 33 -13.61 34.39 19.42
CA ALA B 33 -13.64 33.70 18.11
C ALA B 33 -14.72 34.40 17.26
N ILE B 34 -14.32 34.97 16.12
CA ILE B 34 -15.25 35.54 15.10
C ILE B 34 -14.93 34.89 13.76
N GLU B 35 -15.84 35.01 12.81
CA GLU B 35 -15.62 34.59 11.41
C GLU B 35 -15.72 35.83 10.52
N GLU B 36 -14.61 36.17 9.85
CA GLU B 36 -14.55 37.20 8.77
C GLU B 36 -15.27 36.66 7.53
N ALA B 37 -16.13 37.47 6.94
CA ALA B 37 -16.71 37.22 5.60
C ALA B 37 -15.73 37.75 4.54
N ARG B 38 -15.22 36.86 3.69
CA ARG B 38 -14.14 37.15 2.71
C ARG B 38 -14.72 36.92 1.33
N LEU B 39 -15.04 38.02 0.64
CA LEU B 39 -15.58 38.02 -0.73
C LEU B 39 -14.48 37.55 -1.69
N LEU B 40 -14.73 36.47 -2.42
CA LEU B 40 -13.89 36.00 -3.55
C LEU B 40 -14.33 36.77 -4.80
N GLN B 41 -15.63 36.70 -5.11
CA GLN B 41 -16.25 37.38 -6.27
C GLN B 41 -17.77 37.33 -6.11
N VAL B 42 -18.47 38.43 -6.40
CA VAL B 42 -19.96 38.44 -6.46
C VAL B 42 -20.38 39.66 -7.27
N SER B 43 -21.56 39.61 -7.91
CA SER B 43 -22.13 40.76 -8.66
C SER B 43 -23.22 41.42 -7.80
N TRP B 44 -24.12 40.63 -7.23
CA TRP B 44 -25.09 41.11 -6.22
C TRP B 44 -24.39 41.12 -4.85
N LEU B 45 -23.62 42.17 -4.59
CA LEU B 45 -22.98 42.45 -3.27
C LEU B 45 -24.03 43.09 -2.37
N ASP B 46 -24.40 42.40 -1.29
CA ASP B 46 -25.46 42.87 -0.35
C ASP B 46 -25.23 42.24 1.02
N CYS B 47 -25.00 43.08 2.03
CA CYS B 47 -24.78 42.71 3.45
C CYS B 47 -25.66 43.61 4.31
N ARG B 48 -26.57 43.00 5.09
CA ARG B 48 -27.56 43.70 5.97
C ARG B 48 -27.58 43.05 7.34
N TRP B 49 -27.30 43.83 8.38
CA TRP B 49 -27.64 43.47 9.78
C TRP B 49 -29.04 43.99 10.08
N SER B 50 -29.87 43.19 10.72
CA SER B 50 -31.22 43.59 11.20
C SER B 50 -31.21 43.61 12.73
N MET B 51 -31.49 44.76 13.34
CA MET B 51 -31.66 44.90 14.81
C MET B 51 -32.93 45.70 15.06
N ASP B 52 -33.57 45.54 16.23
CA ASP B 52 -34.80 46.29 16.57
C ASP B 52 -34.40 47.59 17.27
N ALA B 53 -35.17 48.66 17.05
CA ALA B 53 -34.99 49.99 17.66
C ALA B 53 -34.99 49.88 19.19
N SER B 54 -35.79 48.97 19.74
CA SER B 54 -35.88 48.77 21.22
C SER B 54 -34.55 48.22 21.77
N ASP B 55 -33.67 47.69 20.92
CA ASP B 55 -32.28 47.32 21.31
C ASP B 55 -31.48 48.55 21.71
N PHE B 56 -31.93 49.74 21.33
CA PHE B 56 -31.14 50.99 21.40
C PHE B 56 -31.84 51.96 22.36
N LYS B 57 -31.07 52.90 22.91
CA LYS B 57 -31.59 53.97 23.79
C LYS B 57 -32.12 55.12 22.93
N GLN B 58 -33.23 55.74 23.34
CA GLN B 58 -33.88 56.84 22.59
C GLN B 58 -33.20 58.17 22.96
N ASP B 59 -33.52 59.24 22.23
CA ASP B 59 -33.13 60.64 22.51
C ASP B 59 -31.60 60.77 22.57
N ILE B 60 -30.88 59.94 21.81
CA ILE B 60 -29.40 59.97 21.74
C ILE B 60 -28.97 59.58 20.32
N TRP B 61 -27.98 60.31 19.80
CA TRP B 61 -27.40 60.15 18.44
C TRP B 61 -26.44 58.96 18.42
N TYR B 62 -26.76 57.97 17.59
CA TYR B 62 -25.92 56.79 17.28
C TYR B 62 -25.22 57.02 15.95
N ASN B 63 -23.97 56.59 15.82
CA ASN B 63 -23.30 56.46 14.50
C ASN B 63 -22.95 54.99 14.32
N ALA B 64 -22.96 54.53 13.06
CA ALA B 64 -22.69 53.12 12.68
C ALA B 64 -21.55 53.09 11.66
N SER B 65 -20.62 52.15 11.85
CA SER B 65 -19.47 51.93 10.94
C SER B 65 -19.35 50.44 10.62
N VAL B 66 -18.75 50.11 9.48
CA VAL B 66 -18.41 48.71 9.07
C VAL B 66 -16.90 48.64 8.85
N GLU B 67 -16.20 47.77 9.58
CA GLU B 67 -14.74 47.59 9.46
C GLU B 67 -14.46 46.53 8.38
N VAL B 68 -13.69 46.91 7.35
CA VAL B 68 -13.40 46.05 6.17
C VAL B 68 -11.90 46.14 5.85
N MET B 69 -11.46 45.26 4.96
CA MET B 69 -10.06 45.19 4.43
C MET B 69 -10.19 44.80 2.95
N LEU B 70 -9.50 45.53 2.07
CA LEU B 70 -9.33 45.12 0.66
C LEU B 70 -8.09 44.24 0.56
N THR B 71 -8.13 43.13 -0.19
CA THR B 71 -6.97 42.22 -0.39
C THR B 71 -6.13 42.74 -1.57
N SER B 72 -4.96 42.14 -1.78
CA SER B 72 -4.05 42.37 -2.94
C SER B 72 -4.76 41.99 -4.25
N ASN B 73 -5.81 41.17 -4.18
CA ASN B 73 -6.55 40.61 -5.33
C ASN B 73 -7.81 41.46 -5.61
N ALA B 74 -7.97 42.61 -4.93
CA ALA B 74 -9.20 43.44 -5.01
C ALA B 74 -9.39 43.96 -6.45
N SER B 75 -10.64 44.09 -6.88
CA SER B 75 -11.05 44.54 -8.24
C SER B 75 -12.57 44.75 -8.26
N GLY B 76 -13.05 45.54 -9.22
CA GLY B 76 -14.49 45.84 -9.42
C GLY B 76 -14.99 46.94 -8.51
N TRP B 77 -14.11 47.69 -7.85
CA TRP B 77 -14.47 48.72 -6.84
C TRP B 77 -14.52 50.10 -7.48
N ASN B 78 -14.39 50.17 -8.82
CA ASN B 78 -14.54 51.43 -9.59
C ASN B 78 -16.03 51.82 -9.69
N VAL B 79 -16.86 51.31 -8.76
CA VAL B 79 -18.32 51.58 -8.70
C VAL B 79 -18.66 52.08 -7.30
N PRO B 80 -19.79 52.82 -7.16
CA PRO B 80 -20.22 53.31 -5.86
C PRO B 80 -20.72 52.17 -4.98
N LEU B 81 -20.04 51.89 -3.86
CA LEU B 81 -20.55 51.02 -2.76
C LEU B 81 -21.56 51.84 -1.95
N HIS B 82 -22.85 51.48 -2.07
CA HIS B 82 -23.98 52.18 -1.41
C HIS B 82 -24.02 51.77 0.06
N LEU B 83 -24.16 52.75 0.95
CA LEU B 83 -24.21 52.60 2.42
C LEU B 83 -25.59 53.06 2.90
N GLU B 84 -26.22 52.30 3.80
CA GLU B 84 -27.66 52.48 4.10
C GLU B 84 -27.96 52.09 5.56
N ILE B 85 -28.67 52.98 6.26
CA ILE B 85 -29.42 52.69 7.51
C ILE B 85 -30.89 52.91 7.19
N GLU B 86 -31.71 51.87 7.28
CA GLU B 86 -33.19 51.95 7.11
C GLU B 86 -33.80 51.96 8.50
N LEU B 87 -34.60 52.99 8.81
CA LEU B 87 -35.33 53.13 10.10
C LEU B 87 -36.69 52.45 9.97
N PRO B 88 -37.40 52.22 11.09
CA PRO B 88 -38.65 51.46 11.06
C PRO B 88 -39.76 52.13 10.26
N ASP B 89 -39.77 53.46 10.15
CA ASP B 89 -40.81 54.21 9.38
C ASP B 89 -40.64 53.99 7.86
N GLY B 90 -39.49 53.46 7.42
CA GLY B 90 -39.20 53.17 6.00
C GLY B 90 -38.14 54.11 5.43
N SER B 91 -37.84 55.22 6.13
CA SER B 91 -36.88 56.28 5.71
C SER B 91 -35.45 55.73 5.79
N LYS B 92 -34.51 56.37 5.07
CA LYS B 92 -33.16 55.80 4.79
C LYS B 92 -32.08 56.89 4.87
N GLN B 93 -30.98 56.61 5.58
CA GLN B 93 -29.73 57.41 5.52
C GLN B 93 -28.86 56.80 4.42
N GLU B 94 -28.88 57.42 3.23
CA GLU B 94 -28.15 56.94 2.03
C GLU B 94 -26.87 57.76 1.87
N SER B 95 -25.74 57.07 1.71
CA SER B 95 -24.43 57.64 1.35
C SER B 95 -23.71 56.62 0.46
N GLN B 96 -22.57 56.97 -0.11
CA GLN B 96 -21.78 56.02 -0.95
C GLN B 96 -20.29 56.32 -0.78
N ILE B 97 -19.45 55.33 -1.11
CA ILE B 97 -17.98 55.45 -1.11
C ILE B 97 -17.44 54.60 -2.25
N VAL B 98 -16.30 55.01 -2.81
CA VAL B 98 -15.60 54.34 -3.93
C VAL B 98 -14.31 53.76 -3.33
N LEU B 99 -14.14 52.44 -3.43
CA LEU B 99 -13.08 51.71 -2.70
C LEU B 99 -11.85 51.55 -3.59
N ALA B 100 -11.95 51.89 -4.88
CA ALA B 100 -10.85 51.74 -5.86
C ALA B 100 -9.63 52.54 -5.37
N GLY B 101 -8.44 51.95 -5.54
CA GLY B 101 -7.14 52.57 -5.23
C GLY B 101 -6.98 52.98 -3.77
N ARG B 102 -7.60 52.26 -2.83
CA ARG B 102 -7.32 52.44 -1.37
C ARG B 102 -6.17 51.51 -1.01
N GLN B 103 -5.53 51.72 0.14
CA GLN B 103 -4.46 50.81 0.63
C GLN B 103 -5.08 49.43 0.87
N PRO B 104 -4.47 48.35 0.32
CA PRO B 104 -4.89 46.99 0.68
C PRO B 104 -4.24 46.52 2.00
N ASN B 105 -4.84 45.50 2.61
CA ASN B 105 -4.26 44.72 3.75
C ASN B 105 -4.18 45.57 5.03
N VAL B 106 -5.00 46.62 5.16
CA VAL B 106 -5.20 47.39 6.42
C VAL B 106 -6.71 47.50 6.64
N TRP B 107 -7.13 47.30 7.88
CA TRP B 107 -8.51 47.53 8.36
C TRP B 107 -8.80 49.03 8.36
N PHE B 108 -9.97 49.41 7.84
CA PHE B 108 -10.47 50.80 7.89
C PHE B 108 -11.98 50.73 8.15
N LYS B 109 -12.49 51.76 8.83
CA LYS B 109 -13.90 51.85 9.27
C LYS B 109 -14.67 52.79 8.32
N ILE B 110 -15.58 52.22 7.55
CA ILE B 110 -16.51 52.96 6.65
C ILE B 110 -17.68 53.44 7.50
N PRO B 111 -17.89 54.76 7.68
CA PRO B 111 -19.10 55.25 8.34
C PRO B 111 -20.30 55.03 7.41
N ILE B 112 -21.41 54.49 7.92
CA ILE B 112 -22.62 54.19 7.09
C ILE B 112 -23.80 55.06 7.53
N GLY B 113 -23.57 56.03 8.42
CA GLY B 113 -24.58 57.06 8.76
C GLY B 113 -24.82 57.20 10.24
N LYS B 114 -25.82 58.01 10.58
CA LYS B 114 -26.21 58.40 11.96
C LYS B 114 -27.71 58.23 12.09
N PHE B 115 -28.22 57.98 13.29
CA PHE B 115 -29.68 57.89 13.57
C PHE B 115 -29.94 58.28 15.02
N ILE B 116 -31.17 58.71 15.28
CA ILE B 116 -31.68 59.01 16.65
C ILE B 116 -33.12 58.51 16.69
N LEU B 117 -33.59 58.06 17.86
CA LEU B 117 -34.94 57.45 18.01
C LEU B 117 -35.79 58.31 18.96
N ARG B 118 -37.08 58.47 18.62
CA ARG B 118 -38.11 59.24 19.38
C ARG B 118 -39.42 58.45 19.42
N SER B 123 -39.15 51.22 18.72
CA SER B 123 -39.85 49.95 18.35
C SER B 123 -39.89 49.74 16.82
N GLY B 124 -39.32 48.61 16.34
CA GLY B 124 -39.33 48.18 14.92
C GLY B 124 -37.94 47.94 14.35
N THR B 125 -37.84 47.27 13.20
CA THR B 125 -36.56 46.84 12.58
C THR B 125 -35.76 48.06 12.09
N ILE B 126 -34.47 48.13 12.45
CA ILE B 126 -33.43 49.01 11.84
C ILE B 126 -32.46 48.13 11.04
N ARG B 127 -32.22 48.47 9.78
CA ARG B 127 -31.30 47.74 8.85
C ARG B 127 -30.04 48.57 8.65
N PHE B 128 -28.88 47.96 8.87
CA PHE B 128 -27.52 48.53 8.64
C PHE B 128 -26.87 47.67 7.55
N GLY B 129 -26.34 48.29 6.50
CA GLY B 129 -25.82 47.52 5.37
C GLY B 129 -25.05 48.33 4.35
N PHE B 130 -24.48 47.62 3.38
CA PHE B 130 -23.84 48.18 2.18
C PHE B 130 -24.17 47.22 1.04
N TYR B 131 -24.22 47.73 -0.18
CA TYR B 131 -24.60 46.93 -1.37
C TYR B 131 -24.08 47.59 -2.63
N ASN B 132 -23.84 46.76 -3.64
CA ASN B 132 -23.73 47.15 -5.07
C ASN B 132 -24.29 46.01 -5.93
N HIS B 133 -25.31 46.33 -6.74
CA HIS B 133 -26.18 45.38 -7.47
C HIS B 133 -25.83 45.35 -8.97
N GLU B 134 -24.80 46.09 -9.38
CA GLU B 134 -24.41 46.22 -10.81
C GLU B 134 -23.81 44.89 -11.27
N GLY B 135 -23.79 44.68 -12.60
CA GLY B 135 -23.43 43.42 -13.27
C GLY B 135 -21.94 43.15 -13.29
N ASN B 136 -21.10 44.03 -12.76
CA ASN B 136 -19.64 43.77 -12.66
C ASN B 136 -19.36 42.86 -11.45
N TRP B 137 -18.16 42.27 -11.41
CA TRP B 137 -17.69 41.39 -10.30
C TRP B 137 -16.91 42.22 -9.29
N LYS B 138 -17.41 42.29 -8.05
CA LYS B 138 -16.65 42.78 -6.89
C LYS B 138 -15.84 41.61 -6.31
N ARG B 139 -14.58 41.86 -5.96
CA ARG B 139 -13.60 40.84 -5.50
C ARG B 139 -12.76 41.41 -4.35
N GLY B 140 -12.42 40.58 -3.35
CA GLY B 140 -11.34 40.83 -2.39
C GLY B 140 -11.70 41.89 -1.35
N LEU B 141 -12.94 41.87 -0.83
CA LEU B 141 -13.36 42.65 0.36
C LEU B 141 -13.56 41.68 1.53
N ASN B 142 -12.84 41.90 2.62
CA ASN B 142 -12.97 41.14 3.88
C ASN B 142 -13.75 42.02 4.87
N ILE B 143 -14.77 41.47 5.52
CA ILE B 143 -15.67 42.18 6.48
C ILE B 143 -15.38 41.66 7.87
N ARG B 144 -15.10 42.55 8.82
CA ARG B 144 -14.85 42.17 10.21
C ARG B 144 -16.10 42.35 11.05
N THR B 145 -16.68 43.56 11.10
CA THR B 145 -17.77 43.87 12.07
C THR B 145 -18.49 45.18 11.74
N LEU B 146 -19.79 45.21 12.07
CA LEU B 146 -20.59 46.45 12.20
C LEU B 146 -20.41 46.97 13.63
N ALA B 147 -20.07 48.25 13.82
CA ALA B 147 -19.99 48.92 15.13
C ALA B 147 -21.11 49.95 15.24
N ILE B 148 -21.81 49.97 16.37
CA ILE B 148 -22.85 51.00 16.68
C ILE B 148 -22.42 51.71 17.96
N GLN B 149 -22.30 53.04 17.91
CA GLN B 149 -21.68 53.91 18.94
C GLN B 149 -22.59 55.12 19.22
N ALA B 150 -22.41 55.81 20.35
CA ALA B 150 -23.31 56.89 20.84
C ALA B 150 -22.56 57.87 21.75
N SER C 1 4.96 24.18 18.05
CA SER C 1 5.13 24.88 16.70
C SER C 1 6.20 24.21 15.80
N THR C 2 6.02 24.24 14.48
CA THR C 2 6.84 23.52 13.48
C THR C 2 8.21 24.20 13.30
N HIS C 3 9.29 23.43 13.43
CA HIS C 3 10.70 23.88 13.27
C HIS C 3 11.18 23.61 11.83
N TYR C 4 10.95 22.41 11.32
CA TYR C 4 11.37 22.01 9.94
C TYR C 4 10.24 21.21 9.27
N LEU C 5 9.95 21.52 8.03
CA LEU C 5 9.30 20.58 7.08
C LEU C 5 10.38 20.10 6.12
N ALA C 6 10.48 18.80 5.91
CA ALA C 6 11.45 18.16 4.98
C ALA C 6 10.65 17.30 4.02
N PHE C 7 10.84 17.54 2.73
CA PHE C 7 10.06 16.90 1.62
C PHE C 7 10.80 15.68 1.13
N PRO C 8 10.09 14.66 0.59
CA PRO C 8 10.70 13.36 0.33
C PRO C 8 11.93 13.39 -0.58
N ARG C 9 12.08 14.38 -1.46
CA ARG C 9 13.31 14.54 -2.28
C ARG C 9 14.57 14.67 -1.40
N ALA C 10 14.47 15.24 -0.20
CA ALA C 10 15.58 15.43 0.76
C ALA C 10 15.91 14.11 1.48
N SER C 11 15.06 13.09 1.33
CA SER C 11 15.18 11.76 1.97
C SER C 11 15.86 10.77 1.01
N THR C 12 16.27 9.62 1.54
CA THR C 12 16.75 8.44 0.78
C THR C 12 15.59 7.44 0.72
N ILE C 13 15.19 7.05 -0.48
CA ILE C 13 14.09 6.07 -0.70
C ILE C 13 14.66 4.95 -1.57
N THR C 14 14.69 3.74 -1.01
CA THR C 14 15.12 2.55 -1.76
C THR C 14 14.22 2.44 -3.00
N TRP C 15 14.87 2.37 -4.17
CA TRP C 15 14.25 2.29 -5.51
C TRP C 15 13.51 3.59 -5.86
N GLY C 16 13.82 4.70 -5.15
CA GLY C 16 13.14 5.99 -5.33
C GLY C 16 13.18 6.50 -6.79
N ASP C 17 14.27 6.22 -7.51
CA ASP C 17 14.52 6.79 -8.86
C ASP C 17 14.05 5.82 -9.96
N ASP C 18 13.55 4.64 -9.55
CA ASP C 18 13.09 3.53 -10.43
C ASP C 18 11.57 3.58 -10.62
N THR C 19 11.11 3.98 -11.82
CA THR C 19 9.68 4.27 -12.12
C THR C 19 8.83 2.99 -12.21
N ARG C 20 9.45 1.80 -12.07
CA ARG C 20 8.72 0.51 -11.88
C ARG C 20 8.08 0.46 -10.49
N TYR C 21 8.63 1.20 -9.53
CA TYR C 21 8.34 1.06 -8.09
C TYR C 21 7.82 2.38 -7.50
N TRP C 22 8.51 3.49 -7.77
CA TRP C 22 8.18 4.84 -7.23
C TRP C 22 7.94 5.82 -8.37
N SER C 23 7.12 6.85 -8.14
CA SER C 23 6.94 7.98 -9.07
C SER C 23 6.93 9.28 -8.26
N TRP C 24 7.09 10.41 -8.96
CA TRP C 24 7.10 11.77 -8.37
C TRP C 24 6.12 12.65 -9.13
N ALA C 25 5.50 13.60 -8.43
CA ALA C 25 4.53 14.54 -9.02
C ALA C 25 4.73 15.90 -8.36
N THR C 26 4.88 16.93 -9.19
CA THR C 26 5.04 18.34 -8.76
C THR C 26 3.66 18.83 -8.33
N VAL C 27 3.57 19.43 -7.14
CA VAL C 27 2.32 20.09 -6.64
C VAL C 27 2.74 21.34 -5.86
N ASP C 28 1.77 22.22 -5.59
CA ASP C 28 1.97 23.43 -4.78
C ASP C 28 1.65 23.11 -3.31
N PHE C 29 2.47 23.64 -2.39
CA PHE C 29 2.28 23.54 -0.92
C PHE C 29 2.51 24.92 -0.31
N CYS C 30 1.45 25.68 -0.08
CA CYS C 30 1.55 27.04 0.50
C CYS C 30 2.61 27.88 -0.24
N SER C 31 2.53 27.99 -1.56
CA SER C 31 3.43 28.86 -2.37
C SER C 31 4.69 28.14 -2.83
N TYR C 32 4.94 26.99 -2.29
CA TYR C 32 6.20 26.30 -2.60
C TYR C 32 5.98 25.04 -3.45
N ALA C 33 6.76 24.94 -4.53
CA ALA C 33 6.78 23.75 -5.40
C ALA C 33 7.45 22.61 -4.62
N ILE C 34 6.70 21.52 -4.37
CA ILE C 34 7.23 20.26 -3.76
C ILE C 34 6.93 19.11 -4.71
N GLU C 35 7.61 17.99 -4.50
CA GLU C 35 7.35 16.73 -5.23
C GLU C 35 6.91 15.68 -4.21
N GLU C 36 5.67 15.19 -4.34
CA GLU C 36 5.15 14.02 -3.60
C GLU C 36 5.83 12.76 -4.13
N ALA C 37 6.32 11.89 -3.23
CA ALA C 37 6.77 10.53 -3.55
C ALA C 37 5.55 9.60 -3.52
N ARG C 38 5.24 8.98 -4.67
CA ARG C 38 4.01 8.17 -4.88
C ARG C 38 4.44 6.75 -5.18
N LEU C 39 4.31 5.88 -4.18
CA LEU C 39 4.64 4.45 -4.26
C LEU C 39 3.64 3.76 -5.18
N LEU C 40 4.13 3.15 -6.27
CA LEU C 40 3.34 2.26 -7.16
C LEU C 40 3.35 0.85 -6.56
N GLN C 41 4.56 0.34 -6.28
CA GLN C 41 4.79 -1.00 -5.68
C GLN C 41 6.25 -1.11 -5.25
N VAL C 42 6.53 -1.69 -4.08
CA VAL C 42 7.91 -2.01 -3.64
C VAL C 42 7.82 -3.04 -2.51
N SER C 43 8.85 -3.86 -2.34
CA SER C 43 8.94 -4.84 -1.21
C SER C 43 9.85 -4.30 -0.12
N TRP C 44 11.02 -3.81 -0.49
CA TRP C 44 11.92 -3.06 0.43
C TRP C 44 11.43 -1.59 0.48
N LEU C 45 10.40 -1.34 1.29
CA LEU C 45 9.87 0.02 1.59
C LEU C 45 10.76 0.62 2.67
N ASP C 46 11.46 1.70 2.34
CA ASP C 46 12.40 2.38 3.25
C ASP C 46 12.53 3.84 2.82
N CYS C 47 12.15 4.75 3.71
CA CYS C 47 12.27 6.22 3.56
C CYS C 47 12.91 6.78 4.84
N ARG C 48 14.07 7.41 4.69
CA ARG C 48 14.88 8.00 5.79
C ARG C 48 15.29 9.42 5.43
N TRP C 49 14.94 10.38 6.27
CA TRP C 49 15.58 11.71 6.30
C TRP C 49 16.77 11.64 7.25
N SER C 50 17.92 12.18 6.84
CA SER C 50 19.12 12.30 7.71
C SER C 50 19.36 13.78 7.98
N MET C 51 19.34 14.18 9.25
CA MET C 51 19.68 15.57 9.68
C MET C 51 20.63 15.45 10.87
N ASP C 52 21.46 16.47 11.10
CA ASP C 52 22.43 16.45 12.24
C ASP C 52 21.75 17.03 13.48
N ALA C 53 22.09 16.52 14.65
CA ALA C 53 21.59 16.95 15.98
C ALA C 53 21.86 18.43 16.17
N SER C 54 22.98 18.96 15.66
CA SER C 54 23.34 20.40 15.79
C SER C 54 22.35 21.26 15.00
N ASP C 55 21.57 20.69 14.08
CA ASP C 55 20.45 21.40 13.41
C ASP C 55 19.36 21.78 14.42
N PHE C 56 19.34 21.13 15.58
CA PHE C 56 18.21 21.17 16.55
C PHE C 56 18.69 21.80 17.84
N LYS C 57 17.74 22.33 18.63
CA LYS C 57 18.02 22.94 19.95
C LYS C 57 18.03 21.83 21.01
N GLN C 58 18.93 21.94 21.99
CA GLN C 58 19.03 20.94 23.10
C GLN C 58 18.01 21.29 24.20
N ASP C 59 17.82 20.38 25.15
CA ASP C 59 17.03 20.55 26.40
C ASP C 59 15.59 20.97 26.07
N ILE C 60 15.08 20.47 24.95
CA ILE C 60 13.67 20.72 24.51
C ILE C 60 13.16 19.48 23.78
N TRP C 61 11.91 19.12 24.08
CA TRP C 61 11.19 17.94 23.52
C TRP C 61 10.69 18.25 22.10
N TYR C 62 11.17 17.48 21.13
CA TYR C 62 10.75 17.50 19.71
C TYR C 62 9.79 16.33 19.46
N ASN C 63 8.76 16.53 18.64
CA ASN C 63 7.95 15.42 18.08
C ASN C 63 8.06 15.49 16.56
N ALA C 64 8.01 14.34 15.91
CA ALA C 64 8.20 14.20 14.44
C ALA C 64 7.01 13.42 13.87
N SER C 65 6.49 13.90 12.73
CA SER C 65 5.37 13.27 12.00
C SER C 65 5.71 13.15 10.52
N VAL C 66 5.09 12.20 9.82
CA VAL C 66 5.17 12.05 8.34
C VAL C 66 3.74 12.14 7.79
N GLU C 67 3.46 13.10 6.90
CA GLU C 67 2.13 13.26 6.28
C GLU C 67 2.05 12.41 5.01
N VAL C 68 1.08 11.51 4.94
CA VAL C 68 0.91 10.52 3.84
C VAL C 68 -0.57 10.47 3.42
N MET C 69 -0.82 9.80 2.31
CA MET C 69 -2.17 9.53 1.73
C MET C 69 -2.13 8.12 1.13
N LEU C 70 -3.11 7.30 1.42
CA LEU C 70 -3.33 6.01 0.72
C LEU C 70 -4.20 6.28 -0.51
N THR C 71 -3.88 5.70 -1.65
CA THR C 71 -4.72 5.78 -2.89
C THR C 71 -5.81 4.70 -2.83
N SER C 72 -6.77 4.76 -3.75
CA SER C 72 -7.86 3.74 -3.90
C SER C 72 -7.26 2.37 -4.28
N ASN C 73 -6.01 2.37 -4.77
CA ASN C 73 -5.28 1.18 -5.29
C ASN C 73 -4.37 0.60 -4.18
N ALA C 74 -4.47 1.09 -2.94
CA ALA C 74 -3.60 0.70 -1.82
C ALA C 74 -3.77 -0.80 -1.54
N SER C 75 -2.68 -1.47 -1.14
CA SER C 75 -2.62 -2.93 -0.84
C SER C 75 -1.26 -3.26 -0.21
N GLY C 76 -1.18 -4.39 0.49
CA GLY C 76 0.04 -4.88 1.16
C GLY C 76 0.28 -4.23 2.52
N TRP C 77 -0.71 -3.54 3.06
CA TRP C 77 -0.55 -2.75 4.33
C TRP C 77 -1.05 -3.57 5.51
N ASN C 78 -1.36 -4.85 5.30
CA ASN C 78 -1.73 -5.80 6.40
C ASN C 78 -0.44 -6.24 7.11
N VAL C 79 0.61 -5.42 7.08
CA VAL C 79 1.89 -5.66 7.80
C VAL C 79 2.22 -4.43 8.64
N PRO C 80 3.03 -4.59 9.70
CA PRO C 80 3.45 -3.46 10.51
C PRO C 80 4.39 -2.52 9.73
N LEU C 81 3.97 -1.28 9.47
CA LEU C 81 4.86 -0.18 9.02
C LEU C 81 5.66 0.31 10.23
N HIS C 82 6.96 0.01 10.26
CA HIS C 82 7.87 0.37 11.37
C HIS C 82 8.23 1.86 11.27
N LEU C 83 8.14 2.57 12.39
CA LEU C 83 8.41 4.01 12.54
C LEU C 83 9.61 4.18 13.47
N GLU C 84 10.56 5.04 13.10
CA GLU C 84 11.89 5.04 13.75
C GLU C 84 12.49 6.45 13.76
N ILE C 85 12.95 6.88 14.94
CA ILE C 85 13.92 8.00 15.10
C ILE C 85 15.19 7.40 15.71
N GLU C 86 16.30 7.46 14.99
CA GLU C 86 17.61 7.01 15.50
C GLU C 86 18.40 8.24 15.93
N LEU C 87 18.86 8.27 17.19
CA LEU C 87 19.70 9.37 17.75
C LEU C 87 21.16 9.05 17.51
N PRO C 88 22.08 10.02 17.68
CA PRO C 88 23.48 9.81 17.33
C PRO C 88 24.19 8.74 18.18
N ASP C 89 23.74 8.52 19.43
CA ASP C 89 24.34 7.50 20.34
C ASP C 89 24.02 6.07 19.83
N GLY C 90 23.07 5.91 18.91
CA GLY C 90 22.67 4.61 18.31
C GLY C 90 21.29 4.16 18.78
N SER C 91 20.76 4.79 19.84
CA SER C 91 19.44 4.47 20.47
C SER C 91 18.31 4.88 19.53
N LYS C 92 17.12 4.28 19.70
CA LYS C 92 16.01 4.30 18.71
C LYS C 92 14.66 4.45 19.41
N GLN C 93 13.82 5.37 18.93
CA GLN C 93 12.37 5.39 19.25
C GLN C 93 11.63 4.53 18.24
N GLU C 94 11.31 3.30 18.62
CA GLU C 94 10.64 2.30 17.73
C GLU C 94 9.16 2.26 18.07
N SER C 95 8.32 2.39 17.06
CA SER C 95 6.84 2.22 17.12
C SER C 95 6.40 1.62 15.79
N GLN C 96 5.14 1.20 15.68
CA GLN C 96 4.60 0.67 14.39
C GLN C 96 3.14 1.08 14.24
N ILE C 97 2.65 1.05 13.01
CA ILE C 97 1.23 1.33 12.67
C ILE C 97 0.85 0.41 11.50
N VAL C 98 -0.43 0.04 11.45
CA VAL C 98 -1.02 -0.84 10.41
C VAL C 98 -1.95 0.06 9.58
N LEU C 99 -1.68 0.17 8.28
CA LEU C 99 -2.34 1.16 7.41
C LEU C 99 -3.55 0.52 6.72
N ALA C 100 -3.71 -0.79 6.84
CA ALA C 100 -4.82 -1.55 6.19
C ALA C 100 -6.17 -0.96 6.64
N GLY C 101 -7.10 -0.85 5.69
CA GLY C 101 -8.49 -0.41 5.90
C GLY C 101 -8.60 0.99 6.49
N ARG C 102 -7.68 1.89 6.19
CA ARG C 102 -7.82 3.33 6.54
C ARG C 102 -8.56 4.01 5.38
N GLN C 103 -9.12 5.18 5.60
CA GLN C 103 -9.77 5.99 4.53
C GLN C 103 -8.73 6.32 3.48
N PRO C 104 -8.99 6.06 2.18
CA PRO C 104 -8.11 6.53 1.10
C PRO C 104 -8.39 7.99 0.72
N ASN C 105 -7.42 8.65 0.10
CA ASN C 105 -7.55 9.99 -0.56
C ASN C 105 -7.75 11.09 0.49
N VAL C 106 -7.29 10.88 1.73
CA VAL C 106 -7.20 11.96 2.76
C VAL C 106 -5.79 11.93 3.34
N TRP C 107 -5.19 13.11 3.49
CA TRP C 107 -3.90 13.30 4.19
C TRP C 107 -4.10 13.05 5.68
N PHE C 108 -3.19 12.30 6.29
CA PHE C 108 -3.13 12.07 7.76
C PHE C 108 -1.66 12.07 8.17
N LYS C 109 -1.41 12.51 9.40
CA LYS C 109 -0.06 12.68 9.98
C LYS C 109 0.24 11.49 10.90
N ILE C 110 1.18 10.64 10.49
CA ILE C 110 1.69 9.50 11.29
C ILE C 110 2.74 10.04 12.24
N PRO C 111 2.53 9.99 13.58
CA PRO C 111 3.58 10.36 14.52
C PRO C 111 4.64 9.26 14.50
N ILE C 112 5.93 9.62 14.43
CA ILE C 112 7.05 8.63 14.37
C ILE C 112 7.92 8.74 15.63
N GLY C 113 7.49 9.50 16.63
CA GLY C 113 8.10 9.50 17.97
C GLY C 113 8.44 10.89 18.46
N LYS C 114 9.12 10.92 19.60
CA LYS C 114 9.54 12.13 20.35
C LYS C 114 11.01 11.93 20.71
N PHE C 115 11.77 13.00 20.84
CA PHE C 115 13.20 12.95 21.26
C PHE C 115 13.55 14.25 21.94
N ILE C 116 14.60 14.20 22.76
CA ILE C 116 15.21 15.39 23.41
C ILE C 116 16.72 15.21 23.35
N LEU C 117 17.48 16.30 23.25
CA LEU C 117 18.96 16.24 23.11
C LEU C 117 19.65 16.82 24.35
N ARG C 118 20.71 16.15 24.81
CA ARG C 118 21.52 16.48 26.02
C ARG C 118 23.01 16.30 25.71
N SER C 123 25.26 16.99 18.55
CA SER C 123 26.25 16.71 17.46
C SER C 123 26.16 15.25 16.97
N GLY C 124 25.92 15.04 15.67
CA GLY C 124 25.83 13.71 15.01
C GLY C 124 24.51 13.46 14.29
N THR C 125 24.42 12.45 13.44
CA THR C 125 23.25 12.15 12.57
C THR C 125 22.03 11.73 13.43
N ILE C 126 20.87 12.33 13.16
CA ILE C 126 19.52 11.85 13.58
C ILE C 126 18.79 11.35 12.32
N ARG C 127 18.25 10.13 12.37
CA ARG C 127 17.49 9.50 11.25
C ARG C 127 16.00 9.47 11.61
N PHE C 128 15.16 10.02 10.71
CA PHE C 128 13.68 9.97 10.80
C PHE C 128 13.19 9.15 9.61
N GLY C 129 12.33 8.16 9.85
CA GLY C 129 11.87 7.32 8.73
C GLY C 129 10.85 6.27 9.13
N PHE C 130 10.43 5.54 8.11
CA PHE C 130 9.49 4.41 8.22
C PHE C 130 9.97 3.38 7.21
N TYR C 131 9.69 2.11 7.48
CA TYR C 131 10.16 1.00 6.62
C TYR C 131 9.30 -0.23 6.87
N ASN C 132 9.24 -1.07 5.83
CA ASN C 132 8.86 -2.50 5.91
C ASN C 132 9.65 -3.28 4.85
N HIS C 133 10.40 -4.28 5.30
CA HIS C 133 11.44 -5.02 4.52
C HIS C 133 10.93 -6.40 4.12
N GLU C 134 9.68 -6.73 4.45
CA GLU C 134 9.11 -8.08 4.20
C GLU C 134 8.90 -8.24 2.68
N GLY C 135 8.78 -9.49 2.23
CA GLY C 135 8.74 -9.92 0.83
C GLY C 135 7.41 -9.64 0.14
N ASN C 136 6.41 -9.09 0.84
CA ASN C 136 5.13 -8.69 0.19
C ASN C 136 5.31 -7.34 -0.53
N TRP C 137 4.39 -7.00 -1.41
CA TRP C 137 4.37 -5.73 -2.19
C TRP C 137 3.50 -4.71 -1.47
N LYS C 138 4.10 -3.60 -1.05
CA LYS C 138 3.38 -2.38 -0.59
C LYS C 138 3.07 -1.53 -1.83
N ARG C 139 1.85 -0.99 -1.91
CA ARG C 139 1.30 -0.22 -3.06
C ARG C 139 0.50 0.97 -2.56
N GLY C 140 0.55 2.10 -3.27
CA GLY C 140 -0.44 3.19 -3.18
C GLY C 140 -0.32 4.02 -1.90
N LEU C 141 0.91 4.30 -1.45
CA LEU C 141 1.21 5.30 -0.38
C LEU C 141 1.87 6.53 -1.02
N ASN C 142 1.26 7.69 -0.83
CA ASN C 142 1.80 9.00 -1.28
C ASN C 142 2.36 9.72 -0.05
N ILE C 143 3.58 10.23 -0.14
CA ILE C 143 4.31 10.90 0.96
C ILE C 143 4.41 12.40 0.64
N ARG C 144 3.98 13.25 1.57
CA ARG C 144 4.04 14.71 1.39
C ARG C 144 5.27 15.29 2.09
N THR C 145 5.43 15.08 3.40
CA THR C 145 6.51 15.76 4.18
C THR C 145 6.72 15.14 5.57
N LEU C 146 7.97 15.21 6.04
CA LEU C 146 8.35 15.02 7.46
C LEU C 146 8.22 16.37 8.16
N ALA C 147 7.52 16.43 9.29
CA ALA C 147 7.42 17.63 10.15
C ALA C 147 8.15 17.38 11.47
N ILE C 148 8.98 18.33 11.90
CA ILE C 148 9.65 18.29 13.23
C ILE C 148 9.24 19.54 14.00
N GLN C 149 8.68 19.35 15.20
CA GLN C 149 8.02 20.40 16.04
C GLN C 149 8.54 20.31 17.47
N ALA C 150 8.36 21.36 18.28
CA ALA C 150 8.90 21.50 19.66
C ALA C 150 8.05 22.44 20.52
N SER D 1 12.30 22.26 -7.09
CA SER D 1 11.40 21.72 -5.99
C SER D 1 12.02 21.89 -4.59
N THR D 2 11.17 22.17 -3.59
CA THR D 2 11.56 22.53 -2.19
C THR D 2 11.98 21.26 -1.43
N HIS D 3 13.19 21.27 -0.84
CA HIS D 3 13.77 20.15 -0.05
C HIS D 3 13.49 20.36 1.44
N TYR D 4 13.74 21.56 1.96
CA TYR D 4 13.51 21.91 3.39
C TYR D 4 12.84 23.29 3.50
N LEU D 5 11.83 23.39 4.34
CA LEU D 5 11.38 24.67 4.95
C LEU D 5 11.86 24.65 6.39
N ALA D 6 12.52 25.71 6.84
CA ALA D 6 12.99 25.89 8.23
C ALA D 6 12.37 27.17 8.76
N PHE D 7 11.68 27.10 9.89
CA PHE D 7 10.91 28.22 10.50
C PHE D 7 11.79 28.93 11.51
N PRO D 8 11.57 30.25 11.75
CA PRO D 8 12.53 31.04 12.52
C PRO D 8 12.83 30.51 13.93
N ARG D 9 11.91 29.75 14.55
CA ARG D 9 12.20 29.09 15.86
C ARG D 9 13.44 28.20 15.79
N ALA D 10 13.72 27.58 14.64
CA ALA D 10 14.88 26.68 14.43
C ALA D 10 16.18 27.48 14.25
N SER D 11 16.07 28.81 14.10
CA SER D 11 17.18 29.76 13.85
C SER D 11 17.66 30.37 15.18
N THR D 12 18.82 30.99 15.16
CA THR D 12 19.37 31.85 16.24
C THR D 12 19.11 33.32 15.84
N ILE D 13 18.42 34.06 16.71
CA ILE D 13 18.09 35.49 16.47
C ILE D 13 18.62 36.27 17.69
N THR D 14 19.58 37.16 17.46
CA THR D 14 20.10 38.06 18.52
C THR D 14 18.89 38.84 19.06
N TRP D 15 18.73 38.77 20.39
CA TRP D 15 17.64 39.39 21.18
C TRP D 15 16.28 38.74 20.84
N GLY D 16 16.29 37.55 20.24
CA GLY D 16 15.06 36.85 19.80
C GLY D 16 14.06 36.64 20.93
N ASP D 17 14.53 36.41 22.14
CA ASP D 17 13.74 35.99 23.33
C ASP D 17 13.34 37.23 24.15
N ASP D 18 13.82 38.41 23.75
CA ASP D 18 13.64 39.72 24.45
C ASP D 18 12.49 40.51 23.80
N THR D 19 11.34 40.60 24.48
CA THR D 19 10.07 41.15 23.94
C THR D 19 10.12 42.69 23.80
N ARG D 20 11.22 43.34 24.20
CA ARG D 20 11.49 44.77 23.88
C ARG D 20 11.82 44.94 22.39
N TYR D 21 12.31 43.88 21.74
CA TYR D 21 12.96 43.94 20.43
C TYR D 21 12.25 43.02 19.41
N TRP D 22 11.99 41.77 19.80
CA TRP D 22 11.34 40.74 18.94
C TRP D 22 10.05 40.26 19.60
N SER D 23 9.10 39.81 18.79
CA SER D 23 7.90 39.11 19.26
C SER D 23 7.64 37.89 18.37
N TRP D 24 6.78 36.99 18.83
CA TRP D 24 6.39 35.77 18.11
C TRP D 24 4.86 35.69 18.06
N ALA D 25 4.32 35.11 17.01
CA ALA D 25 2.86 34.94 16.82
C ALA D 25 2.62 33.59 16.15
N THR D 26 1.72 32.81 16.75
CA THR D 26 1.32 31.47 16.24
C THR D 26 0.38 31.72 15.06
N VAL D 27 0.62 31.08 13.92
CA VAL D 27 -0.30 31.07 12.76
C VAL D 27 -0.28 29.68 12.12
N ASP D 28 -1.25 29.42 11.26
CA ASP D 28 -1.36 28.17 10.46
C ASP D 28 -0.66 28.37 9.11
N PHE D 29 0.08 27.35 8.67
CA PHE D 29 0.78 27.29 7.36
C PHE D 29 0.51 25.92 6.74
N CYS D 30 -0.42 25.83 5.78
CA CYS D 30 -0.87 24.55 5.16
C CYS D 30 -1.04 23.47 6.22
N SER D 31 -1.78 23.80 7.28
CA SER D 31 -2.25 22.84 8.32
C SER D 31 -1.20 22.66 9.44
N TYR D 32 -0.01 23.28 9.32
CA TYR D 32 1.08 23.17 10.32
C TYR D 32 1.16 24.48 11.13
N ALA D 33 1.19 24.33 12.46
CA ALA D 33 1.37 25.45 13.41
C ALA D 33 2.83 25.92 13.28
N ILE D 34 3.03 27.20 12.89
CA ILE D 34 4.37 27.85 12.87
C ILE D 34 4.29 29.12 13.70
N GLU D 35 5.44 29.64 14.10
CA GLU D 35 5.56 30.94 14.78
C GLU D 35 6.38 31.88 13.90
N GLU D 36 5.77 32.97 13.44
CA GLU D 36 6.43 34.10 12.73
C GLU D 36 7.26 34.88 13.74
N ALA D 37 8.52 35.18 13.40
CA ALA D 37 9.37 36.13 14.15
C ALA D 37 9.08 37.55 13.65
N ARG D 38 8.59 38.42 14.53
CA ARG D 38 8.09 39.78 14.18
C ARG D 38 8.96 40.78 14.91
N LEU D 39 9.86 41.41 14.17
CA LEU D 39 10.80 42.44 14.68
C LEU D 39 10.00 43.70 15.04
N LEU D 40 10.07 44.13 16.28
CA LEU D 40 9.53 45.44 16.76
C LEU D 40 10.62 46.49 16.50
N GLN D 41 11.82 46.24 17.03
CA GLN D 41 13.00 47.14 16.88
C GLN D 41 14.25 46.39 17.35
N VAL D 42 15.35 46.51 16.62
CA VAL D 42 16.67 45.97 17.05
C VAL D 42 17.76 46.69 16.25
N SER D 43 18.98 46.80 16.80
CA SER D 43 20.14 47.38 16.10
C SER D 43 21.04 46.28 15.57
N TRP D 44 21.35 45.29 16.43
CA TRP D 44 22.06 44.06 16.00
C TRP D 44 21.00 43.09 15.45
N LEU D 45 20.62 43.28 14.19
CA LEU D 45 19.72 42.37 13.42
C LEU D 45 20.57 41.22 12.90
N ASP D 46 20.29 40.01 13.37
CA ASP D 46 21.06 38.79 12.98
C ASP D 46 20.16 37.56 13.15
N CYS D 47 19.92 36.86 12.03
CA CYS D 47 19.11 35.62 11.96
C CYS D 47 19.89 34.59 11.14
N ARG D 48 20.21 33.45 11.76
CA ARG D 48 21.04 32.36 11.18
C ARG D 48 20.37 31.01 11.44
N TRP D 49 20.10 30.26 10.38
CA TRP D 49 19.82 28.82 10.46
C TRP D 49 21.16 28.09 10.33
N SER D 50 21.40 27.09 11.17
CA SER D 50 22.58 26.19 11.04
C SER D 50 22.11 24.80 10.63
N MET D 51 22.58 24.29 9.49
CA MET D 51 22.31 22.92 9.02
C MET D 51 23.63 22.30 8.56
N ASP D 52 23.76 20.99 8.58
CA ASP D 52 25.01 20.29 8.16
C ASP D 52 24.89 19.98 6.65
N ALA D 53 26.01 20.03 5.95
CA ALA D 53 26.14 19.71 4.51
C ALA D 53 25.61 18.29 4.24
N SER D 54 25.81 17.36 5.16
CA SER D 54 25.35 15.95 5.03
C SER D 54 23.82 15.89 5.04
N ASP D 55 23.14 16.93 5.47
CA ASP D 55 21.65 17.06 5.34
C ASP D 55 21.25 17.14 3.87
N PHE D 56 22.19 17.47 2.99
CA PHE D 56 21.92 17.85 1.58
C PHE D 56 22.57 16.82 0.66
N LYS D 57 22.06 16.71 -0.56
CA LYS D 57 22.58 15.80 -1.60
C LYS D 57 23.72 16.52 -2.36
N GLN D 58 24.75 15.76 -2.74
CA GLN D 58 25.93 16.29 -3.45
C GLN D 58 25.65 16.38 -4.96
N ASP D 59 26.54 17.08 -5.68
CA ASP D 59 26.58 17.18 -7.16
C ASP D 59 25.27 17.75 -7.68
N ILE D 60 24.62 18.61 -6.91
CA ILE D 60 23.35 19.27 -7.32
C ILE D 60 23.30 20.68 -6.73
N TRP D 61 22.85 21.64 -7.55
CA TRP D 61 22.76 23.09 -7.23
C TRP D 61 21.50 23.34 -6.38
N TYR D 62 21.70 23.86 -5.16
CA TYR D 62 20.67 24.30 -4.22
C TYR D 62 20.57 25.83 -4.29
N ASN D 63 19.36 26.37 -4.20
CA ASN D 63 19.15 27.81 -3.94
C ASN D 63 18.38 27.93 -2.62
N ALA D 64 18.63 29.02 -1.89
CA ALA D 64 18.02 29.31 -0.58
C ALA D 64 17.34 30.68 -0.63
N SER D 65 16.12 30.76 -0.08
CA SER D 65 15.32 32.00 0.02
C SER D 65 14.79 32.16 1.45
N VAL D 66 14.51 33.39 1.85
CA VAL D 66 13.86 33.73 3.16
C VAL D 66 12.59 34.52 2.87
N GLU D 67 11.42 34.01 3.28
CA GLU D 67 10.11 34.67 3.04
C GLU D 67 9.83 35.64 4.20
N VAL D 68 9.63 36.91 3.89
CA VAL D 68 9.45 38.01 4.88
C VAL D 68 8.27 38.89 4.47
N MET D 69 7.87 39.77 5.38
CA MET D 69 6.81 40.80 5.20
C MET D 69 7.27 42.04 5.97
N LEU D 70 7.22 43.21 5.35
CA LEU D 70 7.40 44.51 6.05
C LEU D 70 6.01 44.94 6.55
N THR D 71 5.92 45.46 7.78
CA THR D 71 4.66 46.02 8.33
C THR D 71 4.55 47.49 7.91
N SER D 72 3.38 48.12 8.16
CA SER D 72 3.11 49.56 7.94
C SER D 72 4.06 50.42 8.81
N ASN D 73 4.62 49.82 9.86
CA ASN D 73 5.49 50.50 10.86
C ASN D 73 6.97 50.29 10.54
N ALA D 74 7.28 49.75 9.36
CA ALA D 74 8.67 49.48 8.90
C ALA D 74 9.48 50.79 8.85
N SER D 75 10.76 50.71 9.20
CA SER D 75 11.72 51.85 9.25
C SER D 75 13.13 51.29 9.53
N GLY D 76 14.15 52.09 9.19
CA GLY D 76 15.57 51.75 9.38
C GLY D 76 16.12 50.87 8.27
N TRP D 77 15.39 50.71 7.16
CA TRP D 77 15.76 49.78 6.08
C TRP D 77 16.48 50.53 4.96
N ASN D 78 16.83 51.81 5.20
CA ASN D 78 17.67 52.60 4.26
C ASN D 78 19.14 52.17 4.44
N VAL D 79 19.38 50.93 4.88
CA VAL D 79 20.73 50.33 5.02
C VAL D 79 20.74 48.99 4.29
N PRO D 80 21.94 48.50 3.88
CA PRO D 80 22.04 47.20 3.23
C PRO D 80 21.76 46.08 4.23
N LEU D 81 20.69 45.30 4.01
CA LEU D 81 20.46 43.99 4.67
C LEU D 81 21.39 42.96 4.00
N HIS D 82 22.43 42.52 4.71
CA HIS D 82 23.43 41.54 4.22
C HIS D 82 22.81 40.15 4.23
N LEU D 83 22.99 39.43 3.13
CA LEU D 83 22.50 38.04 2.90
C LEU D 83 23.72 37.13 2.75
N GLU D 84 23.71 35.97 3.41
CA GLU D 84 24.95 35.16 3.58
C GLU D 84 24.58 33.67 3.66
N ILE D 85 25.29 32.88 2.85
CA ILE D 85 25.44 31.40 3.02
C ILE D 85 26.92 31.15 3.32
N GLU D 86 27.23 30.62 4.49
CA GLU D 86 28.61 30.22 4.88
C GLU D 86 28.73 28.71 4.69
N LEU D 87 29.69 28.27 3.88
CA LEU D 87 29.97 26.84 3.61
C LEU D 87 30.98 26.34 4.64
N PRO D 88 31.15 25.01 4.77
CA PRO D 88 31.99 24.46 5.84
C PRO D 88 33.48 24.83 5.71
N ASP D 89 33.98 25.08 4.49
CA ASP D 89 35.39 25.47 4.23
C ASP D 89 35.67 26.88 4.78
N GLY D 90 34.63 27.68 5.10
CA GLY D 90 34.77 29.04 5.65
C GLY D 90 34.33 30.11 4.65
N SER D 91 34.21 29.75 3.36
CA SER D 91 33.85 30.64 2.22
C SER D 91 32.37 31.06 2.35
N LYS D 92 32.02 32.18 1.71
CA LYS D 92 30.72 32.88 1.95
C LYS D 92 30.13 33.38 0.62
N GLN D 93 28.85 33.12 0.38
CA GLN D 93 28.07 33.70 -0.74
C GLN D 93 27.42 34.97 -0.18
N GLU D 94 28.02 36.13 -0.44
CA GLU D 94 27.62 37.44 0.11
C GLU D 94 26.84 38.18 -0.98
N SER D 95 25.67 38.69 -0.62
CA SER D 95 24.83 39.59 -1.43
C SER D 95 24.15 40.56 -0.46
N GLN D 96 23.46 41.58 -0.96
CA GLN D 96 22.68 42.50 -0.09
C GLN D 96 21.41 42.94 -0.81
N ILE D 97 20.45 43.40 -0.04
CA ILE D 97 19.18 43.99 -0.55
C ILE D 97 18.80 45.16 0.37
N VAL D 98 18.13 46.15 -0.22
CA VAL D 98 17.64 47.37 0.47
C VAL D 98 16.13 47.26 0.51
N LEU D 99 15.55 47.25 1.72
CA LEU D 99 14.11 46.91 1.92
C LEU D 99 13.29 48.20 1.94
N ALA D 100 13.94 49.36 1.98
CA ALA D 100 13.26 50.68 2.04
C ALA D 100 12.33 50.82 0.83
N GLY D 101 11.14 51.39 1.07
CA GLY D 101 10.14 51.74 0.05
C GLY D 101 9.65 50.54 -0.75
N ARG D 102 9.59 49.36 -0.12
CA ARG D 102 8.92 48.17 -0.73
C ARG D 102 7.45 48.24 -0.30
N GLN D 103 6.56 47.50 -0.97
CA GLN D 103 5.15 47.37 -0.53
C GLN D 103 5.15 46.70 0.86
N PRO D 104 4.43 47.26 1.83
CA PRO D 104 4.19 46.56 3.10
C PRO D 104 3.02 45.57 2.99
N ASN D 105 2.97 44.61 3.91
CA ASN D 105 1.81 43.70 4.18
C ASN D 105 1.64 42.71 3.03
N VAL D 106 2.69 42.40 2.28
CA VAL D 106 2.72 41.25 1.30
C VAL D 106 3.98 40.44 1.56
N TRP D 107 3.85 39.13 1.53
CA TRP D 107 4.98 38.16 1.58
C TRP D 107 5.77 38.25 0.28
N PHE D 108 7.10 38.29 0.37
CA PHE D 108 8.04 38.21 -0.77
C PHE D 108 9.24 37.37 -0.33
N LYS D 109 9.84 36.68 -1.29
CA LYS D 109 10.95 35.71 -1.08
C LYS D 109 12.26 36.38 -1.49
N ILE D 110 13.12 36.66 -0.51
CA ILE D 110 14.49 37.20 -0.72
C ILE D 110 15.41 36.02 -1.03
N PRO D 111 16.01 35.96 -2.23
CA PRO D 111 17.00 34.91 -2.53
C PRO D 111 18.27 35.28 -1.76
N ILE D 112 18.90 34.32 -1.06
CA ILE D 112 20.13 34.58 -0.24
C ILE D 112 21.33 33.84 -0.83
N GLY D 113 21.18 33.22 -2.00
CA GLY D 113 22.31 32.64 -2.74
C GLY D 113 22.11 31.19 -3.14
N LYS D 114 23.16 30.59 -3.69
CA LYS D 114 23.19 29.23 -4.28
C LYS D 114 24.43 28.51 -3.73
N PHE D 115 24.40 27.19 -3.69
CA PHE D 115 25.56 26.36 -3.28
C PHE D 115 25.45 24.99 -3.93
N ILE D 116 26.59 24.31 -4.07
CA ILE D 116 26.69 22.89 -4.54
C ILE D 116 27.77 22.23 -3.70
N LEU D 117 27.67 20.94 -3.44
CA LEU D 117 28.67 20.20 -2.60
C LEU D 117 29.33 19.13 -3.48
N ARG D 118 30.67 19.03 -3.42
CA ARG D 118 31.54 18.07 -4.17
C ARG D 118 32.64 17.54 -3.23
N SER D 123 29.96 17.35 4.22
CA SER D 123 30.17 17.22 5.70
C SER D 123 30.61 18.56 6.34
N GLY D 124 29.87 19.08 7.33
CA GLY D 124 30.19 20.29 8.13
C GLY D 124 29.06 21.33 8.09
N THR D 125 29.09 22.32 8.99
CA THR D 125 28.02 23.33 9.18
C THR D 125 27.91 24.24 7.95
N ILE D 126 26.68 24.42 7.44
CA ILE D 126 26.27 25.46 6.48
C ILE D 126 25.38 26.45 7.23
N ARG D 127 25.68 27.74 7.15
CA ARG D 127 24.90 28.84 7.79
C ARG D 127 24.12 29.60 6.72
N PHE D 128 22.81 29.75 6.89
CA PHE D 128 21.91 30.56 6.04
C PHE D 128 21.37 31.69 6.90
N GLY D 129 21.46 32.92 6.45
CA GLY D 129 21.09 34.07 7.31
C GLY D 129 21.10 35.41 6.61
N PHE D 130 20.66 36.41 7.36
CA PHE D 130 20.69 37.83 6.97
C PHE D 130 21.02 38.59 8.23
N TYR D 131 21.64 39.75 8.09
CA TYR D 131 22.08 40.57 9.24
C TYR D 131 22.29 42.01 8.80
N ASN D 132 22.14 42.93 9.76
CA ASN D 132 22.69 44.31 9.74
C ASN D 132 23.04 44.72 11.17
N HIS D 133 24.30 45.09 11.37
CA HIS D 133 24.96 45.29 12.70
C HIS D 133 25.13 46.78 13.01
N GLU D 134 24.64 47.65 12.13
CA GLU D 134 24.81 49.13 12.28
C GLU D 134 23.95 49.61 13.45
N GLY D 135 24.29 50.79 13.96
CA GLY D 135 23.75 51.39 15.20
C GLY D 135 22.36 51.97 15.03
N ASN D 136 21.78 51.95 13.84
CA ASN D 136 20.38 52.39 13.62
C ASN D 136 19.41 51.27 14.06
N TRP D 137 18.13 51.64 14.24
CA TRP D 137 17.06 50.70 14.64
C TRP D 137 16.34 50.21 13.38
N LYS D 138 16.39 48.89 13.15
CA LYS D 138 15.52 48.19 12.18
C LYS D 138 14.21 47.84 12.88
N ARG D 139 13.08 48.05 12.19
CA ARG D 139 11.71 47.89 12.73
C ARG D 139 10.82 47.24 11.67
N GLY D 140 9.87 46.39 12.08
CA GLY D 140 8.69 45.99 11.29
C GLY D 140 9.02 45.03 10.16
N LEU D 141 9.93 44.06 10.40
CA LEU D 141 10.16 42.90 9.48
C LEU D 141 9.61 41.63 10.14
N ASN D 142 8.71 40.95 9.46
CA ASN D 142 8.13 39.65 9.90
C ASN D 142 8.79 38.56 9.04
N ILE D 143 9.26 37.49 9.68
CA ILE D 143 9.97 36.35 9.03
C ILE D 143 9.07 35.13 9.08
N ARG D 144 8.82 34.51 7.94
CA ARG D 144 8.00 33.28 7.88
C ARG D 144 8.90 32.03 7.85
N THR D 145 9.82 31.91 6.88
CA THR D 145 10.57 30.64 6.68
C THR D 145 11.79 30.80 5.77
N LEU D 146 12.82 30.01 6.03
CA LEU D 146 13.93 29.72 5.09
C LEU D 146 13.49 28.56 4.20
N ALA D 147 13.62 28.69 2.88
CA ALA D 147 13.35 27.60 1.90
C ALA D 147 14.66 27.20 1.24
N ILE D 148 14.92 25.89 1.14
CA ILE D 148 16.09 25.32 0.42
C ILE D 148 15.56 24.40 -0.67
N GLN D 149 15.93 24.67 -1.92
CA GLN D 149 15.38 24.06 -3.16
C GLN D 149 16.52 23.62 -4.07
N ALA D 150 16.24 22.75 -5.06
CA ALA D 150 17.24 22.11 -5.97
C ALA D 150 16.63 21.80 -7.35
N SER E 1 8.75 2.06 -24.94
CA SER E 1 10.08 2.09 -25.64
C SER E 1 10.66 0.68 -25.91
N THR E 2 11.35 0.50 -27.04
CA THR E 2 11.83 -0.83 -27.55
C THR E 2 13.09 -1.24 -26.78
N HIS E 3 13.08 -2.46 -26.19
CA HIS E 3 14.20 -3.04 -25.40
C HIS E 3 15.08 -3.92 -26.31
N TYR E 4 14.46 -4.80 -27.11
CA TYR E 4 15.17 -5.71 -28.05
C TYR E 4 14.44 -5.77 -29.39
N LEU E 5 15.21 -5.69 -30.48
CA LEU E 5 14.82 -6.18 -31.81
C LEU E 5 15.58 -7.48 -32.04
N ALA E 6 14.88 -8.54 -32.46
CA ALA E 6 15.46 -9.86 -32.78
C ALA E 6 15.05 -10.19 -34.20
N PHE E 7 16.01 -10.47 -35.07
CA PHE E 7 15.82 -10.68 -36.53
C PHE E 7 15.67 -12.19 -36.78
N PRO E 8 14.93 -12.58 -37.84
CA PRO E 8 14.53 -13.98 -38.01
C PRO E 8 15.67 -14.99 -38.03
N ARG E 9 16.90 -14.59 -38.41
CA ARG E 9 18.08 -15.49 -38.33
C ARG E 9 18.30 -16.02 -36.91
N ALA E 10 17.95 -15.24 -35.87
CA ALA E 10 18.11 -15.62 -34.45
C ALA E 10 17.02 -16.60 -34.01
N SER E 11 16.00 -16.80 -34.84
CA SER E 11 14.81 -17.68 -34.60
C SER E 11 15.05 -19.06 -35.21
N THR E 12 14.22 -20.02 -34.83
CA THR E 12 14.11 -21.36 -35.45
C THR E 12 12.90 -21.34 -36.38
N ILE E 13 13.09 -21.67 -37.66
CA ILE E 13 12.00 -21.69 -38.67
C ILE E 13 12.00 -23.09 -39.31
N THR E 14 10.92 -23.83 -39.12
CA THR E 14 10.75 -25.15 -39.78
C THR E 14 10.89 -24.93 -41.28
N TRP E 15 11.81 -25.70 -41.89
CA TRP E 15 12.17 -25.66 -43.32
C TRP E 15 12.85 -24.35 -43.68
N GLY E 16 13.36 -23.60 -42.68
CA GLY E 16 13.98 -22.28 -42.89
C GLY E 16 15.14 -22.31 -43.86
N ASP E 17 15.90 -23.40 -43.88
CA ASP E 17 17.18 -23.55 -44.62
C ASP E 17 16.92 -24.17 -46.00
N ASP E 18 15.67 -24.56 -46.28
CA ASP E 18 15.21 -25.28 -47.50
C ASP E 18 14.60 -24.28 -48.50
N THR E 19 15.31 -23.98 -49.59
CA THR E 19 14.98 -22.90 -50.57
C THR E 19 13.77 -23.28 -51.44
N ARG E 20 13.20 -24.47 -51.28
CA ARG E 20 11.89 -24.85 -51.88
C ARG E 20 10.74 -24.12 -51.16
N TYR E 21 10.95 -23.72 -49.91
CA TYR E 21 9.89 -23.28 -48.98
C TYR E 21 10.18 -21.86 -48.47
N TRP E 22 11.40 -21.60 -48.00
CA TRP E 22 11.83 -20.30 -47.43
C TRP E 22 13.00 -19.73 -48.23
N SER E 23 13.13 -18.42 -48.27
CA SER E 23 14.31 -17.73 -48.84
C SER E 23 14.73 -16.59 -47.89
N TRP E 24 15.94 -16.10 -48.08
CA TRP E 24 16.52 -14.99 -47.29
C TRP E 24 17.02 -13.91 -48.25
N ALA E 25 16.93 -12.66 -47.83
CA ALA E 25 17.43 -11.51 -48.61
C ALA E 25 18.08 -10.53 -47.64
N THR E 26 19.29 -10.10 -47.97
CA THR E 26 20.05 -9.08 -47.21
C THR E 26 19.44 -7.73 -47.55
N VAL E 27 19.10 -6.93 -46.52
CA VAL E 27 18.64 -5.52 -46.70
C VAL E 27 19.23 -4.68 -45.58
N ASP E 28 18.99 -3.38 -45.67
CA ASP E 28 19.50 -2.48 -44.61
C ASP E 28 18.39 -2.10 -43.64
N PHE E 29 18.66 -2.22 -42.36
CA PHE E 29 17.70 -1.73 -41.33
C PHE E 29 18.44 -0.70 -40.48
N CYS E 30 18.04 0.57 -40.58
CA CYS E 30 18.68 1.66 -39.80
C CYS E 30 20.18 1.46 -39.63
N SER E 31 20.96 1.42 -40.73
CA SER E 31 22.45 1.33 -40.69
C SER E 31 22.94 -0.11 -40.50
N TYR E 32 22.04 -1.06 -40.30
CA TYR E 32 22.44 -2.44 -39.92
C TYR E 32 21.97 -3.44 -40.99
N ALA E 33 22.89 -4.30 -41.42
CA ALA E 33 22.60 -5.41 -42.35
C ALA E 33 21.76 -6.46 -41.60
N ILE E 34 20.53 -6.71 -42.08
CA ILE E 34 19.64 -7.78 -41.59
C ILE E 34 19.25 -8.67 -42.77
N GLU E 35 18.75 -9.86 -42.46
CA GLU E 35 18.21 -10.79 -43.48
C GLU E 35 16.72 -11.03 -43.18
N GLU E 36 15.84 -10.60 -44.10
CA GLU E 36 14.38 -10.88 -44.08
C GLU E 36 14.18 -12.37 -44.41
N ALA E 37 13.34 -13.05 -43.63
CA ALA E 37 12.84 -14.40 -43.94
C ALA E 37 11.60 -14.27 -44.84
N ARG E 38 11.68 -14.79 -46.07
CA ARG E 38 10.64 -14.61 -47.11
C ARG E 38 10.08 -15.98 -47.46
N LEU E 39 8.88 -16.25 -46.95
CA LEU E 39 8.13 -17.51 -47.17
C LEU E 39 7.68 -17.56 -48.63
N LEU E 40 8.12 -18.58 -49.37
CA LEU E 40 7.62 -18.91 -50.73
C LEU E 40 6.37 -19.77 -50.59
N GLN E 41 6.49 -20.86 -49.82
CA GLN E 41 5.39 -21.81 -49.53
C GLN E 41 5.83 -22.75 -48.40
N VAL E 42 4.94 -23.04 -47.44
CA VAL E 42 5.19 -24.07 -46.39
C VAL E 42 3.84 -24.46 -45.80
N SER E 43 3.74 -25.69 -45.28
CA SER E 43 2.50 -26.17 -44.60
C SER E 43 2.70 -26.13 -43.09
N TRP E 44 3.85 -26.64 -42.62
CA TRP E 44 4.27 -26.47 -41.20
C TRP E 44 4.96 -25.11 -41.08
N LEU E 45 4.14 -24.05 -40.94
CA LEU E 45 4.61 -22.67 -40.65
C LEU E 45 4.86 -22.57 -39.15
N ASP E 46 6.11 -22.34 -38.76
CA ASP E 46 6.53 -22.28 -37.34
C ASP E 46 7.80 -21.45 -37.23
N CYS E 47 7.71 -20.33 -36.51
CA CYS E 47 8.81 -19.38 -36.23
C CYS E 47 8.81 -19.09 -34.73
N ARG E 48 9.91 -19.41 -34.05
CA ARG E 48 10.10 -19.24 -32.58
C ARG E 48 11.45 -18.57 -32.31
N TRP E 49 11.43 -17.43 -31.63
CA TRP E 49 12.62 -16.86 -30.95
C TRP E 49 12.66 -17.44 -29.53
N SER E 50 13.83 -17.86 -29.08
CA SER E 50 14.08 -18.29 -27.68
C SER E 50 15.00 -17.27 -27.00
N MET E 51 14.53 -16.65 -25.92
CA MET E 51 15.34 -15.73 -25.08
C MET E 51 15.11 -16.11 -23.61
N ASP E 52 16.06 -15.83 -22.73
CA ASP E 52 15.95 -16.18 -21.29
C ASP E 52 15.28 -15.00 -20.56
N ALA E 53 14.46 -15.29 -19.55
CA ALA E 53 13.77 -14.30 -18.70
C ALA E 53 14.77 -13.34 -18.07
N SER E 54 15.97 -13.82 -17.72
CA SER E 54 17.04 -12.98 -17.10
C SER E 54 17.55 -11.93 -18.10
N ASP E 55 17.28 -12.09 -19.41
CA ASP E 55 17.53 -11.03 -20.42
C ASP E 55 16.67 -9.79 -20.14
N PHE E 56 15.59 -9.94 -19.37
CA PHE E 56 14.52 -8.93 -19.24
C PHE E 56 14.46 -8.44 -17.80
N LYS E 57 13.88 -7.26 -17.61
CA LYS E 57 13.68 -6.66 -16.26
C LYS E 57 12.39 -7.22 -15.66
N GLN E 58 12.37 -7.46 -14.35
CA GLN E 58 11.19 -7.98 -13.63
C GLN E 58 10.27 -6.81 -13.25
N ASP E 59 9.05 -7.12 -12.79
CA ASP E 59 8.07 -6.18 -12.20
C ASP E 59 7.73 -5.07 -13.20
N ILE E 60 7.77 -5.39 -14.50
CA ILE E 60 7.43 -4.42 -15.59
C ILE E 60 6.76 -5.19 -16.74
N TRP E 61 5.71 -4.60 -17.29
CA TRP E 61 4.88 -5.15 -18.40
C TRP E 61 5.61 -4.93 -19.73
N TYR E 62 5.91 -6.04 -20.42
CA TYR E 62 6.48 -6.09 -21.78
C TYR E 62 5.34 -6.39 -22.76
N ASN E 63 5.38 -5.80 -23.95
CA ASN E 63 4.58 -6.28 -25.11
C ASN E 63 5.57 -6.71 -26.20
N ALA E 64 5.17 -7.71 -26.99
CA ALA E 64 5.98 -8.25 -28.10
C ALA E 64 5.18 -8.18 -29.40
N SER E 65 5.84 -7.74 -30.46
CA SER E 65 5.26 -7.64 -31.83
C SER E 65 6.21 -8.31 -32.83
N VAL E 66 5.66 -8.79 -33.95
CA VAL E 66 6.42 -9.32 -35.11
C VAL E 66 6.06 -8.48 -36.33
N GLU E 67 7.04 -7.81 -36.94
CA GLU E 67 6.82 -6.95 -38.14
C GLU E 67 6.94 -7.82 -39.39
N VAL E 68 5.91 -7.83 -40.22
CA VAL E 68 5.78 -8.71 -41.41
C VAL E 68 5.23 -7.88 -42.58
N MET E 69 5.28 -8.46 -43.78
CA MET E 69 4.72 -7.93 -45.03
C MET E 69 4.16 -9.11 -45.83
N LEU E 70 2.92 -8.99 -46.32
CA LEU E 70 2.34 -9.97 -47.29
C LEU E 70 2.73 -9.50 -48.70
N THR E 71 3.14 -10.43 -49.57
CA THR E 71 3.49 -10.11 -50.98
C THR E 71 2.21 -10.14 -51.84
N SER E 72 2.32 -9.72 -53.10
CA SER E 72 1.24 -9.79 -54.12
C SER E 72 0.85 -11.24 -54.39
N ASN E 73 1.72 -12.18 -54.05
CA ASN E 73 1.58 -13.64 -54.32
C ASN E 73 0.99 -14.36 -53.08
N ALA E 74 0.56 -13.61 -52.06
CA ALA E 74 0.11 -14.19 -50.76
C ALA E 74 -1.12 -15.07 -50.99
N SER E 75 -1.24 -16.14 -50.21
CA SER E 75 -2.34 -17.14 -50.27
C SER E 75 -2.22 -18.11 -49.10
N GLY E 76 -3.31 -18.80 -48.75
CA GLY E 76 -3.38 -19.80 -47.67
C GLY E 76 -3.58 -19.16 -46.30
N TRP E 77 -3.92 -17.88 -46.22
CA TRP E 77 -4.01 -17.14 -44.93
C TRP E 77 -5.43 -17.10 -44.41
N ASN E 78 -6.33 -17.84 -45.06
CA ASN E 78 -7.75 -17.99 -44.61
C ASN E 78 -7.79 -19.02 -43.49
N VAL E 79 -6.72 -19.08 -42.68
CA VAL E 79 -6.63 -19.94 -41.46
C VAL E 79 -6.21 -19.05 -40.29
N PRO E 80 -6.44 -19.49 -39.04
CA PRO E 80 -5.92 -18.78 -37.89
C PRO E 80 -4.39 -18.95 -37.79
N LEU E 81 -3.64 -17.85 -37.92
CA LEU E 81 -2.20 -17.78 -37.53
C LEU E 81 -2.13 -17.67 -36.01
N HIS E 82 -1.68 -18.74 -35.34
CA HIS E 82 -1.59 -18.81 -33.86
C HIS E 82 -0.37 -18.00 -33.39
N LEU E 83 -0.57 -17.18 -32.37
CA LEU E 83 0.44 -16.28 -31.76
C LEU E 83 0.64 -16.73 -30.32
N GLU E 84 1.91 -16.82 -29.88
CA GLU E 84 2.24 -17.49 -28.61
C GLU E 84 3.47 -16.83 -27.97
N ILE E 85 3.33 -16.52 -26.68
CA ILE E 85 4.47 -16.28 -25.73
C ILE E 85 4.39 -17.39 -24.68
N GLU E 86 5.41 -18.24 -24.61
CA GLU E 86 5.52 -19.30 -23.58
C GLU E 86 6.49 -18.80 -22.51
N LEU E 87 6.06 -18.76 -21.26
CA LEU E 87 6.89 -18.34 -20.11
C LEU E 87 7.57 -19.57 -19.53
N PRO E 88 8.59 -19.41 -18.65
CA PRO E 88 9.39 -20.53 -18.20
C PRO E 88 8.61 -21.57 -17.37
N ASP E 89 7.54 -21.17 -16.69
CA ASP E 89 6.69 -22.06 -15.85
C ASP E 89 5.89 -23.02 -16.76
N GLY E 90 5.79 -22.76 -18.07
CA GLY E 90 5.07 -23.59 -19.05
C GLY E 90 3.81 -22.92 -19.56
N SER E 91 3.34 -21.84 -18.87
CA SER E 91 2.10 -21.09 -19.17
C SER E 91 2.28 -20.29 -20.47
N LYS E 92 1.17 -19.93 -21.13
CA LYS E 92 1.15 -19.44 -22.52
C LYS E 92 0.15 -18.28 -22.67
N GLN E 93 0.58 -17.18 -23.32
CA GLN E 93 -0.34 -16.15 -23.88
C GLN E 93 -0.70 -16.60 -25.30
N GLU E 94 -1.87 -17.20 -25.48
CA GLU E 94 -2.38 -17.69 -26.78
C GLU E 94 -3.37 -16.67 -27.34
N SER E 95 -3.15 -16.25 -28.59
CA SER E 95 -4.05 -15.38 -29.37
C SER E 95 -3.94 -15.84 -30.83
N GLN E 96 -4.76 -15.28 -31.73
CA GLN E 96 -4.65 -15.57 -33.17
C GLN E 96 -4.95 -14.32 -34.00
N ILE E 97 -4.54 -14.35 -35.25
CA ILE E 97 -4.89 -13.32 -36.26
C ILE E 97 -5.11 -14.03 -37.60
N VAL E 98 -5.95 -13.45 -38.44
CA VAL E 98 -6.28 -13.94 -39.81
C VAL E 98 -5.69 -12.92 -40.78
N LEU E 99 -4.78 -13.35 -41.66
CA LEU E 99 -3.99 -12.41 -42.50
C LEU E 99 -4.67 -12.24 -43.86
N ALA E 100 -5.70 -13.04 -44.16
CA ALA E 100 -6.41 -13.00 -45.45
C ALA E 100 -6.96 -11.58 -45.69
N GLY E 101 -6.86 -11.13 -46.93
CA GLY E 101 -7.42 -9.86 -47.44
C GLY E 101 -6.87 -8.64 -46.73
N ARG E 102 -5.60 -8.68 -46.28
CA ARG E 102 -4.91 -7.46 -45.77
C ARG E 102 -4.26 -6.76 -46.97
N GLN E 103 -3.86 -5.51 -46.84
CA GLN E 103 -3.06 -4.81 -47.88
C GLN E 103 -1.74 -5.55 -48.06
N PRO E 104 -1.32 -5.90 -49.29
CA PRO E 104 0.03 -6.38 -49.55
C PRO E 104 1.05 -5.23 -49.67
N ASN E 105 2.32 -5.56 -49.46
CA ASN E 105 3.50 -4.67 -49.74
C ASN E 105 3.55 -3.48 -48.78
N VAL E 106 2.97 -3.61 -47.58
CA VAL E 106 3.18 -2.65 -46.46
C VAL E 106 3.56 -3.45 -45.19
N TRP E 107 4.55 -2.95 -44.47
CA TRP E 107 4.96 -3.48 -43.14
C TRP E 107 3.85 -3.17 -42.12
N PHE E 108 3.50 -4.16 -41.31
CA PHE E 108 2.56 -4.02 -40.16
C PHE E 108 3.08 -4.87 -39.01
N LYS E 109 2.77 -4.45 -37.79
CA LYS E 109 3.22 -5.10 -36.54
C LYS E 109 2.06 -5.94 -35.99
N ILE E 110 2.23 -7.26 -35.98
CA ILE E 110 1.32 -8.22 -35.33
C ILE E 110 1.68 -8.26 -33.85
N PRO E 111 0.77 -7.85 -32.93
CA PRO E 111 1.02 -8.02 -31.51
C PRO E 111 0.89 -9.51 -31.19
N ILE E 112 1.83 -10.11 -30.45
CA ILE E 112 1.80 -11.55 -30.09
C ILE E 112 1.64 -11.73 -28.58
N GLY E 113 1.36 -10.67 -27.85
CA GLY E 113 0.92 -10.74 -26.45
C GLY E 113 1.74 -9.84 -25.53
N LYS E 114 1.46 -9.97 -24.24
CA LYS E 114 2.06 -9.17 -23.13
C LYS E 114 2.52 -10.16 -22.07
N PHE E 115 3.53 -9.80 -21.30
CA PHE E 115 4.05 -10.64 -20.18
C PHE E 115 4.69 -9.74 -19.15
N ILE E 116 4.74 -10.23 -17.92
CA ILE E 116 5.45 -9.59 -16.77
C ILE E 116 6.16 -10.69 -16.00
N LEU E 117 7.31 -10.40 -15.40
CA LEU E 117 8.14 -11.40 -14.68
C LEU E 117 8.17 -11.08 -13.18
N ARG E 118 8.08 -12.14 -12.36
CA ARG E 118 8.19 -12.12 -10.87
C ARG E 118 9.03 -13.35 -10.46
N SER E 123 14.28 -15.94 -14.56
CA SER E 123 15.19 -17.06 -14.91
C SER E 123 14.45 -18.19 -15.67
N GLY E 124 14.93 -18.53 -16.89
CA GLY E 124 14.40 -19.63 -17.75
C GLY E 124 13.96 -19.16 -19.13
N THR E 125 13.76 -20.08 -20.07
CA THR E 125 13.45 -19.77 -21.50
C THR E 125 12.05 -19.14 -21.63
N ILE E 126 11.97 -18.03 -22.36
CA ILE E 126 10.72 -17.42 -22.91
C ILE E 126 10.72 -17.62 -24.43
N ARG E 127 9.64 -18.17 -24.98
CA ARG E 127 9.46 -18.43 -26.43
C ARG E 127 8.46 -17.41 -27.01
N PHE E 128 8.85 -16.70 -28.06
CA PHE E 128 8.02 -15.76 -28.85
C PHE E 128 7.88 -16.34 -30.25
N GLY E 129 6.67 -16.47 -30.77
CA GLY E 129 6.47 -17.14 -32.06
C GLY E 129 5.06 -17.03 -32.62
N PHE E 130 4.93 -17.52 -33.84
CA PHE E 130 3.64 -17.70 -34.55
C PHE E 130 3.77 -19.00 -35.32
N TYR E 131 2.65 -19.67 -35.56
CA TYR E 131 2.62 -20.98 -36.24
C TYR E 131 1.24 -21.24 -36.82
N ASN E 132 1.22 -22.02 -37.90
CA ASN E 132 0.03 -22.75 -38.41
C ASN E 132 0.50 -24.08 -39.02
N HIS E 133 -0.03 -25.19 -38.50
CA HIS E 133 0.43 -26.57 -38.71
C HIS E 133 -0.53 -27.33 -39.66
N GLU E 134 -1.55 -26.65 -40.18
CA GLU E 134 -2.58 -27.28 -41.04
C GLU E 134 -1.93 -27.63 -42.38
N GLY E 135 -2.59 -28.55 -43.12
CA GLY E 135 -2.07 -29.19 -44.35
C GLY E 135 -2.16 -28.29 -45.57
N ASN E 136 -2.68 -27.07 -45.46
CA ASN E 136 -2.72 -26.11 -46.59
C ASN E 136 -1.34 -25.43 -46.71
N TRP E 137 -1.10 -24.78 -47.86
CA TRP E 137 0.16 -24.05 -48.16
C TRP E 137 -0.04 -22.58 -47.81
N LYS E 138 0.75 -22.07 -46.86
CA LYS E 138 0.93 -20.62 -46.62
C LYS E 138 2.02 -20.12 -47.57
N ARG E 139 1.81 -18.96 -48.18
CA ARG E 139 2.68 -18.35 -49.22
C ARG E 139 2.78 -16.84 -48.98
N GLY E 140 3.95 -16.25 -49.24
CA GLY E 140 4.13 -14.81 -49.44
C GLY E 140 4.02 -14.00 -48.16
N LEU E 141 4.59 -14.48 -47.05
CA LEU E 141 4.84 -13.69 -45.82
C LEU E 141 6.34 -13.40 -45.67
N ASN E 142 6.69 -12.13 -45.60
CA ASN E 142 8.08 -11.67 -45.35
C ASN E 142 8.15 -11.21 -43.88
N ILE E 143 9.15 -11.67 -43.14
CA ILE E 143 9.34 -11.37 -41.69
C ILE E 143 10.55 -10.46 -41.54
N ARG E 144 10.39 -9.33 -40.86
CA ARG E 144 11.49 -8.38 -40.63
C ARG E 144 12.10 -8.60 -39.23
N THR E 145 11.31 -8.52 -38.17
CA THR E 145 11.85 -8.54 -36.78
C THR E 145 10.79 -8.80 -35.71
N LEU E 146 11.19 -9.45 -34.62
CA LEU E 146 10.47 -9.48 -33.32
C LEU E 146 10.90 -8.25 -32.53
N ALA E 147 9.96 -7.46 -32.02
CA ALA E 147 10.21 -6.29 -31.14
C ALA E 147 9.67 -6.60 -29.74
N ILE E 148 10.47 -6.34 -28.71
CA ILE E 148 10.06 -6.48 -27.29
C ILE E 148 10.21 -5.11 -26.62
N GLN E 149 9.12 -4.59 -26.06
CA GLN E 149 8.95 -3.18 -25.59
C GLN E 149 8.34 -3.20 -24.19
N ALA E 150 8.46 -2.08 -23.43
CA ALA E 150 8.07 -1.97 -22.00
C ALA E 150 7.68 -0.53 -21.63
N SER F 1 25.51 -10.41 -40.77
CA SER F 1 24.05 -9.98 -40.64
C SER F 1 23.59 -9.90 -39.17
N THR F 2 22.75 -8.91 -38.84
CA THR F 2 22.40 -8.54 -37.43
C THR F 2 21.36 -9.53 -36.87
N HIS F 3 21.66 -10.14 -35.72
CA HIS F 3 20.77 -11.13 -35.02
C HIS F 3 19.94 -10.41 -33.95
N TYR F 4 20.55 -9.57 -33.13
CA TYR F 4 19.87 -8.79 -32.06
C TYR F 4 20.39 -7.36 -32.03
N LEU F 5 19.47 -6.40 -31.90
CA LEU F 5 19.76 -5.05 -31.37
C LEU F 5 19.19 -5.03 -29.96
N ALA F 6 19.98 -4.56 -28.98
CA ALA F 6 19.56 -4.37 -27.58
C ALA F 6 19.80 -2.91 -27.22
N PHE F 7 18.76 -2.22 -26.75
CA PHE F 7 18.77 -0.77 -26.46
C PHE F 7 19.13 -0.54 -24.99
N PRO F 8 19.74 0.60 -24.64
CA PRO F 8 20.32 0.78 -23.31
C PRO F 8 19.36 0.57 -22.14
N ARG F 9 18.05 0.74 -22.32
CA ARG F 9 17.06 0.44 -21.25
C ARG F 9 17.14 -1.03 -20.81
N ALA F 10 17.52 -1.96 -21.70
CA ALA F 10 17.66 -3.40 -21.41
C ALA F 10 18.95 -3.70 -20.64
N SER F 11 19.85 -2.70 -20.54
CA SER F 11 21.17 -2.78 -19.87
C SER F 11 21.07 -2.28 -18.43
N THR F 12 22.09 -2.56 -17.63
CA THR F 12 22.33 -1.98 -16.28
C THR F 12 23.35 -0.86 -16.43
N ILE F 13 23.01 0.34 -15.99
CA ILE F 13 23.91 1.53 -16.05
C ILE F 13 24.03 2.09 -14.64
N THR F 14 25.23 2.05 -14.08
CA THR F 14 25.50 2.64 -12.75
C THR F 14 25.09 4.12 -12.83
N TRP F 15 24.23 4.51 -11.90
CA TRP F 15 23.64 5.87 -11.75
C TRP F 15 22.70 6.18 -12.93
N GLY F 16 22.26 5.16 -13.67
CA GLY F 16 21.41 5.32 -14.86
C GLY F 16 20.14 6.08 -14.60
N ASP F 17 19.55 5.91 -13.43
CA ASP F 17 18.19 6.43 -13.08
C ASP F 17 18.33 7.80 -12.37
N ASP F 18 19.57 8.24 -12.12
CA ASP F 18 19.94 9.46 -11.36
C ASP F 18 20.23 10.61 -12.35
N THR F 19 19.32 11.60 -12.43
CA THR F 19 19.33 12.69 -13.44
C THR F 19 20.42 13.73 -13.14
N ARG F 20 21.20 13.58 -12.07
CA ARG F 20 22.45 14.35 -11.82
C ARG F 20 23.55 13.91 -12.77
N TYR F 21 23.48 12.67 -13.27
CA TYR F 21 24.60 11.96 -13.95
C TYR F 21 24.19 11.51 -15.35
N TRP F 22 23.03 10.86 -15.48
CA TRP F 22 22.50 10.31 -16.76
C TRP F 22 21.14 10.94 -17.09
N SER F 23 20.78 10.99 -18.37
CA SER F 23 19.42 11.34 -18.83
C SER F 23 19.00 10.39 -19.95
N TRP F 24 17.72 10.39 -20.28
CA TRP F 24 17.11 9.57 -21.35
C TRP F 24 16.30 10.48 -22.27
N ALA F 25 16.23 10.13 -23.54
CA ALA F 25 15.46 10.88 -24.55
C ALA F 25 14.84 9.89 -25.53
N THR F 26 13.54 10.03 -25.76
CA THR F 26 12.75 9.20 -26.70
C THR F 26 13.09 9.68 -28.11
N VAL F 27 13.45 8.76 -29.00
CA VAL F 27 13.65 9.06 -30.45
C VAL F 27 13.10 7.88 -31.25
N ASP F 28 12.98 8.05 -32.58
CA ASP F 28 12.53 6.93 -33.45
C ASP F 28 13.71 6.22 -34.10
N PHE F 29 13.69 4.89 -34.12
CA PHE F 29 14.73 4.08 -34.82
C PHE F 29 14.02 3.12 -35.77
N CYS F 30 13.81 3.53 -37.03
CA CYS F 30 13.16 2.70 -38.08
C CYS F 30 11.77 2.24 -37.63
N SER F 31 10.90 3.18 -37.26
CA SER F 31 9.50 2.90 -36.85
C SER F 31 9.43 2.54 -35.37
N TYR F 32 10.56 2.37 -34.73
CA TYR F 32 10.49 1.85 -33.33
C TYR F 32 10.95 2.94 -32.35
N ALA F 33 10.14 3.16 -31.31
CA ALA F 33 10.44 4.09 -30.21
C ALA F 33 11.56 3.48 -29.37
N ILE F 34 12.71 4.15 -29.28
CA ILE F 34 13.84 3.77 -28.38
C ILE F 34 14.16 4.96 -27.49
N GLU F 35 14.88 4.70 -26.41
CA GLU F 35 15.40 5.76 -25.51
C GLU F 35 16.93 5.67 -25.53
N GLU F 36 17.58 6.74 -26.01
CA GLU F 36 19.05 6.94 -25.94
C GLU F 36 19.43 7.24 -24.49
N ALA F 37 20.46 6.58 -23.98
CA ALA F 37 21.11 6.92 -22.70
C ALA F 37 22.15 8.01 -22.95
N ARG F 38 21.95 9.18 -22.33
CA ARG F 38 22.77 10.40 -22.60
C ARG F 38 23.47 10.77 -21.31
N LEU F 39 24.76 10.47 -21.24
CA LEU F 39 25.64 10.77 -20.08
C LEU F 39 25.84 12.28 -19.99
N LEU F 40 25.46 12.88 -18.87
CA LEU F 40 25.77 14.29 -18.52
C LEU F 40 27.17 14.32 -17.88
N GLN F 41 27.35 13.51 -16.82
CA GLN F 41 28.64 13.37 -16.08
C GLN F 41 28.55 12.16 -15.16
N VAL F 42 29.61 11.34 -15.09
CA VAL F 42 29.70 10.23 -14.11
C VAL F 42 31.17 9.85 -13.98
N SER F 43 31.58 9.31 -12.83
CA SER F 43 32.96 8.80 -12.61
C SER F 43 32.98 7.28 -12.74
N TRP F 44 32.04 6.59 -12.09
CA TRP F 44 31.81 5.14 -12.31
C TRP F 44 30.93 4.97 -13.55
N LEU F 45 31.57 5.02 -14.73
CA LEU F 45 30.93 4.72 -16.03
C LEU F 45 30.91 3.20 -16.21
N ASP F 46 29.71 2.62 -16.28
CA ASP F 46 29.53 1.15 -16.41
C ASP F 46 28.18 0.86 -17.07
N CYS F 47 28.20 0.21 -18.22
CA CYS F 47 27.02 -0.23 -19.00
C CYS F 47 27.21 -1.70 -19.39
N ARG F 48 26.29 -2.56 -18.96
CA ARG F 48 26.33 -4.04 -19.19
C ARG F 48 24.95 -4.52 -19.66
N TRP F 49 24.90 -5.14 -20.83
CA TRP F 49 23.76 -6.00 -21.24
C TRP F 49 24.03 -7.42 -20.76
N SER F 50 23.02 -8.07 -20.21
CA SER F 50 23.05 -9.51 -19.86
C SER F 50 22.13 -10.30 -20.80
N MET F 51 22.68 -11.27 -21.53
CA MET F 51 21.89 -12.20 -22.36
C MET F 51 22.39 -13.63 -22.09
N ASP F 52 21.56 -14.65 -22.28
CA ASP F 52 21.95 -16.06 -22.06
C ASP F 52 22.51 -16.62 -23.38
N ALA F 53 23.51 -17.50 -23.29
CA ALA F 53 24.12 -18.21 -24.43
C ALA F 53 23.07 -18.95 -25.26
N SER F 54 22.03 -19.48 -24.62
CA SER F 54 20.95 -20.23 -25.29
C SER F 54 20.12 -19.27 -26.19
N ASP F 55 20.23 -17.96 -26.00
CA ASP F 55 19.65 -16.96 -26.92
C ASP F 55 20.32 -17.05 -28.31
N PHE F 56 21.49 -17.65 -28.40
CA PHE F 56 22.38 -17.58 -29.58
C PHE F 56 22.54 -18.98 -30.17
N LYS F 57 22.88 -19.05 -31.46
CA LYS F 57 23.12 -20.33 -32.17
C LYS F 57 24.57 -20.78 -31.93
N GLN F 58 24.78 -22.09 -31.82
CA GLN F 58 26.13 -22.66 -31.58
C GLN F 58 26.88 -22.81 -32.92
N ASP F 59 28.19 -23.09 -32.85
CA ASP F 59 29.10 -23.45 -33.97
C ASP F 59 29.12 -22.32 -34.99
N ILE F 60 28.95 -21.07 -34.54
CA ILE F 60 28.98 -19.87 -35.43
C ILE F 60 29.58 -18.68 -34.66
N TRP F 61 30.45 -17.93 -35.32
CA TRP F 61 31.19 -16.76 -34.77
C TRP F 61 30.27 -15.52 -34.75
N TYR F 62 30.04 -14.99 -33.56
CA TYR F 62 29.29 -13.73 -33.31
C TYR F 62 30.29 -12.60 -33.06
N ASN F 63 30.00 -11.41 -33.60
CA ASN F 63 30.71 -10.17 -33.20
C ASN F 63 29.68 -9.22 -32.60
N ALA F 64 30.10 -8.41 -31.63
CA ALA F 64 29.25 -7.46 -30.89
C ALA F 64 29.83 -6.04 -31.00
N SER F 65 28.96 -5.07 -31.26
CA SER F 65 29.32 -3.64 -31.36
C SER F 65 28.36 -2.81 -30.51
N VAL F 66 28.79 -1.63 -30.06
CA VAL F 66 27.95 -0.64 -29.33
C VAL F 66 27.98 0.67 -30.12
N GLU F 67 26.83 1.16 -30.58
CA GLU F 67 26.73 2.42 -31.35
C GLU F 67 26.57 3.59 -30.38
N VAL F 68 27.48 4.57 -30.45
CA VAL F 68 27.54 5.73 -29.51
C VAL F 68 27.76 7.00 -30.33
N MET F 69 27.62 8.14 -29.66
CA MET F 69 27.85 9.51 -30.19
C MET F 69 28.47 10.32 -29.05
N LEU F 70 29.55 11.07 -29.34
CA LEU F 70 30.08 12.10 -28.40
C LEU F 70 29.35 13.41 -28.71
N THR F 71 28.93 14.16 -27.69
CA THR F 71 28.32 15.51 -27.84
C THR F 71 29.42 16.58 -27.96
N SER F 72 29.03 17.81 -28.30
CA SER F 72 29.93 19.00 -28.35
C SER F 72 30.52 19.30 -26.95
N ASN F 73 29.87 18.77 -25.90
CA ASN F 73 30.21 19.02 -24.48
C ASN F 73 31.09 17.88 -23.93
N ALA F 74 31.57 16.97 -24.79
CA ALA F 74 32.31 15.76 -24.38
C ALA F 74 33.62 16.17 -23.69
N SER F 75 34.04 15.39 -22.69
CA SER F 75 35.25 15.62 -21.86
C SER F 75 35.49 14.40 -20.96
N GLY F 76 36.72 14.24 -20.46
CA GLY F 76 37.12 13.14 -19.56
C GLY F 76 37.43 11.85 -20.31
N TRP F 77 37.58 11.90 -21.64
CA TRP F 77 37.77 10.68 -22.47
C TRP F 77 39.25 10.43 -22.76
N ASN F 78 40.13 11.18 -22.09
CA ASN F 78 41.61 11.00 -22.17
C ASN F 78 42.01 9.77 -21.35
N VAL F 79 41.09 8.83 -21.14
CA VAL F 79 41.31 7.57 -20.35
C VAL F 79 40.85 6.40 -21.21
N PRO F 80 41.36 5.19 -20.92
CA PRO F 80 40.95 4.00 -21.65
C PRO F 80 39.51 3.60 -21.29
N LEU F 81 38.58 3.66 -22.25
CA LEU F 81 37.25 3.02 -22.18
C LEU F 81 37.42 1.51 -22.37
N HIS F 82 37.25 0.73 -21.31
CA HIS F 82 37.42 -0.75 -21.31
C HIS F 82 36.18 -1.38 -21.95
N LEU F 83 36.40 -2.32 -22.87
CA LEU F 83 35.39 -3.07 -23.64
C LEU F 83 35.48 -4.55 -23.26
N GLU F 84 34.34 -5.20 -23.01
CA GLU F 84 34.33 -6.52 -22.32
C GLU F 84 33.15 -7.36 -22.79
N ILE F 85 33.43 -8.61 -23.18
CA ILE F 85 32.45 -9.73 -23.27
C ILE F 85 32.84 -10.76 -22.23
N GLU F 86 31.99 -11.01 -21.24
CA GLU F 86 32.19 -12.07 -20.21
C GLU F 86 31.36 -13.27 -20.62
N LEU F 87 32.00 -14.43 -20.75
CA LEU F 87 31.35 -15.72 -21.10
C LEU F 87 30.92 -16.40 -19.80
N PRO F 88 30.08 -17.45 -19.88
CA PRO F 88 29.50 -18.07 -18.68
C PRO F 88 30.54 -18.71 -17.76
N ASP F 89 31.67 -19.19 -18.30
CA ASP F 89 32.76 -19.84 -17.51
C ASP F 89 33.48 -18.81 -16.64
N GLY F 90 33.32 -17.51 -16.90
CA GLY F 90 33.96 -16.40 -16.14
C GLY F 90 35.04 -15.69 -16.94
N SER F 91 35.47 -16.28 -18.06
CA SER F 91 36.54 -15.76 -18.97
C SER F 91 36.04 -14.52 -19.71
N LYS F 92 36.95 -13.67 -20.21
CA LYS F 92 36.64 -12.30 -20.67
C LYS F 92 37.43 -11.94 -21.94
N GLN F 93 36.75 -11.37 -22.93
CA GLN F 93 37.40 -10.78 -24.15
C GLN F 93 37.61 -9.29 -23.82
N GLU F 94 38.83 -8.92 -23.41
CA GLU F 94 39.16 -7.55 -22.94
C GLU F 94 39.86 -6.79 -24.06
N SER F 95 39.39 -5.59 -24.36
CA SER F 95 40.01 -4.61 -25.29
C SER F 95 39.75 -3.22 -24.74
N GLN F 96 40.34 -2.17 -25.31
CA GLN F 96 40.08 -0.77 -24.88
C GLN F 96 40.15 0.16 -26.09
N ILE F 97 39.56 1.34 -25.95
CA ILE F 97 39.61 2.43 -26.96
C ILE F 97 39.63 3.76 -26.20
N VAL F 98 40.25 4.78 -26.80
CA VAL F 98 40.38 6.16 -26.26
C VAL F 98 39.51 7.05 -27.15
N LEU F 99 38.53 7.73 -26.56
CA LEU F 99 37.47 8.45 -27.30
C LEU F 99 37.87 9.92 -27.47
N ALA F 100 38.94 10.37 -26.82
CA ALA F 100 39.37 11.79 -26.85
C ALA F 100 39.61 12.25 -28.28
N GLY F 101 39.18 13.47 -28.59
CA GLY F 101 39.40 14.16 -29.88
C GLY F 101 38.83 13.40 -31.06
N ARG F 102 37.71 12.68 -30.89
CA ARG F 102 36.96 12.08 -32.02
C ARG F 102 35.96 13.14 -32.49
N GLN F 103 35.43 12.98 -33.71
CA GLN F 103 34.37 13.88 -34.23
C GLN F 103 33.15 13.77 -33.32
N PRO F 104 32.59 14.91 -32.85
CA PRO F 104 31.32 14.89 -32.14
C PRO F 104 30.11 14.84 -33.10
N ASN F 105 28.96 14.40 -32.59
CA ASN F 105 27.63 14.50 -33.25
C ASN F 105 27.56 13.58 -34.48
N VAL F 106 28.36 12.51 -34.53
CA VAL F 106 28.21 11.41 -35.54
C VAL F 106 28.21 10.08 -34.78
N TRP F 107 27.28 9.19 -35.18
CA TRP F 107 27.20 7.81 -34.68
C TRP F 107 28.40 7.01 -35.22
N PHE F 108 29.05 6.24 -34.36
CA PHE F 108 30.12 5.29 -34.73
C PHE F 108 29.94 4.03 -33.88
N LYS F 109 30.35 2.90 -34.45
CA LYS F 109 30.16 1.55 -33.89
C LYS F 109 31.49 1.09 -33.29
N ILE F 110 31.55 0.97 -31.97
CA ILE F 110 32.72 0.45 -31.21
C ILE F 110 32.59 -1.07 -31.19
N PRO F 111 33.51 -1.83 -31.83
CA PRO F 111 33.50 -3.28 -31.71
C PRO F 111 33.96 -3.65 -30.29
N ILE F 112 33.27 -4.57 -29.61
CA ILE F 112 33.61 -4.96 -28.21
C ILE F 112 34.05 -6.42 -28.17
N GLY F 113 34.21 -7.08 -29.31
CA GLY F 113 34.83 -8.42 -29.39
C GLY F 113 33.97 -9.48 -30.09
N LYS F 114 34.41 -10.74 -30.00
CA LYS F 114 33.85 -11.89 -30.73
C LYS F 114 33.64 -13.04 -29.74
N PHE F 115 32.75 -14.00 -30.06
CA PHE F 115 32.54 -15.23 -29.27
C PHE F 115 31.94 -16.31 -30.18
N ILE F 116 32.11 -17.57 -29.81
CA ILE F 116 31.48 -18.75 -30.47
C ILE F 116 31.07 -19.72 -29.36
N LEU F 117 30.01 -20.52 -29.56
CA LEU F 117 29.51 -21.46 -28.54
C LEU F 117 29.63 -22.92 -29.03
N ARG F 118 29.91 -23.86 -28.13
CA ARG F 118 30.05 -25.33 -28.35
C ARG F 118 29.41 -26.06 -27.16
N SER F 123 24.51 -22.42 -23.00
CA SER F 123 23.83 -22.26 -21.69
C SER F 123 24.64 -21.39 -20.70
N GLY F 124 24.03 -20.30 -20.19
CA GLY F 124 24.58 -19.42 -19.12
C GLY F 124 24.70 -17.95 -19.55
N THR F 125 24.88 -17.05 -18.58
CA THR F 125 24.87 -15.58 -18.83
C THR F 125 26.12 -15.16 -19.63
N ILE F 126 25.92 -14.37 -20.68
CA ILE F 126 26.96 -13.60 -21.42
C ILE F 126 26.75 -12.10 -21.13
N ARG F 127 27.79 -11.39 -20.71
CA ARG F 127 27.78 -9.94 -20.42
C ARG F 127 28.51 -9.19 -21.54
N PHE F 128 27.85 -8.20 -22.13
CA PHE F 128 28.41 -7.26 -23.14
C PHE F 128 28.39 -5.86 -22.53
N GLY F 129 29.52 -5.15 -22.55
CA GLY F 129 29.61 -3.87 -21.84
C GLY F 129 30.88 -3.09 -22.10
N PHE F 130 30.90 -1.88 -21.56
CA PHE F 130 32.06 -0.96 -21.55
C PHE F 130 32.02 -0.27 -20.19
N TYR F 131 33.18 0.16 -19.70
CA TYR F 131 33.28 0.80 -18.36
C TYR F 131 34.58 1.60 -18.29
N ASN F 132 34.56 2.62 -17.43
CA ASN F 132 35.76 3.27 -16.84
C ASN F 132 35.43 3.72 -15.42
N HIS F 133 36.21 3.24 -14.45
CA HIS F 133 35.94 3.31 -12.99
C HIS F 133 36.84 4.37 -12.31
N GLU F 134 37.64 5.08 -13.10
CA GLU F 134 38.62 6.08 -12.57
C GLU F 134 37.85 7.28 -12.01
N GLY F 135 38.52 8.06 -11.16
CA GLY F 135 37.95 9.17 -10.37
C GLY F 135 37.70 10.43 -11.19
N ASN F 136 38.03 10.46 -12.47
CA ASN F 136 37.72 11.63 -13.34
C ASN F 136 36.24 11.55 -13.79
N TRP F 137 35.72 12.67 -14.30
CA TRP F 137 34.32 12.80 -14.79
C TRP F 137 34.31 12.57 -16.30
N LYS F 138 33.60 11.53 -16.73
CA LYS F 138 33.24 11.32 -18.15
C LYS F 138 31.95 12.09 -18.42
N ARG F 139 31.88 12.77 -19.56
CA ARG F 139 30.75 13.67 -19.97
C ARG F 139 30.45 13.47 -21.45
N GLY F 140 29.17 13.52 -21.83
CA GLY F 140 28.74 13.73 -23.23
C GLY F 140 28.93 12.52 -24.11
N LEU F 141 28.64 11.31 -23.61
CA LEU F 141 28.49 10.06 -24.41
C LEU F 141 27.01 9.69 -24.50
N ASN F 142 26.50 9.57 -25.72
CA ASN F 142 25.13 9.10 -26.01
C ASN F 142 25.24 7.67 -26.51
N ILE F 143 24.41 6.76 -25.97
CA ILE F 143 24.39 5.32 -26.31
C ILE F 143 23.11 5.02 -27.08
N ARG F 144 23.22 4.40 -28.25
CA ARG F 144 22.04 4.05 -29.06
C ARG F 144 21.68 2.57 -28.85
N THR F 145 22.60 1.64 -29.10
CA THR F 145 22.28 0.19 -29.13
C THR F 145 23.52 -0.70 -29.12
N LEU F 146 23.39 -1.87 -28.51
CA LEU F 146 24.30 -3.04 -28.67
C LEU F 146 23.79 -3.83 -29.89
N ALA F 147 24.67 -4.15 -30.83
CA ALA F 147 24.38 -5.01 -32.00
C ALA F 147 25.14 -6.32 -31.87
N ILE F 148 24.47 -7.45 -32.09
CA ILE F 148 25.09 -8.80 -32.13
C ILE F 148 24.83 -9.40 -33.51
N GLN F 149 25.90 -9.78 -34.21
CA GLN F 149 25.93 -10.19 -35.63
C GLN F 149 26.70 -11.50 -35.78
N ALA F 150 26.51 -12.22 -36.90
CA ALA F 150 27.08 -13.55 -37.18
C ALA F 150 27.31 -13.77 -38.69
N SER G 1 -24.25 -25.10 -1.47
CA SER G 1 -22.91 -25.00 -2.20
C SER G 1 -22.24 -26.37 -2.42
N THR G 2 -21.55 -26.54 -3.55
CA THR G 2 -21.04 -27.85 -4.06
C THR G 2 -19.80 -28.30 -3.27
N HIS G 3 -19.83 -29.53 -2.72
CA HIS G 3 -18.73 -30.15 -1.94
C HIS G 3 -17.84 -31.00 -2.86
N TYR G 4 -18.45 -31.85 -3.68
CA TYR G 4 -17.73 -32.76 -4.62
C TYR G 4 -18.44 -32.79 -5.98
N LEU G 5 -17.65 -32.70 -7.05
CA LEU G 5 -18.04 -33.15 -8.40
C LEU G 5 -17.29 -34.46 -8.64
N ALA G 6 -17.99 -35.50 -9.09
CA ALA G 6 -17.42 -36.81 -9.47
C ALA G 6 -17.81 -37.09 -10.90
N PHE G 7 -16.83 -37.36 -11.77
CA PHE G 7 -17.01 -37.53 -13.23
C PHE G 7 -17.17 -39.02 -13.53
N PRO G 8 -17.90 -39.38 -14.61
CA PRO G 8 -18.31 -40.76 -14.83
C PRO G 8 -17.17 -41.79 -14.86
N ARG G 9 -15.94 -41.40 -15.20
CA ARG G 9 -14.77 -42.31 -15.14
C ARG G 9 -14.57 -42.87 -13.73
N ALA G 10 -14.93 -42.13 -12.68
CA ALA G 10 -14.79 -42.53 -11.26
C ALA G 10 -15.90 -43.51 -10.86
N SER G 11 -16.92 -43.68 -11.72
CA SER G 11 -18.11 -44.54 -11.52
C SER G 11 -17.89 -45.91 -12.15
N THR G 12 -18.74 -46.87 -11.80
CA THR G 12 -18.88 -48.19 -12.45
C THR G 12 -20.07 -48.13 -13.41
N ILE G 13 -19.85 -48.42 -14.68
CA ILE G 13 -20.92 -48.40 -15.73
C ILE G 13 -20.91 -49.78 -16.39
N THR G 14 -22.01 -50.51 -16.26
CA THR G 14 -22.19 -51.81 -16.94
C THR G 14 -22.01 -51.56 -18.44
N TRP G 15 -21.09 -52.32 -19.04
CA TRP G 15 -20.69 -52.27 -20.47
C TRP G 15 -19.98 -50.94 -20.78
N GLY G 16 -19.49 -50.22 -19.76
CA GLY G 16 -18.84 -48.90 -19.92
C GLY G 16 -17.68 -48.91 -20.89
N ASP G 17 -16.93 -50.02 -20.91
CA ASP G 17 -15.64 -50.14 -21.65
C ASP G 17 -15.88 -50.76 -23.03
N ASP G 18 -17.14 -51.15 -23.33
CA ASP G 18 -17.58 -51.80 -24.60
C ASP G 18 -18.16 -50.77 -25.57
N THR G 19 -17.43 -50.44 -26.64
CA THR G 19 -17.74 -49.34 -27.60
C THR G 19 -18.94 -49.66 -28.50
N ARG G 20 -19.53 -50.86 -28.38
CA ARG G 20 -20.84 -51.20 -29.01
C ARG G 20 -21.98 -50.48 -28.30
N TYR G 21 -21.78 -50.13 -27.02
CA TYR G 21 -22.85 -49.71 -26.10
C TYR G 21 -22.57 -48.30 -25.54
N TRP G 22 -21.35 -48.06 -25.06
CA TRP G 22 -20.92 -46.78 -24.46
C TRP G 22 -19.74 -46.20 -25.24
N SER G 23 -19.59 -44.89 -25.25
CA SER G 23 -18.40 -44.19 -25.76
C SER G 23 -17.99 -43.09 -24.78
N TRP G 24 -16.77 -42.58 -24.93
CA TRP G 24 -16.21 -41.51 -24.11
C TRP G 24 -15.68 -40.41 -25.02
N ALA G 25 -15.76 -39.17 -24.58
CA ALA G 25 -15.26 -38.00 -25.34
C ALA G 25 -14.61 -37.04 -24.33
N THR G 26 -13.38 -36.62 -24.64
CA THR G 26 -12.62 -35.66 -23.84
C THR G 26 -13.22 -34.28 -24.13
N VAL G 27 -13.55 -33.50 -23.08
CA VAL G 27 -13.98 -32.10 -23.23
C VAL G 27 -13.38 -31.30 -22.07
N ASP G 28 -13.43 -29.98 -22.18
CA ASP G 28 -13.00 -29.05 -21.12
C ASP G 28 -14.19 -28.70 -20.22
N PHE G 29 -13.96 -28.64 -18.91
CA PHE G 29 -14.96 -28.22 -17.89
C PHE G 29 -14.28 -27.24 -16.93
N CYS G 30 -14.51 -25.94 -17.11
CA CYS G 30 -13.86 -24.86 -16.32
C CYS G 30 -12.37 -25.17 -16.15
N SER G 31 -11.70 -25.45 -17.25
CA SER G 31 -10.22 -25.56 -17.37
C SER G 31 -9.74 -26.97 -17.04
N TYR G 32 -10.62 -27.89 -16.63
CA TYR G 32 -10.25 -29.28 -16.27
C TYR G 32 -10.70 -30.25 -17.38
N ALA G 33 -9.81 -31.12 -17.81
CA ALA G 33 -10.08 -32.20 -18.79
C ALA G 33 -10.96 -33.24 -18.09
N ILE G 34 -12.18 -33.45 -18.61
CA ILE G 34 -13.11 -34.53 -18.16
C ILE G 34 -13.49 -35.37 -19.38
N GLU G 35 -14.02 -36.56 -19.11
CA GLU G 35 -14.56 -37.45 -20.17
C GLU G 35 -16.05 -37.65 -19.89
N GLU G 36 -16.91 -37.20 -20.81
CA GLU G 36 -18.37 -37.48 -20.83
C GLU G 36 -18.56 -38.95 -21.20
N ALA G 37 -19.42 -39.66 -20.45
CA ALA G 37 -19.92 -41.00 -20.81
C ALA G 37 -21.14 -40.82 -21.72
N ARG G 38 -21.05 -41.31 -22.95
CA ARG G 38 -22.05 -41.09 -24.03
C ARG G 38 -22.63 -42.45 -24.42
N LEU G 39 -23.83 -42.72 -23.93
CA LEU G 39 -24.59 -43.96 -24.19
C LEU G 39 -25.01 -43.98 -25.66
N LEU G 40 -24.57 -44.98 -26.42
CA LEU G 40 -25.04 -45.27 -27.79
C LEU G 40 -26.30 -46.13 -27.69
N GLN G 41 -26.20 -47.23 -26.96
CA GLN G 41 -27.33 -48.17 -26.70
C GLN G 41 -26.93 -49.14 -25.58
N VAL G 42 -27.83 -49.43 -24.66
CA VAL G 42 -27.63 -50.49 -23.63
C VAL G 42 -28.99 -50.88 -23.07
N SER G 43 -29.14 -52.11 -22.59
CA SER G 43 -30.38 -52.59 -21.92
C SER G 43 -30.20 -52.56 -20.41
N TRP G 44 -29.08 -53.11 -19.92
CA TRP G 44 -28.67 -52.98 -18.50
C TRP G 44 -27.97 -51.62 -18.33
N LEU G 45 -28.76 -50.55 -18.18
CA LEU G 45 -28.28 -49.18 -17.86
C LEU G 45 -28.06 -49.13 -16.35
N ASP G 46 -26.81 -48.92 -15.94
CA ASP G 46 -26.42 -48.92 -14.50
C ASP G 46 -25.13 -48.11 -14.35
N CYS G 47 -25.22 -47.01 -13.58
CA CYS G 47 -24.11 -46.09 -13.29
C CYS G 47 -24.12 -45.82 -11.77
N ARG G 48 -23.04 -46.17 -11.09
CA ARG G 48 -22.88 -46.06 -9.62
C ARG G 48 -21.53 -45.42 -9.29
N TRP G 49 -21.55 -44.31 -8.56
CA TRP G 49 -20.36 -43.79 -7.86
C TRP G 49 -20.35 -44.40 -6.45
N SER G 50 -19.19 -44.85 -5.99
CA SER G 50 -18.98 -45.32 -4.60
C SER G 50 -18.07 -44.32 -3.87
N MET G 51 -18.54 -43.73 -2.78
CA MET G 51 -17.72 -42.88 -1.89
C MET G 51 -17.97 -43.31 -0.45
N ASP G 52 -17.02 -43.07 0.45
CA ASP G 52 -17.17 -43.44 1.88
C ASP G 52 -17.84 -42.27 2.63
N ALA G 53 -18.67 -42.57 3.62
CA ALA G 53 -19.37 -41.61 4.49
C ALA G 53 -18.36 -40.67 5.16
N SER G 54 -17.17 -41.18 5.51
CA SER G 54 -16.11 -40.38 6.17
C SER G 54 -15.58 -39.30 5.21
N ASP G 55 -15.83 -39.41 3.90
CA ASP G 55 -15.56 -38.33 2.91
C ASP G 55 -16.41 -37.09 3.21
N PHE G 56 -17.50 -37.25 3.96
CA PHE G 56 -18.57 -36.24 4.11
C PHE G 56 -18.63 -35.77 5.56
N LYS G 57 -19.20 -34.59 5.79
CA LYS G 57 -19.42 -34.03 7.15
C LYS G 57 -20.73 -34.60 7.72
N GLN G 58 -20.75 -34.88 9.02
CA GLN G 58 -21.97 -35.40 9.70
C GLN G 58 -22.89 -34.24 10.09
N ASP G 59 -24.11 -34.54 10.52
CA ASP G 59 -25.11 -33.60 11.11
C ASP G 59 -25.39 -32.44 10.14
N ILE G 60 -25.33 -32.72 8.85
CA ILE G 60 -25.64 -31.74 7.78
C ILE G 60 -26.29 -32.47 6.60
N TRP G 61 -27.34 -31.85 6.05
CA TRP G 61 -28.16 -32.36 4.92
C TRP G 61 -27.42 -32.12 3.60
N TYR G 62 -27.13 -33.22 2.90
CA TYR G 62 -26.53 -33.23 1.54
C TYR G 62 -27.65 -33.50 0.53
N ASN G 63 -27.58 -32.87 -0.65
CA ASN G 63 -28.36 -33.30 -1.83
C ASN G 63 -27.38 -33.70 -2.93
N ALA G 64 -27.77 -34.66 -3.77
CA ALA G 64 -26.96 -35.18 -4.89
C ALA G 64 -27.74 -35.03 -6.20
N SER G 65 -27.05 -34.59 -7.24
CA SER G 65 -27.59 -34.44 -8.61
C SER G 65 -26.65 -35.12 -9.63
N VAL G 66 -27.19 -35.54 -10.77
CA VAL G 66 -26.42 -36.04 -11.93
C VAL G 66 -26.75 -35.17 -13.14
N GLU G 67 -25.75 -34.50 -13.73
CA GLU G 67 -25.95 -33.61 -14.90
C GLU G 67 -25.82 -34.45 -16.18
N VAL G 68 -26.85 -34.44 -17.02
CA VAL G 68 -26.96 -35.28 -18.25
C VAL G 68 -27.47 -34.42 -19.40
N MET G 69 -27.40 -34.97 -20.62
CA MET G 69 -27.92 -34.38 -21.88
C MET G 69 -28.49 -35.54 -22.72
N LEU G 70 -29.69 -35.38 -23.24
CA LEU G 70 -30.26 -36.32 -24.24
C LEU G 70 -29.83 -35.83 -25.63
N THR G 71 -29.42 -36.73 -26.52
CA THR G 71 -29.05 -36.39 -27.92
C THR G 71 -30.30 -36.38 -28.79
N SER G 72 -30.18 -35.92 -30.05
CA SER G 72 -31.24 -35.95 -31.08
C SER G 72 -31.65 -37.40 -31.40
N ASN G 73 -30.79 -38.36 -31.06
CA ASN G 73 -30.93 -39.80 -31.38
C ASN G 73 -31.53 -40.54 -30.18
N ALA G 74 -31.98 -39.82 -29.13
CA ALA G 74 -32.48 -40.42 -27.87
C ALA G 74 -33.72 -41.28 -28.16
N SER G 75 -33.88 -42.37 -27.41
CA SER G 75 -34.99 -43.36 -27.53
C SER G 75 -34.90 -44.35 -26.37
N GLY G 76 -36.01 -45.05 -26.08
CA GLY G 76 -36.12 -46.05 -25.02
C GLY G 76 -36.32 -45.46 -23.63
N TRP G 77 -36.65 -44.17 -23.53
CA TRP G 77 -36.76 -43.45 -22.23
C TRP G 77 -38.19 -43.41 -21.72
N ASN G 78 -39.09 -44.14 -22.41
CA ASN G 78 -40.51 -44.27 -21.98
C ASN G 78 -40.57 -45.30 -20.86
N VAL G 79 -39.53 -45.38 -20.03
CA VAL G 79 -39.45 -46.26 -18.83
C VAL G 79 -39.02 -45.41 -17.64
N PRO G 80 -39.30 -45.87 -16.41
CA PRO G 80 -38.79 -45.19 -15.21
C PRO G 80 -37.28 -45.39 -15.08
N LEU G 81 -36.49 -44.30 -15.18
CA LEU G 81 -35.06 -44.27 -14.75
C LEU G 81 -35.02 -44.19 -13.23
N HIS G 82 -34.60 -45.27 -12.57
CA HIS G 82 -34.54 -45.39 -11.09
C HIS G 82 -33.32 -44.61 -10.59
N LEU G 83 -33.52 -43.80 -9.56
CA LEU G 83 -32.50 -42.95 -8.89
C LEU G 83 -32.33 -43.43 -7.45
N GLU G 84 -31.09 -43.57 -6.99
CA GLU G 84 -30.81 -44.31 -5.73
C GLU G 84 -29.57 -43.72 -5.04
N ILE G 85 -29.72 -43.44 -3.75
CA ILE G 85 -28.60 -43.24 -2.79
C ILE G 85 -28.71 -44.37 -1.76
N GLU G 86 -27.70 -45.24 -1.69
CA GLU G 86 -27.61 -46.31 -0.67
C GLU G 86 -26.65 -45.83 0.42
N LEU G 87 -27.12 -45.84 1.67
CA LEU G 87 -26.32 -45.46 2.86
C LEU G 87 -25.65 -46.69 3.42
N PRO G 88 -24.66 -46.56 4.32
CA PRO G 88 -23.88 -47.70 4.78
C PRO G 88 -24.68 -48.74 5.56
N ASP G 89 -25.78 -48.34 6.22
CA ASP G 89 -26.66 -49.26 6.99
C ASP G 89 -27.43 -50.20 6.05
N GLY G 90 -27.49 -49.90 4.74
CA GLY G 90 -28.18 -50.72 3.71
C GLY G 90 -29.43 -50.03 3.18
N SER G 91 -29.91 -48.99 3.88
CA SER G 91 -31.15 -48.22 3.56
C SER G 91 -30.93 -47.38 2.29
N LYS G 92 -32.02 -46.99 1.62
CA LYS G 92 -32.00 -46.45 0.23
C LYS G 92 -32.98 -45.30 0.07
N GLN G 93 -32.55 -44.17 -0.49
CA GLN G 93 -33.42 -43.09 -1.01
C GLN G 93 -33.77 -43.41 -2.46
N GLU G 94 -34.95 -43.98 -2.68
CA GLU G 94 -35.43 -44.44 -4.02
C GLU G 94 -36.39 -43.37 -4.57
N SER G 95 -36.15 -42.93 -5.80
CA SER G 95 -37.02 -42.03 -6.58
C SER G 95 -36.89 -42.45 -8.06
N GLN G 96 -37.68 -41.86 -8.95
CA GLN G 96 -37.56 -42.13 -10.41
C GLN G 96 -37.85 -40.86 -11.21
N ILE G 97 -37.41 -40.86 -12.46
CA ILE G 97 -37.72 -39.80 -13.46
C ILE G 97 -37.91 -40.48 -14.83
N VAL G 98 -38.75 -39.88 -15.67
CA VAL G 98 -39.05 -40.34 -17.05
C VAL G 98 -38.44 -39.32 -17.99
N LEU G 99 -37.53 -39.73 -18.87
CA LEU G 99 -36.72 -38.78 -19.68
C LEU G 99 -37.36 -38.57 -21.04
N ALA G 100 -38.40 -39.35 -21.37
CA ALA G 100 -39.08 -39.28 -22.69
C ALA G 100 -39.60 -37.85 -22.93
N GLY G 101 -39.44 -37.38 -24.16
CA GLY G 101 -39.98 -36.08 -24.66
C GLY G 101 -39.44 -34.89 -23.91
N ARG G 102 -38.20 -34.95 -23.41
CA ARG G 102 -37.51 -33.76 -22.86
C ARG G 102 -36.80 -33.04 -24.03
N GLN G 103 -36.40 -31.80 -23.85
CA GLN G 103 -35.59 -31.06 -24.85
C GLN G 103 -34.25 -31.79 -25.01
N PRO G 104 -33.82 -32.11 -26.25
CA PRO G 104 -32.47 -32.62 -26.49
C PRO G 104 -31.43 -31.50 -26.55
N ASN G 105 -30.16 -31.85 -26.31
CA ASN G 105 -28.97 -30.97 -26.55
C ASN G 105 -28.95 -29.81 -25.53
N VAL G 106 -29.57 -29.99 -24.35
CA VAL G 106 -29.37 -29.06 -23.18
C VAL G 106 -29.03 -29.90 -21.95
N TRP G 107 -28.03 -29.46 -21.20
CA TRP G 107 -27.67 -30.02 -19.87
C TRP G 107 -28.79 -29.71 -18.87
N PHE G 108 -29.19 -30.71 -18.08
CA PHE G 108 -30.14 -30.57 -16.97
C PHE G 108 -29.66 -31.46 -15.82
N LYS G 109 -29.99 -31.05 -14.59
CA LYS G 109 -29.55 -31.71 -13.35
C LYS G 109 -30.71 -32.55 -12.82
N ILE G 110 -30.55 -33.87 -12.82
CA ILE G 110 -31.48 -34.85 -12.21
C ILE G 110 -31.15 -34.92 -10.72
N PRO G 111 -32.07 -34.53 -9.81
CA PRO G 111 -31.85 -34.75 -8.38
C PRO G 111 -32.02 -36.25 -8.11
N ILE G 112 -31.10 -36.87 -7.35
CA ILE G 112 -31.14 -38.33 -7.05
C ILE G 112 -31.34 -38.56 -5.56
N GLY G 113 -31.62 -37.52 -4.79
CA GLY G 113 -32.07 -37.63 -3.38
C GLY G 113 -31.25 -36.79 -2.43
N LYS G 114 -31.55 -36.95 -1.13
CA LYS G 114 -30.95 -36.21 0.01
C LYS G 114 -30.52 -37.23 1.05
N PHE G 115 -29.52 -36.91 1.86
CA PHE G 115 -29.05 -37.79 2.96
C PHE G 115 -28.40 -36.93 4.04
N ILE G 116 -28.37 -37.46 5.26
CA ILE G 116 -27.66 -36.86 6.42
C ILE G 116 -26.98 -38.00 7.19
N LEU G 117 -25.84 -37.74 7.83
CA LEU G 117 -25.04 -38.77 8.53
C LEU G 117 -25.01 -38.50 10.04
N ARG G 118 -25.08 -39.57 10.85
CA ARG G 118 -25.00 -39.57 12.33
C ARG G 118 -24.10 -40.76 12.73
N SER G 123 -18.96 -43.38 8.58
CA SER G 123 -18.06 -44.51 8.23
C SER G 123 -18.81 -45.60 7.41
N GLY G 124 -18.32 -45.92 6.19
CA GLY G 124 -18.86 -46.96 5.29
C GLY G 124 -19.27 -46.44 3.92
N THR G 125 -19.46 -47.33 2.94
CA THR G 125 -19.77 -46.99 1.53
C THR G 125 -21.15 -46.30 1.40
N ILE G 126 -21.18 -45.16 0.69
CA ILE G 126 -22.41 -44.52 0.14
C ILE G 126 -22.38 -44.68 -1.38
N ARG G 127 -23.46 -45.20 -1.97
CA ARG G 127 -23.62 -45.42 -3.44
C ARG G 127 -24.60 -44.38 -4.00
N PHE G 128 -24.18 -43.66 -5.03
CA PHE G 128 -24.99 -42.69 -5.80
C PHE G 128 -25.11 -43.22 -7.22
N GLY G 129 -26.32 -43.33 -7.75
CA GLY G 129 -26.49 -43.90 -9.09
C GLY G 129 -27.89 -43.80 -9.66
N PHE G 130 -28.02 -44.25 -10.90
CA PHE G 130 -29.28 -44.39 -11.64
C PHE G 130 -29.16 -45.67 -12.44
N TYR G 131 -30.29 -46.30 -12.71
CA TYR G 131 -30.33 -47.59 -13.43
C TYR G 131 -31.71 -47.81 -14.05
N ASN G 132 -31.73 -48.57 -15.14
CA ASN G 132 -32.90 -49.27 -15.69
C ASN G 132 -32.45 -50.58 -16.34
N HIS G 133 -32.99 -51.69 -15.86
CA HIS G 133 -32.55 -53.07 -16.10
C HIS G 133 -33.50 -53.78 -17.08
N GLU G 134 -34.50 -53.08 -17.61
CA GLU G 134 -35.52 -53.67 -18.50
C GLU G 134 -34.88 -54.01 -19.84
N GLY G 135 -35.52 -54.91 -20.60
CA GLY G 135 -34.99 -55.52 -21.83
C GLY G 135 -35.03 -54.61 -23.04
N ASN G 136 -35.55 -53.38 -22.92
CA ASN G 136 -35.54 -52.40 -24.04
C ASN G 136 -34.15 -51.74 -24.12
N TRP G 137 -33.88 -51.08 -25.24
CA TRP G 137 -32.62 -50.35 -25.51
C TRP G 137 -32.80 -48.88 -25.13
N LYS G 138 -32.02 -48.41 -24.15
CA LYS G 138 -31.83 -46.97 -23.88
C LYS G 138 -30.72 -46.46 -24.80
N ARG G 139 -30.90 -45.28 -25.38
CA ARG G 139 -30.00 -44.66 -26.39
C ARG G 139 -29.89 -43.16 -26.12
N GLY G 140 -28.70 -42.59 -26.32
CA GLY G 140 -28.51 -41.14 -26.50
C GLY G 140 -28.63 -40.36 -25.19
N LEU G 141 -28.09 -40.89 -24.08
CA LEU G 141 -27.87 -40.13 -22.82
C LEU G 141 -26.38 -39.86 -22.65
N ASN G 142 -26.00 -38.60 -22.51
CA ASN G 142 -24.62 -38.16 -22.21
C ASN G 142 -24.58 -37.75 -20.74
N ILE G 143 -23.60 -38.24 -19.98
CA ILE G 143 -23.43 -38.00 -18.52
C ILE G 143 -22.21 -37.11 -18.33
N ARG G 144 -22.38 -36.00 -17.62
CA ARG G 144 -21.26 -35.06 -17.33
C ARG G 144 -20.68 -35.34 -15.94
N THR G 145 -21.48 -35.29 -14.88
CA THR G 145 -20.95 -35.35 -13.49
C THR G 145 -22.04 -35.60 -12.44
N LEU G 146 -21.66 -36.29 -11.36
CA LEU G 146 -22.41 -36.34 -10.08
C LEU G 146 -21.96 -35.13 -9.25
N ALA G 147 -22.91 -34.34 -8.73
CA ALA G 147 -22.65 -33.21 -7.81
C ALA G 147 -23.20 -33.56 -6.42
N ILE G 148 -22.43 -33.34 -5.38
CA ILE G 148 -22.87 -33.51 -3.97
C ILE G 148 -22.70 -32.16 -3.26
N GLN G 149 -23.79 -31.64 -2.69
CA GLN G 149 -23.95 -30.24 -2.17
C GLN G 149 -24.57 -30.29 -0.77
N ALA G 150 -24.41 -29.22 0.03
CA ALA G 150 -24.84 -29.15 1.45
C ALA G 150 -25.20 -27.72 1.88
N SER H 1 -7.21 -37.26 -17.36
CA SER H 1 -8.66 -36.83 -17.21
C SER H 1 -9.15 -36.78 -15.75
N THR H 2 -9.98 -35.79 -15.41
CA THR H 2 -10.37 -35.44 -14.01
C THR H 2 -11.42 -36.43 -13.49
N HIS H 3 -11.15 -37.06 -12.34
CA HIS H 3 -12.04 -38.07 -11.68
C HIS H 3 -12.90 -37.38 -10.61
N TYR H 4 -12.29 -36.55 -9.75
CA TYR H 4 -12.99 -35.80 -8.68
C TYR H 4 -12.47 -34.37 -8.61
N LEU H 5 -13.39 -33.41 -8.48
CA LEU H 5 -13.11 -32.07 -7.91
C LEU H 5 -13.71 -32.06 -6.51
N ALA H 6 -12.94 -31.63 -5.51
CA ALA H 6 -13.40 -31.47 -4.12
C ALA H 6 -13.15 -30.02 -3.72
N PHE H 7 -14.19 -29.33 -3.26
CA PHE H 7 -14.17 -27.88 -2.95
C PHE H 7 -13.85 -27.69 -1.48
N PRO H 8 -13.24 -26.55 -1.08
CA PRO H 8 -12.70 -26.40 0.27
C PRO H 8 -13.70 -26.63 1.41
N ARG H 9 -15.00 -26.44 1.19
CA ARG H 9 -16.04 -26.76 2.21
C ARG H 9 -15.98 -28.24 2.62
N ALA H 10 -15.57 -29.15 1.73
CA ALA H 10 -15.45 -30.61 2.00
C ALA H 10 -14.20 -30.92 2.82
N SER H 11 -13.29 -29.94 2.96
CA SER H 11 -11.98 -30.03 3.66
C SER H 11 -12.12 -29.55 5.11
N THR H 12 -11.13 -29.87 5.94
CA THR H 12 -10.94 -29.31 7.30
C THR H 12 -9.89 -28.20 7.21
N ILE H 13 -10.24 -27.00 7.67
CA ILE H 13 -9.32 -25.83 7.66
C ILE H 13 -9.25 -25.30 9.09
N THR H 14 -8.07 -25.34 9.69
CA THR H 14 -7.84 -24.75 11.04
C THR H 14 -8.24 -23.27 10.96
N TRP H 15 -9.12 -22.87 11.86
CA TRP H 15 -9.71 -21.51 11.99
C TRP H 15 -10.61 -21.20 10.78
N GLY H 16 -11.04 -22.21 10.03
CA GLY H 16 -11.84 -22.04 8.81
C GLY H 16 -13.13 -21.24 9.04
N ASP H 17 -13.74 -21.42 10.20
CA ASP H 17 -15.10 -20.89 10.54
C ASP H 17 -14.96 -19.55 11.26
N ASP H 18 -13.73 -19.10 11.54
CA ASP H 18 -13.39 -17.87 12.28
C ASP H 18 -13.08 -16.73 11.31
N THR H 19 -13.97 -15.75 11.18
CA THR H 19 -13.93 -14.67 10.16
C THR H 19 -12.84 -13.62 10.47
N ARG H 20 -12.11 -13.76 11.56
CA ARG H 20 -10.85 -12.99 11.83
C ARG H 20 -9.73 -13.45 10.92
N TYR H 21 -9.79 -14.70 10.45
CA TYR H 21 -8.64 -15.41 9.83
C TYR H 21 -9.01 -15.89 8.42
N TRP H 22 -10.17 -16.53 8.26
CA TRP H 22 -10.67 -17.06 6.96
C TRP H 22 -12.00 -16.42 6.60
N SER H 23 -12.32 -16.33 5.31
CA SER H 23 -13.65 -15.93 4.81
C SER H 23 -14.05 -16.87 3.68
N TRP H 24 -15.33 -16.85 3.34
CA TRP H 24 -15.91 -17.65 2.24
C TRP H 24 -16.70 -16.73 1.32
N ALA H 25 -16.70 -17.04 0.04
CA ALA H 25 -17.43 -16.25 -0.97
C ALA H 25 -18.04 -17.21 -1.98
N THR H 26 -19.34 -17.05 -2.22
CA THR H 26 -20.13 -17.86 -3.18
C THR H 26 -19.76 -17.36 -4.57
N VAL H 27 -19.39 -18.27 -5.48
CA VAL H 27 -19.14 -17.94 -6.91
C VAL H 27 -19.67 -19.08 -7.75
N ASP H 28 -19.80 -18.84 -9.06
CA ASP H 28 -20.22 -19.86 -10.05
C ASP H 28 -18.98 -20.55 -10.63
N PHE H 29 -19.06 -21.87 -10.80
CA PHE H 29 -18.01 -22.71 -11.44
C PHE H 29 -18.69 -23.66 -12.43
N CYS H 30 -18.85 -23.28 -13.69
CA CYS H 30 -19.53 -24.13 -14.72
C CYS H 30 -20.91 -24.55 -14.22
N SER H 31 -21.79 -23.60 -13.92
CA SER H 31 -23.19 -23.87 -13.50
C SER H 31 -23.28 -24.29 -12.04
N TYR H 32 -22.17 -24.51 -11.38
CA TYR H 32 -22.28 -25.04 -10.00
C TYR H 32 -21.85 -23.96 -8.99
N ALA H 33 -22.68 -23.75 -7.98
CA ALA H 33 -22.39 -22.86 -6.83
C ALA H 33 -21.30 -23.53 -5.98
N ILE H 34 -20.15 -22.87 -5.85
CA ILE H 34 -19.05 -23.28 -4.94
C ILE H 34 -18.74 -22.11 -4.02
N GLU H 35 -18.04 -22.39 -2.93
CA GLU H 35 -17.53 -21.35 -2.01
C GLU H 35 -16.00 -21.46 -2.00
N GLU H 36 -15.33 -20.38 -2.45
CA GLU H 36 -13.87 -20.20 -2.32
C GLU H 36 -13.53 -19.94 -0.86
N ALA H 37 -12.52 -20.62 -0.34
CA ALA H 37 -11.89 -20.32 0.97
C ALA H 37 -10.83 -19.23 0.75
N ARG H 38 -11.03 -18.07 1.37
CA ARG H 38 -10.20 -16.85 1.16
C ARG H 38 -9.52 -16.51 2.48
N LEU H 39 -8.23 -16.83 2.56
CA LEU H 39 -7.39 -16.57 3.75
C LEU H 39 -7.18 -15.06 3.88
N LEU H 40 -7.60 -14.47 4.99
CA LEU H 40 -7.28 -13.07 5.38
C LEU H 40 -5.90 -13.07 6.07
N GLN H 41 -5.76 -13.90 7.10
CA GLN H 41 -4.51 -14.06 7.89
C GLN H 41 -4.64 -15.30 8.78
N VAL H 42 -3.59 -16.11 8.88
CA VAL H 42 -3.53 -17.25 9.85
C VAL H 42 -2.06 -17.63 10.02
N SER H 43 -1.70 -18.19 11.17
CA SER H 43 -0.33 -18.70 11.45
C SER H 43 -0.30 -20.21 11.29
N TRP H 44 -1.28 -20.90 11.90
CA TRP H 44 -1.49 -22.35 11.66
C TRP H 44 -2.33 -22.50 10.39
N LEU H 45 -1.67 -22.45 9.23
CA LEU H 45 -2.26 -22.72 7.89
C LEU H 45 -2.29 -24.23 7.71
N ASP H 46 -3.49 -24.80 7.61
CA ASP H 46 -3.69 -26.28 7.45
C ASP H 46 -5.02 -26.54 6.76
N CYS H 47 -4.97 -27.17 5.59
CA CYS H 47 -6.13 -27.54 4.76
C CYS H 47 -5.96 -28.99 4.32
N ARG H 48 -6.89 -29.87 4.72
CA ARG H 48 -6.86 -31.33 4.46
C ARG H 48 -8.22 -31.81 3.94
N TRP H 49 -8.24 -32.41 2.76
CA TRP H 49 -9.37 -33.24 2.30
C TRP H 49 -9.11 -34.68 2.76
N SER H 50 -10.14 -35.36 3.28
CA SER H 50 -10.09 -36.80 3.60
C SER H 50 -11.00 -37.59 2.65
N MET H 51 -10.44 -38.53 1.89
CA MET H 51 -11.21 -39.45 1.03
C MET H 51 -10.70 -40.87 1.24
N ASP H 52 -11.51 -41.88 0.99
CA ASP H 52 -11.13 -43.31 1.18
C ASP H 52 -10.54 -43.82 -0.13
N ALA H 53 -9.54 -44.71 -0.04
CA ALA H 53 -8.90 -45.38 -1.20
C ALA H 53 -9.93 -46.10 -2.06
N SER H 54 -10.97 -46.66 -1.45
CA SER H 54 -12.04 -47.40 -2.17
C SER H 54 -12.85 -46.42 -3.04
N ASP H 55 -12.76 -45.12 -2.82
CA ASP H 55 -13.33 -44.09 -3.74
C ASP H 55 -12.64 -44.14 -5.11
N PHE H 56 -11.46 -44.74 -5.19
CA PHE H 56 -10.55 -44.63 -6.37
C PHE H 56 -10.37 -46.01 -6.99
N LYS H 57 -10.02 -46.04 -8.26
CA LYS H 57 -9.77 -47.29 -9.02
C LYS H 57 -8.32 -47.75 -8.80
N GLN H 58 -8.09 -49.04 -8.71
CA GLN H 58 -6.75 -49.63 -8.44
C GLN H 58 -5.96 -49.75 -9.75
N ASP H 59 -4.66 -50.06 -9.64
CA ASP H 59 -3.74 -50.38 -10.76
C ASP H 59 -3.67 -49.22 -11.75
N ILE H 60 -3.86 -47.99 -11.28
CA ILE H 60 -3.79 -46.77 -12.14
C ILE H 60 -3.22 -45.60 -11.31
N TRP H 61 -2.34 -44.83 -11.94
CA TRP H 61 -1.62 -43.67 -11.34
C TRP H 61 -2.54 -42.46 -11.31
N TYR H 62 -2.80 -41.96 -10.11
CA TYR H 62 -3.57 -40.71 -9.86
C TYR H 62 -2.57 -39.58 -9.56
N ASN H 63 -2.85 -38.39 -10.06
CA ASN H 63 -2.16 -37.16 -9.61
C ASN H 63 -3.21 -36.23 -9.01
N ALA H 64 -2.80 -35.44 -8.01
CA ALA H 64 -3.66 -34.50 -7.27
C ALA H 64 -3.05 -33.09 -7.36
N SER H 65 -3.91 -32.11 -7.63
CA SER H 65 -3.54 -30.68 -7.67
C SER H 65 -4.53 -29.86 -6.80
N VAL H 66 -4.07 -28.71 -6.30
CA VAL H 66 -4.93 -27.71 -5.59
C VAL H 66 -4.87 -26.38 -6.36
N GLU H 67 -6.01 -25.89 -6.84
CA GLU H 67 -6.09 -24.63 -7.62
C GLU H 67 -6.27 -23.45 -6.64
N VAL H 68 -5.36 -22.48 -6.67
CA VAL H 68 -5.29 -21.34 -5.72
C VAL H 68 -5.04 -20.05 -6.50
N MET H 69 -5.20 -18.92 -5.82
CA MET H 69 -4.93 -17.55 -6.32
C MET H 69 -4.35 -16.75 -5.14
N LEU H 70 -3.25 -16.02 -5.38
CA LEU H 70 -2.73 -15.03 -4.41
C LEU H 70 -3.44 -13.69 -4.68
N THR H 71 -3.87 -12.96 -3.64
CA THR H 71 -4.46 -11.60 -3.77
C THR H 71 -3.34 -10.55 -3.80
N SER H 72 -3.70 -9.31 -4.10
CA SER H 72 -2.82 -8.11 -4.06
C SER H 72 -2.28 -7.89 -2.64
N ASN H 73 -2.94 -8.45 -1.64
CA ASN H 73 -2.65 -8.27 -0.19
C ASN H 73 -1.80 -9.44 0.33
N ALA H 74 -1.31 -10.31 -0.55
CA ALA H 74 -0.55 -11.53 -0.19
C ALA H 74 0.73 -11.14 0.56
N SER H 75 1.13 -11.96 1.54
CA SER H 75 2.32 -11.76 2.40
C SER H 75 2.51 -13.01 3.28
N GLY H 76 3.72 -13.19 3.80
CA GLY H 76 4.10 -14.31 4.68
C GLY H 76 4.43 -15.57 3.90
N TRP H 77 4.60 -15.50 2.58
CA TRP H 77 4.80 -16.69 1.72
C TRP H 77 6.29 -16.91 1.46
N ASN H 78 7.16 -16.18 2.17
CA ASN H 78 8.64 -16.38 2.11
C ASN H 78 9.01 -17.62 2.94
N VAL H 79 8.06 -18.56 3.11
CA VAL H 79 8.25 -19.82 3.86
C VAL H 79 7.81 -20.97 2.97
N PRO H 80 8.32 -22.20 3.23
CA PRO H 80 7.88 -23.37 2.46
C PRO H 80 6.43 -23.75 2.82
N LEU H 81 5.52 -23.65 1.84
CA LEU H 81 4.17 -24.28 1.91
C LEU H 81 4.34 -25.78 1.66
N HIS H 82 4.16 -26.60 2.71
CA HIS H 82 4.31 -28.07 2.66
C HIS H 82 3.09 -28.68 1.98
N LEU H 83 3.33 -29.60 1.05
CA LEU H 83 2.32 -30.33 0.25
C LEU H 83 2.41 -31.80 0.61
N GLU H 84 1.27 -32.46 0.84
CA GLU H 84 1.24 -33.79 1.48
C GLU H 84 0.05 -34.62 0.97
N ILE H 85 0.35 -35.84 0.55
CA ILE H 85 -0.63 -36.96 0.39
C ILE H 85 -0.25 -38.03 1.42
N GLU H 86 -1.13 -38.30 2.37
CA GLU H 86 -0.94 -39.39 3.37
C GLU H 86 -1.77 -40.59 2.92
N LEU H 87 -1.12 -41.74 2.76
CA LEU H 87 -1.77 -43.01 2.36
C LEU H 87 -2.20 -43.75 3.63
N PRO H 88 -3.04 -44.79 3.51
CA PRO H 88 -3.63 -45.44 4.69
C PRO H 88 -2.60 -46.12 5.61
N ASP H 89 -1.47 -46.58 5.06
CA ASP H 89 -0.39 -47.26 5.82
C ASP H 89 0.34 -46.25 6.74
N GLY H 90 0.17 -44.94 6.52
CA GLY H 90 0.79 -43.87 7.32
C GLY H 90 1.88 -43.12 6.54
N SER H 91 2.32 -43.68 5.41
CA SER H 91 3.40 -43.14 4.53
C SER H 91 2.90 -41.87 3.83
N LYS H 92 3.83 -41.02 3.37
CA LYS H 92 3.54 -39.62 2.94
C LYS H 92 4.33 -39.27 1.68
N GLN H 93 3.66 -38.65 0.70
CA GLN H 93 4.31 -37.98 -0.45
C GLN H 93 4.51 -36.51 -0.03
N GLU H 94 5.73 -36.16 0.42
CA GLU H 94 6.07 -34.81 0.93
C GLU H 94 6.80 -34.04 -0.17
N SER H 95 6.33 -32.83 -0.45
CA SER H 95 6.98 -31.85 -1.36
C SER H 95 6.70 -30.46 -0.78
N GLN H 96 7.29 -29.40 -1.33
CA GLN H 96 7.03 -28.02 -0.87
C GLN H 96 7.11 -27.06 -2.06
N ILE H 97 6.53 -25.88 -1.90
CA ILE H 97 6.58 -24.77 -2.89
C ILE H 97 6.59 -23.45 -2.10
N VAL H 98 7.23 -22.44 -2.69
CA VAL H 98 7.39 -21.07 -2.14
C VAL H 98 6.55 -20.16 -3.03
N LEU H 99 5.58 -19.46 -2.44
CA LEU H 99 4.54 -18.72 -3.20
C LEU H 99 4.97 -17.26 -3.33
N ALA H 100 6.02 -16.84 -2.62
CA ALA H 100 6.47 -15.42 -2.59
C ALA H 100 6.76 -14.93 -4.01
N GLY H 101 6.35 -13.70 -4.31
CA GLY H 101 6.64 -12.99 -5.56
C GLY H 101 6.12 -13.70 -6.79
N ARG H 102 5.01 -14.44 -6.69
CA ARG H 102 4.29 -14.99 -7.87
C ARG H 102 3.28 -13.91 -8.30
N GLN H 103 2.79 -13.98 -9.53
CA GLN H 103 1.78 -12.98 -10.02
C GLN H 103 0.51 -13.17 -9.19
N PRO H 104 -0.07 -12.08 -8.64
CA PRO H 104 -1.36 -12.15 -8.00
C PRO H 104 -2.53 -12.11 -9.00
N ASN H 105 -3.70 -12.59 -8.56
CA ASN H 105 -4.99 -12.48 -9.28
C ASN H 105 -4.99 -13.37 -10.53
N VAL H 106 -4.19 -14.44 -10.57
CA VAL H 106 -4.36 -15.54 -11.59
C VAL H 106 -4.41 -16.88 -10.86
N TRP H 107 -5.35 -17.74 -11.28
CA TRP H 107 -5.45 -19.15 -10.83
C TRP H 107 -4.25 -19.94 -11.36
N PHE H 108 -3.64 -20.75 -10.51
CA PHE H 108 -2.57 -21.71 -10.87
C PHE H 108 -2.81 -22.98 -10.06
N LYS H 109 -2.41 -24.12 -10.64
CA LYS H 109 -2.60 -25.46 -10.07
C LYS H 109 -1.28 -25.92 -9.44
N ILE H 110 -1.27 -26.05 -8.11
CA ILE H 110 -0.13 -26.62 -7.35
C ILE H 110 -0.25 -28.13 -7.38
N PRO H 111 0.68 -28.87 -8.01
CA PRO H 111 0.65 -30.34 -7.92
C PRO H 111 1.07 -30.73 -6.51
N ILE H 112 0.36 -31.65 -5.86
CA ILE H 112 0.65 -32.07 -4.46
C ILE H 112 1.08 -33.54 -4.42
N GLY H 113 1.27 -34.18 -5.58
CA GLY H 113 1.87 -35.52 -5.66
C GLY H 113 1.02 -36.55 -6.40
N LYS H 114 1.47 -37.81 -6.36
CA LYS H 114 0.93 -38.95 -7.13
C LYS H 114 0.72 -40.13 -6.18
N PHE H 115 -0.18 -41.06 -6.53
CA PHE H 115 -0.40 -42.31 -5.77
C PHE H 115 -0.99 -43.36 -6.72
N ILE H 116 -0.83 -44.63 -6.37
CA ILE H 116 -1.44 -45.80 -7.07
C ILE H 116 -1.89 -46.80 -6.00
N LEU H 117 -2.95 -47.59 -6.25
CA LEU H 117 -3.46 -48.57 -5.26
C LEU H 117 -3.32 -50.00 -5.80
N ARG H 118 -2.99 -50.95 -4.92
CA ARG H 118 -2.79 -52.40 -5.17
C ARG H 118 -3.36 -53.19 -3.98
N SER H 123 -8.47 -49.61 0.15
CA SER H 123 -9.23 -49.49 1.43
C SER H 123 -8.46 -48.65 2.49
N GLY H 124 -9.08 -47.57 2.99
CA GLY H 124 -8.58 -46.73 4.11
C GLY H 124 -8.42 -45.25 3.71
N THR H 125 -8.27 -44.36 4.70
CA THR H 125 -8.26 -42.89 4.51
C THR H 125 -7.00 -42.46 3.73
N ILE H 126 -7.18 -41.64 2.69
CA ILE H 126 -6.13 -40.86 2.00
C ILE H 126 -6.37 -39.38 2.32
N ARG H 127 -5.32 -38.68 2.80
CA ARG H 127 -5.35 -37.23 3.11
C ARG H 127 -4.60 -36.45 2.03
N PHE H 128 -5.25 -35.44 1.45
CA PHE H 128 -4.67 -34.48 0.47
C PHE H 128 -4.70 -33.10 1.13
N GLY H 129 -3.57 -32.39 1.14
CA GLY H 129 -3.51 -31.11 1.85
C GLY H 129 -2.22 -30.34 1.66
N PHE H 130 -2.21 -29.15 2.24
CA PHE H 130 -1.05 -28.25 2.31
C PHE H 130 -1.11 -27.60 3.68
N TYR H 131 0.04 -27.20 4.22
CA TYR H 131 0.12 -26.60 5.57
C TYR H 131 1.42 -25.81 5.69
N ASN H 132 1.39 -24.81 6.58
CA ASN H 132 2.59 -24.18 7.20
C ASN H 132 2.20 -23.74 8.62
N HIS H 133 2.96 -24.24 9.61
CA HIS H 133 2.66 -24.19 11.06
C HIS H 133 3.54 -23.15 11.77
N GLU H 134 4.37 -22.42 11.02
CA GLU H 134 5.33 -21.44 11.59
C GLU H 134 4.54 -20.25 12.15
N GLY H 135 5.19 -19.48 13.04
CA GLY H 135 4.59 -18.40 13.84
C GLY H 135 4.38 -17.12 13.04
N ASN H 136 4.75 -17.06 11.77
CA ASN H 136 4.46 -15.88 10.90
C ASN H 136 3.00 -15.95 10.41
N TRP H 137 2.49 -14.83 9.91
CA TRP H 137 1.12 -14.70 9.36
C TRP H 137 1.18 -14.90 7.84
N LYS H 138 0.48 -15.94 7.36
CA LYS H 138 0.15 -16.12 5.94
C LYS H 138 -1.13 -15.34 5.64
N ARG H 139 -1.16 -14.63 4.51
CA ARG H 139 -2.26 -13.72 4.10
C ARG H 139 -2.52 -13.88 2.62
N GLY H 140 -3.77 -13.80 2.19
CA GLY H 140 -4.16 -13.53 0.79
C GLY H 140 -3.96 -14.72 -0.13
N LEU H 141 -4.29 -15.93 0.33
CA LEU H 141 -4.42 -17.15 -0.53
C LEU H 141 -5.90 -17.52 -0.65
N ASN H 142 -6.39 -17.58 -1.88
CA ASN H 142 -7.76 -18.03 -2.20
C ASN H 142 -7.66 -19.45 -2.76
N ILE H 143 -8.49 -20.36 -2.25
CA ILE H 143 -8.51 -21.80 -2.63
C ILE H 143 -9.78 -22.08 -3.41
N ARG H 144 -9.66 -22.66 -4.59
CA ARG H 144 -10.84 -23.01 -5.42
C ARG H 144 -11.19 -24.49 -5.24
N THR H 145 -10.27 -25.42 -5.49
CA THR H 145 -10.61 -26.87 -5.50
C THR H 145 -9.37 -27.77 -5.49
N LEU H 146 -9.52 -28.95 -4.89
CA LEU H 146 -8.62 -30.12 -5.07
C LEU H 146 -9.10 -30.89 -6.31
N ALA H 147 -8.20 -31.21 -7.24
CA ALA H 147 -8.49 -32.01 -8.45
C ALA H 147 -7.72 -33.32 -8.36
N ILE H 148 -8.39 -34.44 -8.63
CA ILE H 148 -7.78 -35.80 -8.65
C ILE H 148 -8.02 -36.38 -10.05
N GLN H 149 -6.93 -36.74 -10.74
CA GLN H 149 -6.88 -37.10 -12.17
C GLN H 149 -6.09 -38.41 -12.34
N ALA H 150 -6.26 -39.09 -13.48
CA ALA H 150 -5.68 -40.43 -13.77
C ALA H 150 -5.41 -40.61 -15.28
N SER I 1 27.68 -46.19 21.38
CA SER I 1 29.03 -45.52 21.53
C SER I 1 28.92 -44.00 21.76
N THR I 2 29.84 -43.45 22.58
CA THR I 2 29.85 -42.02 23.01
C THR I 2 30.36 -41.13 21.87
N HIS I 3 29.59 -40.10 21.51
CA HIS I 3 29.91 -39.11 20.44
C HIS I 3 30.58 -37.88 21.04
N TYR I 4 30.00 -37.33 22.11
CA TYR I 4 30.55 -36.13 22.82
C TYR I 4 30.45 -36.34 24.33
N LEU I 5 31.52 -35.98 25.04
CA LEU I 5 31.46 -35.61 26.47
C LEU I 5 31.60 -34.08 26.52
N ALA I 6 30.72 -33.42 27.26
CA ALA I 6 30.73 -31.97 27.47
C ALA I 6 30.78 -31.71 28.97
N PHE I 7 31.77 -30.93 29.42
CA PHE I 7 32.07 -30.70 30.86
C PHE I 7 31.37 -29.42 31.31
N PRO I 8 31.01 -29.31 32.60
CA PRO I 8 30.11 -28.24 33.05
C PRO I 8 30.59 -26.81 32.72
N ARG I 9 31.89 -26.59 32.57
CA ARG I 9 32.43 -25.26 32.13
C ARG I 9 31.83 -24.82 30.79
N ALA I 10 31.51 -25.77 29.89
CA ALA I 10 30.92 -25.51 28.55
C ALA I 10 29.43 -25.17 28.66
N SER I 11 28.84 -25.37 29.83
CA SER I 11 27.39 -25.15 30.14
C SER I 11 27.18 -23.75 30.74
N THR I 12 25.93 -23.31 30.79
CA THR I 12 25.46 -22.12 31.53
C THR I 12 24.84 -22.63 32.85
N ILE I 13 25.34 -22.14 33.97
CA ILE I 13 24.85 -22.48 35.32
C ILE I 13 24.48 -21.17 36.00
N THR I 14 23.20 -20.99 36.32
CA THR I 14 22.71 -19.85 37.11
C THR I 14 23.52 -19.81 38.41
N TRP I 15 24.14 -18.66 38.66
CA TRP I 15 25.00 -18.37 39.84
C TRP I 15 26.29 -19.22 39.79
N GLY I 16 26.65 -19.75 38.61
CA GLY I 16 27.83 -20.63 38.44
C GLY I 16 29.13 -19.99 38.91
N ASP I 17 29.27 -18.68 38.73
CA ASP I 17 30.53 -17.92 38.96
C ASP I 17 30.54 -17.33 40.37
N ASP I 18 29.43 -17.50 41.13
CA ASP I 18 29.20 -16.94 42.48
C ASP I 18 29.52 -18.00 43.55
N THR I 19 30.63 -17.83 44.28
CA THR I 19 31.21 -18.84 45.21
C THR I 19 30.39 -18.94 46.51
N ARG I 20 29.32 -18.16 46.66
CA ARG I 20 28.31 -18.34 47.75
C ARG I 20 27.46 -19.57 47.46
N TYR I 21 27.34 -19.98 46.20
CA TYR I 21 26.34 -20.94 45.71
C TYR I 21 27.01 -22.14 45.03
N TRP I 22 27.95 -21.88 44.12
CA TRP I 22 28.67 -22.91 43.33
C TRP I 22 30.18 -22.82 43.59
N SER I 23 30.89 -23.93 43.46
CA SER I 23 32.37 -23.97 43.47
C SER I 23 32.85 -24.89 42.35
N TRP I 24 34.13 -24.79 42.01
CA TRP I 24 34.78 -25.60 40.97
C TRP I 24 36.04 -26.23 41.55
N ALA I 25 36.39 -27.41 41.07
CA ALA I 25 37.59 -28.16 41.50
C ALA I 25 38.18 -28.85 40.26
N THR I 26 39.47 -28.67 40.07
CA THR I 26 40.25 -29.31 38.98
C THR I 26 40.46 -30.76 39.40
N VAL I 27 40.15 -31.72 38.51
CA VAL I 27 40.48 -33.16 38.72
C VAL I 27 40.92 -33.74 37.37
N ASP I 28 41.53 -34.91 37.41
CA ASP I 28 41.94 -35.67 36.21
C ASP I 28 40.82 -36.62 35.81
N PHE I 29 40.57 -36.73 34.50
CA PHE I 29 39.56 -37.64 33.88
C PHE I 29 40.24 -38.32 32.69
N CYS I 30 40.69 -39.56 32.85
CA CYS I 30 41.44 -40.33 31.82
C CYS I 30 42.47 -39.42 31.12
N SER I 31 43.28 -38.75 31.93
CA SER I 31 44.49 -37.98 31.50
C SER I 31 44.13 -36.54 31.11
N TYR I 32 42.84 -36.17 31.10
CA TYR I 32 42.38 -34.80 30.74
C TYR I 32 41.98 -34.03 32.00
N ALA I 33 42.49 -32.83 32.15
CA ALA I 33 42.11 -31.88 33.22
C ALA I 33 40.68 -31.40 32.92
N ILE I 34 39.75 -31.67 33.85
CA ILE I 34 38.36 -31.14 33.82
C ILE I 34 38.09 -30.43 35.14
N GLU I 35 37.03 -29.62 35.16
CA GLU I 35 36.57 -28.95 36.41
C GLU I 35 35.15 -29.45 36.72
N GLU I 36 34.99 -30.13 37.86
CA GLU I 36 33.68 -30.51 38.43
C GLU I 36 32.97 -29.25 38.95
N ALA I 37 31.70 -29.07 38.60
CA ALA I 37 30.81 -28.07 39.21
C ALA I 37 30.22 -28.66 40.49
N ARG I 38 30.50 -28.04 41.65
CA ARG I 38 30.14 -28.56 42.98
C ARG I 38 29.20 -27.55 43.63
N LEU I 39 27.92 -27.88 43.64
CA LEU I 39 26.84 -27.07 44.25
C LEU I 39 27.01 -27.07 45.77
N LEU I 40 27.19 -25.89 46.36
CA LEU I 40 27.14 -25.68 47.83
C LEU I 40 25.69 -25.49 48.24
N GLN I 41 25.01 -24.55 47.60
CA GLN I 41 23.58 -24.21 47.84
C GLN I 41 23.08 -23.30 46.72
N VAL I 42 21.88 -23.54 46.21
CA VAL I 42 21.21 -22.63 45.24
C VAL I 42 19.71 -22.95 45.25
N SER I 43 18.87 -21.97 44.92
CA SER I 43 17.40 -22.16 44.80
C SER I 43 17.01 -22.27 43.34
N TRP I 44 17.52 -21.36 42.51
CA TRP I 44 17.41 -21.46 41.04
C TRP I 44 18.54 -22.38 40.53
N LEU I 45 18.32 -23.69 40.63
CA LEU I 45 19.20 -24.74 40.06
C LEU I 45 18.87 -24.86 38.57
N ASP I 46 19.84 -24.54 37.71
CA ASP I 46 19.67 -24.54 36.25
C ASP I 46 21.04 -24.74 35.60
N CYS I 47 21.19 -25.84 34.86
CA CYS I 47 22.40 -26.20 34.10
C CYS I 47 21.98 -26.63 32.69
N ARG I 48 22.45 -25.90 31.67
CA ARG I 48 22.11 -26.09 30.24
C ARG I 48 23.40 -26.10 29.41
N TRP I 49 23.62 -27.18 28.66
CA TRP I 49 24.56 -27.19 27.52
C TRP I 49 23.78 -26.77 26.28
N SER I 50 24.34 -25.88 25.47
CA SER I 50 23.78 -25.50 24.15
C SER I 50 24.71 -26.02 23.05
N MET I 51 24.20 -26.88 22.17
CA MET I 51 24.96 -27.38 20.99
C MET I 51 24.02 -27.28 19.78
N ASP I 52 24.57 -27.17 18.57
CA ASP I 52 23.76 -27.08 17.33
C ASP I 52 23.50 -28.49 16.81
N ALA I 53 22.33 -28.72 16.22
CA ALA I 53 21.90 -30.00 15.61
C ALA I 53 22.91 -30.44 14.55
N SER I 54 23.52 -29.50 13.82
CA SER I 54 24.51 -29.80 12.76
C SER I 54 25.79 -30.39 13.39
N ASP I 55 25.99 -30.26 14.69
CA ASP I 55 27.07 -30.96 15.42
C ASP I 55 26.85 -32.48 15.39
N PHE I 56 25.63 -32.92 15.11
CA PHE I 56 25.17 -34.32 15.29
C PHE I 56 24.83 -34.91 13.94
N LYS I 57 24.80 -36.24 13.86
CA LYS I 57 24.38 -36.98 12.64
C LYS I 57 22.85 -37.11 12.63
N GLN I 58 22.22 -36.99 11.47
CA GLN I 58 20.75 -37.10 11.31
C GLN I 58 20.37 -38.57 11.17
N ASP I 59 19.09 -38.89 11.23
CA ASP I 59 18.48 -40.23 10.95
C ASP I 59 19.11 -41.30 11.85
N ILE I 60 19.48 -40.91 13.07
CA ILE I 60 20.05 -41.81 14.09
C ILE I 60 19.62 -41.33 15.49
N TRP I 61 19.24 -42.30 16.33
CA TRP I 61 18.76 -42.12 17.72
C TRP I 61 19.93 -41.85 18.66
N TYR I 62 19.93 -40.69 19.30
CA TYR I 62 20.88 -40.26 20.34
C TYR I 62 20.21 -40.42 21.71
N ASN I 63 20.98 -40.85 22.72
CA ASN I 63 20.57 -40.71 24.13
C ASN I 63 21.59 -39.81 24.83
N ALA I 64 21.14 -39.03 25.82
CA ALA I 64 21.95 -38.07 26.57
C ALA I 64 21.84 -38.38 28.07
N SER I 65 22.97 -38.33 28.76
CA SER I 65 23.06 -38.55 30.23
C SER I 65 23.91 -37.45 30.86
N VAL I 66 23.68 -37.17 32.15
CA VAL I 66 24.51 -36.26 32.98
C VAL I 66 25.05 -37.06 34.17
N GLU I 67 26.37 -37.16 34.31
CA GLU I 67 27.03 -37.91 35.41
C GLU I 67 27.22 -36.96 36.61
N VAL I 68 26.65 -37.34 37.76
CA VAL I 68 26.63 -36.51 39.00
C VAL I 68 26.99 -37.38 40.20
N MET I 69 27.24 -36.71 41.33
CA MET I 69 27.51 -37.34 42.65
C MET I 69 26.83 -36.45 43.71
N LEU I 70 26.09 -37.07 44.62
CA LEU I 70 25.57 -36.38 45.83
C LEU I 70 26.63 -36.48 46.92
N THR I 71 26.89 -35.40 47.66
CA THR I 71 27.83 -35.39 48.82
C THR I 71 27.10 -35.84 50.07
N SER I 72 27.85 -36.08 51.16
CA SER I 72 27.33 -36.44 52.51
C SER I 72 26.45 -35.29 53.05
N ASN I 73 26.62 -34.08 52.51
CA ASN I 73 25.97 -32.82 52.97
C ASN I 73 24.72 -32.56 52.12
N ALA I 74 24.31 -33.48 51.26
CA ALA I 74 23.21 -33.28 50.29
C ALA I 74 21.90 -33.02 51.05
N SER I 75 21.03 -32.19 50.48
CA SER I 75 19.72 -31.78 51.06
C SER I 75 18.94 -30.96 50.02
N GLY I 76 17.63 -30.87 50.19
CA GLY I 76 16.71 -30.12 49.30
C GLY I 76 16.31 -30.92 48.07
N TRP I 77 16.58 -32.22 48.03
CA TRP I 77 16.35 -33.06 46.81
C TRP I 77 15.01 -33.79 46.90
N ASN I 78 14.20 -33.45 47.90
CA ASN I 78 12.82 -33.97 48.06
C ASN I 78 11.90 -33.23 47.09
N VAL I 79 12.42 -32.80 45.94
CA VAL I 79 11.67 -32.13 44.85
C VAL I 79 11.97 -32.86 43.55
N PRO I 80 11.10 -32.72 42.53
CA PRO I 80 11.40 -33.24 41.21
C PRO I 80 12.51 -32.41 40.53
N LEU I 81 13.66 -33.02 40.26
CA LEU I 81 14.72 -32.47 39.35
C LEU I 81 14.25 -32.68 37.92
N HIS I 82 13.87 -31.59 37.23
CA HIS I 82 13.34 -31.62 35.85
C HIS I 82 14.51 -31.82 34.87
N LEU I 83 14.34 -32.74 33.92
CA LEU I 83 15.33 -33.13 32.88
C LEU I 83 14.75 -32.77 31.53
N GLU I 84 15.55 -32.16 30.66
CA GLU I 84 15.02 -31.51 29.44
C GLU I 84 16.04 -31.60 28.29
N ILE I 85 15.58 -32.05 27.13
CA ILE I 85 16.22 -31.83 25.81
C ILE I 85 15.26 -30.97 24.99
N GLU I 86 15.67 -29.75 24.63
CA GLU I 86 14.89 -28.85 23.75
C GLU I 86 15.47 -28.96 22.34
N LEU I 87 14.63 -29.30 21.37
CA LEU I 87 15.02 -29.42 19.95
C LEU I 87 14.82 -28.06 19.27
N PRO I 88 15.36 -27.85 18.07
CA PRO I 88 15.33 -26.54 17.42
C PRO I 88 13.92 -26.04 17.08
N ASP I 89 12.97 -26.95 16.84
CA ASP I 89 11.55 -26.58 16.51
C ASP I 89 10.83 -26.00 17.75
N GLY I 90 11.40 -26.16 18.96
CA GLY I 90 10.84 -25.63 20.23
C GLY I 90 10.30 -26.75 21.11
N SER I 91 10.13 -27.96 20.58
CA SER I 91 9.58 -29.17 21.26
C SER I 91 10.59 -29.67 22.29
N LYS I 92 10.12 -30.44 23.29
CA LYS I 92 10.91 -30.77 24.51
C LYS I 92 10.68 -32.23 24.92
N GLN I 93 11.75 -32.98 25.20
CA GLN I 93 11.70 -34.26 25.94
C GLN I 93 11.80 -33.95 27.43
N GLU I 94 10.65 -33.95 28.12
CA GLU I 94 10.52 -33.62 29.56
C GLU I 94 10.42 -34.95 30.33
N SER I 95 11.25 -35.09 31.35
CA SER I 95 11.25 -36.20 32.33
C SER I 95 11.67 -35.61 33.67
N GLN I 96 11.60 -36.38 34.76
CA GLN I 96 12.06 -35.93 36.09
C GLN I 96 12.67 -37.10 36.86
N ILE I 97 13.46 -36.77 37.88
CA ILE I 97 14.02 -37.74 38.84
C ILE I 97 14.08 -37.08 40.21
N VAL I 98 13.97 -37.90 41.27
CA VAL I 98 14.00 -37.46 42.68
C VAL I 98 15.30 -38.00 43.27
N LEU I 99 16.17 -37.11 43.77
CA LEU I 99 17.55 -37.51 44.15
C LEU I 99 17.60 -37.84 45.66
N ALA I 100 16.53 -37.54 46.39
CA ALA I 100 16.45 -37.77 47.86
C ALA I 100 16.72 -39.24 48.16
N GLY I 101 17.48 -39.48 49.23
CA GLY I 101 17.78 -40.82 49.79
C GLY I 101 18.50 -41.72 48.81
N ARG I 102 19.33 -41.17 47.91
CA ARG I 102 20.23 -42.01 47.06
C ARG I 102 21.53 -42.23 47.85
N GLN I 103 22.36 -43.18 47.46
CA GLN I 103 23.72 -43.35 48.03
C GLN I 103 24.52 -42.07 47.71
N PRO I 104 25.18 -41.45 48.71
CA PRO I 104 26.15 -40.40 48.45
C PRO I 104 27.53 -40.94 48.05
N ASN I 105 28.35 -40.11 47.40
CA ASN I 105 29.79 -40.35 47.14
C ASN I 105 29.99 -41.47 46.11
N VAL I 106 29.01 -41.73 45.25
CA VAL I 106 29.16 -42.58 44.03
C VAL I 106 28.63 -41.83 42.82
N TRP I 107 29.38 -41.88 41.73
CA TRP I 107 28.96 -41.35 40.40
C TRP I 107 27.83 -42.22 39.86
N PHE I 108 26.78 -41.58 39.34
CA PHE I 108 25.66 -42.24 38.64
C PHE I 108 25.26 -41.34 37.47
N LYS I 109 24.76 -41.96 36.42
CA LYS I 109 24.39 -41.32 35.13
C LYS I 109 22.87 -41.15 35.10
N ILE I 110 22.40 -39.91 35.17
CA ILE I 110 20.98 -39.53 35.01
C ILE I 110 20.68 -39.47 33.52
N PRO I 111 19.79 -40.34 32.98
CA PRO I 111 19.38 -40.19 31.59
C PRO I 111 18.46 -38.97 31.48
N ILE I 112 18.67 -38.10 30.50
CA ILE I 112 17.86 -36.86 30.32
C ILE I 112 17.06 -36.92 29.01
N GLY I 113 17.05 -38.06 28.34
CA GLY I 113 16.13 -38.32 27.22
C GLY I 113 16.83 -38.81 25.97
N LYS I 114 16.05 -38.93 24.90
CA LYS I 114 16.45 -39.46 23.57
C LYS I 114 15.95 -38.47 22.52
N PHE I 115 16.63 -38.39 21.39
CA PHE I 115 16.22 -37.52 20.27
C PHE I 115 16.77 -38.12 18.98
N ILE I 116 16.11 -37.76 17.87
CA ILE I 116 16.56 -38.07 16.49
C ILE I 116 16.33 -36.84 15.62
N LEU I 117 17.15 -36.62 14.61
CA LEU I 117 17.09 -35.40 13.76
C LEU I 117 16.71 -35.76 12.32
N ARG I 118 15.83 -34.95 11.72
CA ARG I 118 15.26 -35.07 10.35
C ARG I 118 15.18 -33.64 9.78
N SER I 123 19.95 -28.76 11.79
CA SER I 123 20.29 -27.32 11.87
C SER I 123 19.47 -26.58 12.97
N GLY I 124 20.14 -25.94 13.94
CA GLY I 124 19.56 -25.11 15.01
C GLY I 124 19.96 -25.58 16.41
N THR I 125 19.75 -24.75 17.44
CA THR I 125 20.20 -25.02 18.84
C THR I 125 19.43 -26.21 19.45
N ILE I 126 20.15 -27.15 20.05
CA ILE I 126 19.65 -28.21 20.95
C ILE I 126 20.15 -27.89 22.37
N ARG I 127 19.23 -27.86 23.35
CA ARG I 127 19.54 -27.62 24.78
C ARG I 127 19.42 -28.93 25.57
N PHE I 128 20.47 -29.28 26.31
CA PHE I 128 20.52 -30.43 27.24
C PHE I 128 20.71 -29.86 28.66
N GLY I 129 19.87 -30.26 29.61
CA GLY I 129 19.96 -29.68 30.95
C GLY I 129 19.05 -30.34 31.98
N PHE I 130 19.17 -29.83 33.19
CA PHE I 130 18.32 -30.18 34.34
C PHE I 130 18.12 -28.88 35.12
N TYR I 131 17.02 -28.77 35.83
CA TYR I 131 16.67 -27.56 36.59
C TYR I 131 15.67 -27.91 37.69
N ASN I 132 15.71 -27.11 38.76
CA ASN I 132 14.61 -26.94 39.75
C ASN I 132 14.62 -25.50 40.25
N HIS I 133 13.49 -24.81 40.07
CA HIS I 133 13.33 -23.34 40.22
C HIS I 133 12.57 -23.02 41.51
N GLU I 134 12.25 -24.04 42.33
CA GLU I 134 11.46 -23.85 43.57
C GLU I 134 12.32 -23.11 44.59
N GLY I 135 11.67 -22.51 45.60
CA GLY I 135 12.25 -21.58 46.58
C GLY I 135 13.05 -22.28 47.68
N ASN I 136 13.13 -23.62 47.67
CA ASN I 136 13.98 -24.35 48.64
C ASN I 136 15.45 -24.33 48.16
N TRP I 137 16.37 -24.67 49.05
CA TRP I 137 17.83 -24.71 48.80
C TRP I 137 18.22 -26.15 48.43
N LYS I 138 18.72 -26.33 47.22
CA LYS I 138 19.42 -27.56 46.78
C LYS I 138 20.89 -27.44 47.19
N ARG I 139 21.47 -28.51 47.71
CA ARG I 139 22.85 -28.57 48.28
C ARG I 139 23.51 -29.89 47.88
N GLY I 140 24.81 -29.86 47.60
CA GLY I 140 25.68 -31.06 47.61
C GLY I 140 25.47 -31.96 46.39
N LEU I 141 25.28 -31.36 45.19
CA LEU I 141 25.34 -32.07 43.88
C LEU I 141 26.62 -31.67 43.15
N ASN I 142 27.44 -32.67 42.81
CA ASN I 142 28.68 -32.49 42.01
C ASN I 142 28.36 -32.99 40.59
N ILE I 143 28.70 -32.20 39.58
CA ILE I 143 28.45 -32.49 38.13
C ILE I 143 29.78 -32.80 37.46
N ARG I 144 29.88 -33.94 36.79
CA ARG I 144 31.11 -34.32 36.06
C ARG I 144 30.97 -33.98 34.57
N THR I 145 29.95 -34.50 33.88
CA THR I 145 29.88 -34.38 32.39
C THR I 145 28.50 -34.73 31.83
N LEU I 146 28.13 -34.07 30.73
CA LEU I 146 27.04 -34.48 29.81
C LEU I 146 27.65 -35.47 28.80
N ALA I 147 27.03 -36.63 28.61
CA ALA I 147 27.42 -37.63 27.58
C ALA I 147 26.31 -37.70 26.53
N ILE I 148 26.69 -37.68 25.26
CA ILE I 148 25.75 -37.84 24.11
C ILE I 148 26.23 -39.05 23.29
N GLN I 149 25.36 -40.05 23.13
CA GLN I 149 25.67 -41.39 22.58
C GLN I 149 24.64 -41.77 21.52
N ALA I 150 24.94 -42.75 20.65
CA ALA I 150 24.13 -43.13 19.46
C ALA I 150 24.33 -44.60 19.07
N SER J 1 41.52 -26.23 31.19
CA SER J 1 40.51 -27.32 31.53
C SER J 1 39.62 -27.71 30.34
N THR J 2 39.27 -29.00 30.22
CA THR J 2 38.63 -29.60 29.00
C THR J 2 37.14 -29.24 28.96
N HIS J 3 36.68 -28.65 27.85
CA HIS J 3 35.27 -28.21 27.62
C HIS J 3 34.50 -29.30 26.87
N TYR J 4 35.06 -29.83 25.80
CA TYR J 4 34.44 -30.92 24.99
C TYR J 4 35.50 -31.97 24.61
N LEU J 5 35.14 -33.24 24.75
CA LEU J 5 35.77 -34.37 24.04
C LEU J 5 34.80 -34.78 22.95
N ALA J 6 35.27 -34.94 21.72
CA ALA J 6 34.49 -35.39 20.56
C ALA J 6 35.19 -36.62 19.99
N PHE J 7 34.47 -37.72 19.87
CA PHE J 7 35.00 -39.03 19.45
C PHE J 7 34.81 -39.18 17.94
N PRO J 8 35.68 -39.96 17.26
CA PRO J 8 35.72 -39.96 15.81
C PRO J 8 34.39 -40.28 15.11
N ARG J 9 33.48 -41.01 15.75
CA ARG J 9 32.13 -41.26 15.17
C ARG J 9 31.38 -39.96 14.89
N ALA J 10 31.62 -38.90 15.68
CA ALA J 10 30.98 -37.57 15.53
C ALA J 10 31.60 -36.78 14.36
N SER J 11 32.73 -37.27 13.82
CA SER J 11 33.51 -36.65 12.73
C SER J 11 33.10 -37.24 11.37
N THR J 12 33.51 -36.59 10.28
CA THR J 12 33.45 -37.09 8.90
C THR J 12 34.84 -37.62 8.53
N ILE J 13 34.91 -38.89 8.13
CA ILE J 13 36.19 -39.52 7.70
C ILE J 13 35.99 -40.07 6.30
N THR J 14 36.73 -39.54 5.33
CA THR J 14 36.73 -40.05 3.95
C THR J 14 37.06 -41.53 4.01
N TRP J 15 36.16 -42.34 3.42
CA TRP J 15 36.25 -43.81 3.36
C TRP J 15 36.07 -44.43 4.75
N GLY J 16 35.53 -43.68 5.72
CA GLY J 16 35.38 -44.11 7.12
C GLY J 16 34.58 -45.39 7.26
N ASP J 17 33.59 -45.59 6.41
CA ASP J 17 32.58 -46.68 6.52
C ASP J 17 33.02 -47.88 5.68
N ASP J 18 34.13 -47.75 4.94
CA ASP J 18 34.68 -48.74 3.96
C ASP J 18 35.81 -49.55 4.64
N THR J 19 35.55 -50.83 4.94
CA THR J 19 36.43 -51.71 5.75
C THR J 19 37.69 -52.16 4.95
N ARG J 20 37.83 -51.75 3.69
CA ARG J 20 39.08 -51.87 2.91
C ARG J 20 40.14 -50.90 3.43
N TYR J 21 39.70 -49.80 4.05
CA TYR J 21 40.55 -48.62 4.35
C TYR J 21 40.55 -48.31 5.86
N TRP J 22 39.37 -48.27 6.48
CA TRP J 22 39.18 -47.91 7.92
C TRP J 22 38.48 -49.06 8.66
N SER J 23 38.71 -49.17 9.96
CA SER J 23 37.95 -50.07 10.84
C SER J 23 37.62 -49.33 12.13
N TRP J 24 36.70 -49.89 12.92
CA TRP J 24 36.25 -49.34 14.22
C TRP J 24 36.33 -50.45 15.28
N ALA J 25 36.60 -50.08 16.52
CA ALA J 25 36.72 -51.02 17.66
C ALA J 25 36.14 -50.32 18.90
N THR J 26 35.25 -51.01 19.59
CA THR J 26 34.63 -50.56 20.85
C THR J 26 35.68 -50.73 21.95
N VAL J 27 35.91 -49.69 22.75
CA VAL J 27 36.75 -49.75 23.97
C VAL J 27 36.11 -48.88 25.05
N ASP J 28 36.58 -49.04 26.29
CA ASP J 28 36.15 -48.23 27.44
C ASP J 28 37.06 -47.01 27.60
N PHE J 29 36.47 -45.87 27.94
CA PHE J 29 37.24 -44.64 28.24
C PHE J 29 36.54 -44.00 29.44
N CYS J 30 37.12 -44.12 30.63
CA CYS J 30 36.55 -43.51 31.86
C CYS J 30 35.05 -43.87 32.02
N SER J 31 34.70 -45.15 31.92
CA SER J 31 33.31 -45.64 32.13
C SER J 31 32.46 -45.56 30.85
N TYR J 32 32.96 -44.88 29.83
CA TYR J 32 32.13 -44.57 28.64
C TYR J 32 32.59 -45.40 27.44
N ALA J 33 31.64 -46.06 26.77
CA ALA J 33 31.86 -46.83 25.54
C ALA J 33 32.16 -45.83 24.41
N ILE J 34 33.34 -45.91 23.81
CA ILE J 34 33.74 -45.11 22.60
C ILE J 34 34.20 -46.09 21.52
N GLU J 35 34.24 -45.61 20.29
CA GLU J 35 34.76 -46.39 19.14
C GLU J 35 35.98 -45.64 18.57
N GLU J 36 37.16 -46.26 18.65
CA GLU J 36 38.41 -45.80 18.01
C GLU J 36 38.30 -46.00 16.51
N ALA J 37 38.65 -44.99 15.73
CA ALA J 37 38.84 -45.10 14.26
C ALA J 37 40.27 -45.58 14.01
N ARG J 38 40.40 -46.75 13.38
CA ARG J 38 41.69 -47.45 13.17
C ARG J 38 41.93 -47.56 11.68
N LEU J 39 42.83 -46.70 11.18
CA LEU J 39 43.22 -46.65 9.75
C LEU J 39 44.02 -47.91 9.42
N LEU J 40 43.54 -48.71 8.45
CA LEU J 40 44.30 -49.85 7.86
C LEU J 40 45.19 -49.30 6.75
N GLN J 41 44.58 -48.57 5.80
CA GLN J 41 45.29 -47.93 4.67
C GLN J 41 44.32 -46.94 3.98
N VAL J 42 44.80 -45.76 3.61
CA VAL J 42 44.01 -44.80 2.79
C VAL J 42 44.99 -43.80 2.15
N SER J 43 44.63 -43.23 1.02
CA SER J 43 45.44 -42.18 0.34
C SER J 43 44.85 -40.80 0.63
N TRP J 44 43.53 -40.67 0.47
CA TRP J 44 42.78 -39.46 0.90
C TRP J 44 42.48 -39.60 2.40
N LEU J 45 43.46 -39.28 3.25
CA LEU J 45 43.33 -39.20 4.72
C LEU J 45 42.70 -37.84 5.06
N ASP J 46 41.49 -37.86 5.62
CA ASP J 46 40.73 -36.63 5.96
C ASP J 46 39.76 -36.94 7.11
N CYS J 47 39.95 -36.26 8.24
CA CYS J 47 39.10 -36.36 9.45
C CYS J 47 38.76 -34.94 9.91
N ARG J 48 37.48 -34.60 9.93
CA ARG J 48 36.94 -33.26 10.31
C ARG J 48 35.78 -33.43 11.30
N TRP J 49 35.90 -32.80 12.46
CA TRP J 49 34.77 -32.52 13.36
C TRP J 49 34.18 -31.17 12.97
N SER J 50 32.85 -31.07 12.88
CA SER J 50 32.11 -29.81 12.66
C SER J 50 31.34 -29.46 13.92
N MET J 51 31.61 -28.30 14.52
CA MET J 51 30.84 -27.76 15.67
C MET J 51 30.54 -26.29 15.38
N ASP J 52 29.49 -25.74 15.98
CA ASP J 52 29.11 -24.32 15.76
C ASP J 52 29.83 -23.46 16.80
N ALA J 53 30.21 -22.25 16.43
CA ALA J 53 30.87 -21.24 17.30
C ALA J 53 30.01 -20.97 18.54
N SER J 54 28.68 -21.00 18.39
CA SER J 54 27.75 -20.75 19.52
C SER J 54 27.85 -21.86 20.57
N ASP J 55 28.44 -23.02 20.23
CA ASP J 55 28.76 -24.08 21.21
C ASP J 55 29.80 -23.60 22.20
N PHE J 56 30.53 -22.53 21.89
CA PHE J 56 31.75 -22.11 22.62
C PHE J 56 31.50 -20.73 23.22
N LYS J 57 32.26 -20.40 24.28
CA LYS J 57 32.20 -19.08 24.95
C LYS J 57 33.11 -18.10 24.18
N GLN J 58 32.68 -16.84 24.07
CA GLN J 58 33.45 -15.78 23.39
C GLN J 58 34.49 -15.18 24.36
N ASP J 59 35.40 -14.37 23.83
CA ASP J 59 36.41 -13.56 24.58
C ASP J 59 37.28 -14.46 25.44
N ILE J 60 37.51 -15.69 25.01
CA ILE J 60 38.38 -16.67 25.72
C ILE J 60 39.10 -17.56 24.69
N TRP J 61 40.39 -17.80 24.94
CA TRP J 61 41.32 -18.60 24.11
C TRP J 61 41.07 -20.09 24.33
N TYR J 62 40.70 -20.79 23.25
CA TYR J 62 40.54 -22.26 23.19
C TYR J 62 41.77 -22.85 22.52
N ASN J 63 42.24 -24.00 23.01
CA ASN J 63 43.21 -24.84 22.27
C ASN J 63 42.57 -26.19 22.00
N ALA J 64 42.91 -26.81 20.87
CA ALA J 64 42.32 -28.08 20.37
C ALA J 64 43.45 -29.06 20.10
N SER J 65 43.26 -30.31 20.55
CA SER J 65 44.23 -31.43 20.35
C SER J 65 43.47 -32.65 19.82
N VAL J 66 44.17 -33.54 19.12
CA VAL J 66 43.65 -34.86 18.67
C VAL J 66 44.55 -35.95 19.26
N GLU J 67 44.00 -36.87 20.05
CA GLU J 67 44.76 -37.97 20.69
C GLU J 67 44.78 -39.18 19.72
N VAL J 68 45.98 -39.63 19.35
CA VAL J 68 46.19 -40.69 18.33
C VAL J 68 47.23 -41.67 18.84
N MET J 69 47.35 -42.80 18.14
CA MET J 69 48.34 -43.88 18.39
C MET J 69 48.76 -44.41 17.02
N LEU J 70 50.07 -44.56 16.79
CA LEU J 70 50.60 -45.30 15.61
C LEU J 70 50.70 -46.78 16.00
N THR J 71 50.32 -47.71 15.13
CA THR J 71 50.45 -49.18 15.34
C THR J 71 51.85 -49.62 14.91
N SER J 72 52.20 -50.87 15.20
CA SER J 72 53.45 -51.56 14.77
C SER J 72 53.52 -51.63 13.24
N ASN J 73 52.37 -51.50 12.57
CA ASN J 73 52.21 -51.65 11.10
C ASN J 73 52.24 -50.26 10.42
N ALA J 74 52.55 -49.20 11.15
CA ALA J 74 52.48 -47.81 10.64
C ALA J 74 53.46 -47.62 9.48
N SER J 75 53.09 -46.79 8.49
CA SER J 75 53.86 -46.49 7.25
C SER J 75 53.16 -45.38 6.47
N GLY J 76 53.90 -44.72 5.59
CA GLY J 76 53.40 -43.63 4.72
C GLY J 76 53.38 -42.29 5.41
N TRP J 77 54.01 -42.15 6.59
CA TRP J 77 53.93 -40.92 7.41
C TRP J 77 55.13 -40.01 7.14
N ASN J 78 55.94 -40.34 6.12
CA ASN J 78 57.09 -39.51 5.68
C ASN J 78 56.58 -38.30 4.89
N VAL J 79 55.34 -37.88 5.15
CA VAL J 79 54.68 -36.71 4.48
C VAL J 79 54.14 -35.80 5.57
N PRO J 80 53.90 -34.51 5.25
CA PRO J 80 53.31 -33.59 6.21
C PRO J 80 51.83 -33.93 6.45
N LEU J 81 51.47 -34.32 7.68
CA LEU J 81 50.07 -34.38 8.17
C LEU J 81 49.62 -32.96 8.46
N HIS J 82 48.72 -32.42 7.63
CA HIS J 82 48.20 -31.04 7.74
C HIS J 82 47.16 -30.99 8.88
N LEU J 83 47.28 -29.99 9.74
CA LEU J 83 46.41 -29.73 10.91
C LEU J 83 45.68 -28.41 10.67
N GLU J 84 44.38 -28.35 10.96
CA GLU J 84 43.53 -27.22 10.49
C GLU J 84 42.38 -26.98 11.47
N ILE J 85 42.21 -25.71 11.87
CA ILE J 85 40.95 -25.15 12.46
C ILE J 85 40.43 -24.12 11.47
N GLU J 86 39.25 -24.34 10.90
CA GLU J 86 38.57 -23.38 10.00
C GLU J 86 37.51 -22.64 10.84
N LEU J 87 37.57 -21.31 10.86
CA LEU J 87 36.60 -20.44 11.57
C LEU J 87 35.48 -20.09 10.61
N PRO J 88 34.35 -19.55 11.12
CA PRO J 88 33.17 -19.33 10.28
C PRO J 88 33.39 -18.30 9.15
N ASP J 89 34.30 -17.34 9.33
CA ASP J 89 34.60 -16.30 8.30
C ASP J 89 35.32 -16.92 7.08
N GLY J 90 35.84 -18.15 7.21
CA GLY J 90 36.56 -18.87 6.13
C GLY J 90 38.04 -19.00 6.40
N SER J 91 38.58 -18.23 7.36
CA SER J 91 40.01 -18.17 7.74
C SER J 91 40.42 -19.47 8.45
N LYS J 92 41.72 -19.80 8.47
CA LYS J 92 42.24 -21.14 8.83
C LYS J 92 43.52 -21.01 9.66
N GLN J 93 43.61 -21.74 10.78
CA GLN J 93 44.86 -21.95 11.54
C GLN J 93 45.54 -23.20 10.98
N GLU J 94 46.54 -23.01 10.11
CA GLU J 94 47.22 -24.10 9.37
C GLU J 94 48.55 -24.37 10.07
N SER J 95 48.82 -25.64 10.38
CA SER J 95 50.10 -26.15 10.90
C SER J 95 50.30 -27.55 10.32
N GLN J 96 51.48 -28.15 10.51
CA GLN J 96 51.73 -29.54 10.04
C GLN J 96 52.69 -30.24 11.00
N ILE J 97 52.68 -31.57 10.97
CA ILE J 97 53.56 -32.44 11.78
C ILE J 97 53.86 -33.69 10.93
N VAL J 98 55.04 -34.28 11.15
CA VAL J 98 55.54 -35.50 10.46
C VAL J 98 55.54 -36.62 11.48
N LEU J 99 54.81 -37.70 11.21
CA LEU J 99 54.55 -38.77 12.20
C LEU J 99 55.57 -39.89 12.06
N ALA J 100 56.39 -39.85 11.01
CA ALA J 100 57.40 -40.90 10.72
C ALA J 100 58.35 -41.06 11.92
N GLY J 101 58.67 -42.32 12.25
CA GLY J 101 59.65 -42.69 13.29
C GLY J 101 59.26 -42.18 14.68
N ARG J 102 57.97 -42.07 14.98
CA ARG J 102 57.51 -41.81 16.37
C ARG J 102 57.34 -43.17 17.06
N GLN J 103 57.28 -43.19 18.39
CA GLN J 103 57.05 -44.45 19.15
C GLN J 103 55.67 -44.99 18.77
N PRO J 104 55.55 -46.27 18.40
CA PRO J 104 54.25 -46.92 18.25
C PRO J 104 53.65 -47.38 19.58
N ASN J 105 52.33 -47.56 19.62
CA ASN J 105 51.59 -48.20 20.72
C ASN J 105 51.59 -47.32 21.98
N VAL J 106 51.76 -46.00 21.85
CA VAL J 106 51.53 -45.02 22.96
C VAL J 106 50.64 -43.90 22.43
N TRP J 107 49.66 -43.50 23.23
CA TRP J 107 48.78 -42.32 22.97
C TRP J 107 49.62 -41.05 23.11
N PHE J 108 49.48 -40.13 22.18
CA PHE J 108 50.08 -38.77 22.22
C PHE J 108 49.06 -37.79 21.66
N LYS J 109 49.11 -36.56 22.15
CA LYS J 109 48.16 -35.47 21.82
C LYS J 109 48.82 -34.52 20.81
N ILE J 110 48.31 -34.51 19.58
CA ILE J 110 48.73 -33.57 18.51
C ILE J 110 47.96 -32.27 18.72
N PRO J 111 48.62 -31.14 19.02
CA PRO J 111 47.92 -29.85 19.08
C PRO J 111 47.60 -29.43 17.64
N ILE J 112 46.37 -28.98 17.37
CA ILE J 112 45.93 -28.59 16.00
C ILE J 112 45.62 -27.09 15.95
N GLY J 113 45.92 -26.34 17.01
CA GLY J 113 45.88 -24.87 16.98
C GLY J 113 45.06 -24.29 18.11
N LYS J 114 44.89 -22.97 18.04
CA LYS J 114 44.20 -22.12 19.03
C LYS J 114 43.21 -21.22 18.29
N PHE J 115 42.16 -20.77 18.97
CA PHE J 115 41.18 -19.83 18.40
C PHE J 115 40.53 -19.05 19.56
N ILE J 116 40.01 -17.87 19.23
CA ILE J 116 39.20 -17.04 20.15
C ILE J 116 38.04 -16.46 19.33
N LEU J 117 36.89 -16.22 19.95
CA LEU J 117 35.68 -15.72 19.26
C LEU J 117 35.31 -14.31 19.75
N ARG J 118 34.89 -13.43 18.83
CA ARG J 118 34.44 -12.03 19.07
C ARG J 118 33.19 -11.79 18.18
N SER J 123 28.80 -17.42 16.23
CA SER J 123 27.77 -17.99 15.31
C SER J 123 28.40 -18.48 13.98
N GLY J 124 28.21 -19.78 13.65
CA GLY J 124 28.66 -20.41 12.39
C GLY J 124 29.58 -21.62 12.60
N THR J 125 29.81 -22.44 11.58
CA THR J 125 30.58 -23.71 11.66
C THR J 125 32.06 -23.43 11.95
N ILE J 126 32.63 -24.13 12.94
CA ILE J 126 34.09 -24.29 13.19
C ILE J 126 34.47 -25.73 12.86
N ARG J 127 35.48 -25.93 12.00
CA ARG J 127 35.98 -27.26 11.57
C ARG J 127 37.33 -27.53 12.24
N PHE J 128 37.47 -28.66 12.91
CA PHE J 128 38.71 -29.17 13.53
C PHE J 128 39.08 -30.47 12.82
N GLY J 129 40.32 -30.60 12.34
CA GLY J 129 40.69 -31.77 11.54
C GLY J 129 42.17 -31.86 11.19
N PHE J 130 42.50 -32.96 10.55
CA PHE J 130 43.85 -33.26 10.01
C PHE J 130 43.60 -34.00 8.70
N TYR J 131 44.53 -33.88 7.76
CA TYR J 131 44.38 -34.47 6.41
C TYR J 131 45.76 -34.61 5.77
N ASN J 132 45.86 -35.58 4.86
CA ASN J 132 46.90 -35.67 3.80
C ASN J 132 46.28 -36.34 2.57
N HIS J 133 46.33 -35.63 1.44
CA HIS J 133 45.59 -35.92 0.18
C HIS J 133 46.53 -36.50 -0.89
N GLU J 134 47.79 -36.73 -0.55
CA GLU J 134 48.82 -37.20 -1.51
C GLU J 134 48.52 -38.66 -1.86
N GLY J 135 49.07 -39.11 -2.99
CA GLY J 135 48.80 -40.42 -3.62
C GLY J 135 49.46 -41.60 -2.93
N ASN J 136 50.24 -41.37 -1.87
CA ASN J 136 50.83 -42.49 -1.08
C ASN J 136 49.78 -43.07 -0.11
N TRP J 137 50.04 -44.25 0.43
CA TRP J 137 49.17 -44.96 1.39
C TRP J 137 49.63 -44.64 2.81
N LYS J 138 48.76 -43.99 3.60
CA LYS J 138 48.91 -43.87 5.07
C LYS J 138 48.31 -45.13 5.71
N ARG J 139 48.98 -45.67 6.71
CA ARG J 139 48.61 -46.94 7.40
C ARG J 139 48.85 -46.79 8.90
N GLY J 140 47.98 -47.39 9.72
CA GLY J 140 48.25 -47.68 11.14
C GLY J 140 48.21 -46.45 12.03
N LEU J 141 47.25 -45.54 11.81
CA LEU J 141 46.90 -44.45 12.77
C LEU J 141 45.56 -44.77 13.44
N ASN J 142 45.57 -44.83 14.76
CA ASN J 142 44.35 -45.00 15.59
C ASN J 142 44.00 -43.65 16.19
N ILE J 143 42.73 -43.26 16.10
CA ILE J 143 42.20 -41.95 16.58
C ILE J 143 41.32 -42.19 17.78
N ARG J 144 41.59 -41.53 18.90
CA ARG J 144 40.77 -41.68 20.12
C ARG J 144 39.76 -40.53 20.22
N THR J 145 40.20 -39.27 20.23
CA THR J 145 39.31 -38.12 20.51
C THR J 145 39.92 -36.77 20.12
N LEU J 146 39.06 -35.84 19.72
CA LEU J 146 39.35 -34.39 19.66
C LEU J 146 39.05 -33.80 21.05
N ALA J 147 39.98 -33.05 21.63
CA ALA J 147 39.79 -32.33 22.92
C ALA J 147 39.80 -30.82 22.64
N ILE J 148 38.84 -30.09 23.20
CA ILE J 148 38.79 -28.61 23.13
C ILE J 148 38.81 -28.08 24.57
N GLN J 149 39.77 -27.20 24.88
CA GLN J 149 40.11 -26.72 26.23
C GLN J 149 40.24 -25.19 26.21
N ALA J 150 40.17 -24.54 27.39
CA ALA J 150 40.14 -23.07 27.56
C ALA J 150 40.75 -22.62 28.89
N SER K 1 -29.52 -3.24 -15.43
CA SER K 1 -28.10 -2.64 -15.28
C SER K 1 -28.13 -1.10 -15.19
N THR K 2 -27.22 -0.52 -14.39
CA THR K 2 -27.20 0.92 -14.01
C THR K 2 -26.71 1.78 -15.19
N HIS K 3 -27.48 2.79 -15.58
CA HIS K 3 -27.16 3.75 -16.68
C HIS K 3 -26.50 5.01 -16.11
N TYR K 4 -27.05 5.59 -15.05
CA TYR K 4 -26.49 6.79 -14.38
C TYR K 4 -26.58 6.63 -12.85
N LEU K 5 -25.49 7.00 -12.16
CA LEU K 5 -25.52 7.39 -10.74
C LEU K 5 -25.38 8.90 -10.70
N ALA K 6 -26.26 9.58 -9.95
CA ALA K 6 -26.23 11.03 -9.75
C ALA K 6 -26.15 11.29 -8.26
N PHE K 7 -25.16 12.07 -7.83
CA PHE K 7 -24.84 12.33 -6.40
C PHE K 7 -25.53 13.62 -5.98
N PRO K 8 -25.87 13.76 -4.68
CA PRO K 8 -26.74 14.86 -4.24
C PRO K 8 -26.26 16.26 -4.60
N ARG K 9 -24.96 16.49 -4.78
CA ARG K 9 -24.44 17.81 -5.24
C ARG K 9 -25.05 18.21 -6.58
N ALA K 10 -25.38 17.26 -7.46
CA ALA K 10 -25.98 17.50 -8.79
C ALA K 10 -27.47 17.84 -8.67
N SER K 11 -28.06 17.66 -7.48
CA SER K 11 -29.48 17.89 -7.15
C SER K 11 -29.67 19.28 -6.57
N THR K 12 -30.92 19.73 -6.50
CA THR K 12 -31.38 20.95 -5.78
C THR K 12 -31.96 20.49 -4.44
N ILE K 13 -31.44 21.01 -3.34
CA ILE K 13 -31.90 20.69 -1.97
C ILE K 13 -32.26 22.02 -1.30
N THR K 14 -33.53 22.20 -0.96
CA THR K 14 -33.99 23.39 -0.20
C THR K 14 -33.17 23.43 1.09
N TRP K 15 -32.54 24.58 1.33
CA TRP K 15 -31.66 24.88 2.48
C TRP K 15 -30.38 24.03 2.45
N GLY K 16 -30.03 23.47 1.28
CA GLY K 16 -28.88 22.57 1.12
C GLY K 16 -27.56 23.21 1.60
N ASP K 17 -27.40 24.52 1.41
CA ASP K 17 -26.13 25.24 1.65
C ASP K 17 -26.09 25.83 3.06
N ASP K 18 -27.20 25.69 3.81
CA ASP K 18 -27.41 26.26 5.17
C ASP K 18 -27.09 25.20 6.24
N THR K 19 -25.98 25.35 6.96
CA THR K 19 -25.42 24.34 7.90
C THR K 19 -26.25 24.23 9.20
N ARG K 20 -27.30 25.05 9.37
CA ARG K 20 -28.33 24.87 10.43
C ARG K 20 -29.20 23.67 10.14
N TYR K 21 -29.32 23.28 8.87
CA TYR K 21 -30.35 22.33 8.37
C TYR K 21 -29.68 21.13 7.69
N TRP K 22 -28.74 21.37 6.79
CA TRP K 22 -28.03 20.33 6.00
C TRP K 22 -26.52 20.41 6.24
N SER K 23 -25.81 19.30 6.08
CA SER K 23 -24.32 19.25 6.06
C SER K 23 -23.88 18.32 4.94
N TRP K 24 -22.60 18.37 4.59
CA TRP K 24 -21.96 17.56 3.54
C TRP K 24 -20.70 16.93 4.11
N ALA K 25 -20.36 15.75 3.64
CA ALA K 25 -19.16 15.00 4.08
C ALA K 25 -18.59 14.29 2.85
N THR K 26 -17.29 14.47 2.64
CA THR K 26 -16.53 13.81 1.55
C THR K 26 -16.32 12.36 1.97
N VAL K 27 -16.63 11.40 1.11
CA VAL K 27 -16.34 9.95 1.33
C VAL K 27 -15.94 9.34 0.00
N ASP K 28 -15.35 8.15 0.05
CA ASP K 28 -14.96 7.36 -1.14
C ASP K 28 -16.10 6.42 -1.51
N PHE K 29 -16.38 6.29 -2.81
CA PHE K 29 -17.42 5.38 -3.39
C PHE K 29 -16.78 4.66 -4.57
N CYS K 30 -16.32 3.42 -4.39
CA CYS K 30 -15.58 2.62 -5.38
C CYS K 30 -14.59 3.48 -6.13
N SER K 31 -13.75 4.17 -5.36
CA SER K 31 -12.55 4.91 -5.85
C SER K 31 -12.89 6.34 -6.28
N TYR K 32 -14.17 6.73 -6.26
CA TYR K 32 -14.63 8.10 -6.65
C TYR K 32 -14.99 8.91 -5.39
N ALA K 33 -14.47 10.12 -5.31
CA ALA K 33 -14.79 11.09 -4.24
C ALA K 33 -16.21 11.58 -4.48
N ILE K 34 -17.13 11.35 -3.53
CA ILE K 34 -18.52 11.88 -3.54
C ILE K 34 -18.75 12.65 -2.23
N GLU K 35 -19.79 13.46 -2.20
CA GLU K 35 -20.25 14.16 -0.97
C GLU K 35 -21.66 13.69 -0.64
N GLU K 36 -21.83 13.03 0.51
CA GLU K 36 -23.15 12.67 1.09
C GLU K 36 -23.83 13.94 1.61
N ALA K 37 -25.10 14.12 1.29
CA ALA K 37 -25.98 15.14 1.90
C ALA K 37 -26.57 14.57 3.20
N ARG K 38 -26.27 15.21 4.32
CA ARG K 38 -26.62 14.72 5.68
C ARG K 38 -27.54 15.73 6.34
N LEU K 39 -28.84 15.40 6.37
CA LEU K 39 -29.90 16.22 6.97
C LEU K 39 -29.72 16.23 8.49
N LEU K 40 -29.53 17.41 9.07
CA LEU K 40 -29.56 17.66 10.54
C LEU K 40 -31.02 17.87 10.96
N GLN K 41 -31.70 18.80 10.31
CA GLN K 41 -33.12 19.15 10.54
C GLN K 41 -33.63 20.05 9.42
N VAL K 42 -34.85 19.82 8.92
CA VAL K 42 -35.52 20.73 7.95
C VAL K 42 -37.02 20.43 7.97
N SER K 43 -37.84 21.43 7.64
CA SER K 43 -39.33 21.24 7.53
C SER K 43 -39.71 21.12 6.06
N TRP K 44 -39.20 22.02 5.21
CA TRP K 44 -39.32 21.89 3.74
C TRP K 44 -38.20 20.95 3.24
N LEU K 45 -38.43 19.63 3.37
CA LEU K 45 -37.56 18.57 2.83
C LEU K 45 -37.89 18.41 1.34
N ASP K 46 -36.92 18.70 0.48
CA ASP K 46 -37.09 18.65 -0.99
C ASP K 46 -35.73 18.43 -1.64
N CYS K 47 -35.59 17.31 -2.35
CA CYS K 47 -34.39 16.93 -3.12
C CYS K 47 -34.85 16.50 -4.52
N ARG K 48 -34.38 17.20 -5.55
CA ARG K 48 -34.75 16.98 -6.97
C ARG K 48 -33.49 16.95 -7.83
N TRP K 49 -33.28 15.87 -8.57
CA TRP K 49 -32.35 15.83 -9.72
C TRP K 49 -33.15 16.22 -10.96
N SER K 50 -32.61 17.09 -11.80
CA SER K 50 -33.18 17.45 -13.12
C SER K 50 -32.27 16.92 -14.22
N MET K 51 -32.78 16.04 -15.08
CA MET K 51 -32.05 15.52 -16.27
C MET K 51 -33.00 15.60 -17.47
N ASP K 52 -32.48 15.69 -18.68
CA ASP K 52 -33.30 15.79 -19.91
C ASP K 52 -33.57 14.37 -20.41
N ALA K 53 -34.76 14.14 -20.98
CA ALA K 53 -35.20 12.86 -21.56
C ALA K 53 -34.21 12.39 -22.63
N SER K 54 -33.61 13.32 -23.38
CA SER K 54 -32.63 13.00 -24.46
C SER K 54 -31.36 12.40 -23.84
N ASP K 55 -31.13 12.55 -22.53
CA ASP K 55 -30.04 11.84 -21.80
C ASP K 55 -30.28 10.33 -21.81
N PHE K 56 -31.50 9.90 -22.08
CA PHE K 56 -31.97 8.50 -21.87
C PHE K 56 -32.34 7.89 -23.22
N LYS K 57 -32.34 6.56 -23.27
CA LYS K 57 -32.76 5.79 -24.47
C LYS K 57 -34.29 5.65 -24.47
N GLN K 58 -34.92 5.75 -25.64
CA GLN K 58 -36.39 5.64 -25.78
C GLN K 58 -36.76 4.15 -25.88
N ASP K 59 -38.05 3.83 -25.80
CA ASP K 59 -38.65 2.50 -26.06
C ASP K 59 -38.05 1.46 -25.11
N ILE K 60 -37.66 1.88 -23.91
CA ILE K 60 -37.09 0.97 -22.88
C ILE K 60 -37.50 1.48 -21.48
N TRP K 61 -37.87 0.53 -20.61
CA TRP K 61 -38.33 0.74 -19.22
C TRP K 61 -37.14 1.01 -18.31
N TYR K 62 -37.14 2.20 -17.69
CA TYR K 62 -36.16 2.65 -16.67
C TYR K 62 -36.81 2.52 -15.29
N ASN K 63 -36.05 2.12 -14.29
CA ASN K 63 -36.45 2.27 -12.87
C ASN K 63 -35.41 3.16 -12.19
N ALA K 64 -35.86 3.95 -11.20
CA ALA K 64 -35.01 4.91 -10.46
C ALA K 64 -35.11 4.61 -8.96
N SER K 65 -33.96 4.65 -8.27
CA SER K 65 -33.87 4.46 -6.81
C SER K 65 -33.02 5.59 -6.20
N VAL K 66 -33.24 5.88 -4.91
CA VAL K 66 -32.39 6.81 -4.11
C VAL K 66 -31.84 6.02 -2.92
N GLU K 67 -30.52 5.93 -2.77
CA GLU K 67 -29.85 5.24 -1.64
C GLU K 67 -29.69 6.21 -0.47
N VAL K 68 -30.23 5.85 0.69
CA VAL K 68 -30.26 6.71 1.91
C VAL K 68 -29.88 5.88 3.13
N MET K 69 -29.63 6.55 4.24
CA MET K 69 -29.33 5.98 5.59
C MET K 69 -29.99 6.89 6.63
N LEU K 70 -30.73 6.30 7.57
CA LEU K 70 -31.24 7.02 8.76
C LEU K 70 -30.17 6.96 9.86
N THR K 71 -29.91 8.06 10.56
CA THR K 71 -28.92 8.12 11.68
C THR K 71 -29.61 7.70 12.99
N SER K 72 -28.82 7.54 14.05
CA SER K 72 -29.29 7.26 15.45
C SER K 72 -30.15 8.43 15.96
N ASN K 73 -30.02 9.61 15.34
CA ASN K 73 -30.70 10.86 15.75
C ASN K 73 -31.99 11.07 14.93
N ALA K 74 -32.39 10.09 14.13
CA ALA K 74 -33.54 10.21 13.19
C ALA K 74 -34.84 10.50 13.98
N SER K 75 -35.73 11.30 13.40
CA SER K 75 -37.02 11.73 13.97
C SER K 75 -37.81 12.52 12.93
N GLY K 76 -39.14 12.64 13.11
CA GLY K 76 -40.06 13.35 12.23
C GLY K 76 -40.46 12.55 10.99
N TRP K 77 -40.19 11.24 10.98
CA TRP K 77 -40.43 10.36 9.80
C TRP K 77 -41.77 9.65 9.95
N ASN K 78 -42.58 10.02 10.94
CA ASN K 78 -43.96 9.50 11.11
C ASN K 78 -44.88 10.19 10.09
N VAL K 79 -44.34 10.71 8.99
CA VAL K 79 -45.10 11.36 7.89
C VAL K 79 -44.72 10.69 6.57
N PRO K 80 -45.60 10.78 5.55
CA PRO K 80 -45.31 10.20 4.26
C PRO K 80 -44.21 10.99 3.53
N LEU K 81 -43.06 10.35 3.28
CA LEU K 81 -42.02 10.83 2.33
C LEU K 81 -42.53 10.58 0.91
N HIS K 82 -42.89 11.65 0.20
CA HIS K 82 -43.43 11.58 -1.18
C HIS K 82 -42.28 11.34 -2.15
N LEU K 83 -42.47 10.39 -3.07
CA LEU K 83 -41.51 9.96 -4.11
C LEU K 83 -42.10 10.31 -5.47
N GLU K 84 -41.31 10.90 -6.36
CA GLU K 84 -41.85 11.53 -7.59
C GLU K 84 -40.84 11.43 -8.74
N ILE K 85 -41.32 10.95 -9.89
CA ILE K 85 -40.70 11.17 -11.23
C ILE K 85 -41.67 12.00 -12.05
N GLU K 86 -41.27 13.21 -12.44
CA GLU K 86 -42.08 14.10 -13.33
C GLU K 86 -41.51 13.97 -14.74
N LEU K 87 -42.35 13.62 -15.70
CA LEU K 87 -41.98 13.49 -17.13
C LEU K 87 -42.21 14.83 -17.81
N PRO K 88 -41.68 15.02 -19.04
CA PRO K 88 -41.75 16.32 -19.70
C PRO K 88 -43.17 16.78 -20.04
N ASP K 89 -44.12 15.84 -20.24
CA ASP K 89 -45.54 16.18 -20.56
C ASP K 89 -46.24 16.80 -19.34
N GLY K 90 -45.67 16.68 -18.13
CA GLY K 90 -46.21 17.23 -16.88
C GLY K 90 -46.72 16.14 -15.94
N SER K 91 -46.89 14.91 -16.45
CA SER K 91 -47.42 13.72 -15.72
C SER K 91 -46.37 13.24 -14.71
N LYS K 92 -46.81 12.51 -13.68
CA LYS K 92 -46.02 12.21 -12.46
C LYS K 92 -46.26 10.76 -12.03
N GLN K 93 -45.18 10.03 -11.74
CA GLN K 93 -45.22 8.74 -11.02
C GLN K 93 -45.11 9.05 -9.52
N GLU K 94 -46.25 9.07 -8.82
CA GLU K 94 -46.35 9.45 -7.40
C GLU K 94 -46.47 8.16 -6.57
N SER K 95 -45.63 8.04 -5.56
CA SER K 95 -45.68 6.97 -4.53
C SER K 95 -45.22 7.59 -3.21
N GLN K 96 -45.33 6.88 -2.10
CA GLN K 96 -44.85 7.38 -0.78
C GLN K 96 -44.32 6.20 0.04
N ILE K 97 -43.51 6.53 1.05
CA ILE K 97 -42.97 5.55 2.01
C ILE K 97 -42.85 6.27 3.36
N VAL K 98 -42.99 5.50 4.45
CA VAL K 98 -42.89 5.97 5.85
C VAL K 98 -41.59 5.40 6.42
N LEU K 99 -40.70 6.26 6.86
CA LEU K 99 -39.31 5.88 7.23
C LEU K 99 -39.23 5.58 8.73
N ALA K 100 -40.27 5.89 9.49
CA ALA K 100 -40.31 5.71 10.96
C ALA K 100 -40.03 4.24 11.31
N GLY K 101 -39.22 4.03 12.34
CA GLY K 101 -38.90 2.70 12.92
C GLY K 101 -38.22 1.77 11.91
N ARG K 102 -37.46 2.29 10.96
CA ARG K 102 -36.58 1.46 10.09
C ARG K 102 -35.23 1.36 10.81
N GLN K 103 -34.41 0.38 10.44
CA GLN K 103 -33.06 0.20 11.04
C GLN K 103 -32.23 1.44 10.71
N PRO K 104 -31.58 2.07 11.72
CA PRO K 104 -30.61 3.11 11.45
C PRO K 104 -29.23 2.56 11.07
N ASN K 105 -28.41 3.37 10.40
CA ASN K 105 -26.97 3.11 10.14
C ASN K 105 -26.79 1.96 9.14
N VAL K 106 -27.79 1.68 8.29
CA VAL K 106 -27.61 0.79 7.10
C VAL K 106 -28.18 1.50 5.87
N TRP K 107 -27.45 1.42 4.76
CA TRP K 107 -27.89 1.92 3.43
C TRP K 107 -29.03 1.03 2.92
N PHE K 108 -30.08 1.65 2.41
CA PHE K 108 -31.20 0.97 1.71
C PHE K 108 -31.62 1.84 0.53
N LYS K 109 -32.12 1.17 -0.51
CA LYS K 109 -32.49 1.78 -1.81
C LYS K 109 -34.01 1.94 -1.86
N ILE K 110 -34.48 3.18 -1.84
CA ILE K 110 -35.91 3.55 -1.98
C ILE K 110 -36.22 3.60 -3.48
N PRO K 111 -37.09 2.72 -4.01
CA PRO K 111 -37.52 2.84 -5.40
C PRO K 111 -38.44 4.06 -5.51
N ILE K 112 -38.24 4.93 -6.51
CA ILE K 112 -39.06 6.18 -6.68
C ILE K 112 -39.88 6.10 -7.97
N GLY K 113 -39.91 4.96 -8.64
CA GLY K 113 -40.84 4.71 -9.76
C GLY K 113 -40.15 4.18 -11.00
N LYS K 114 -40.93 4.06 -12.06
CA LYS K 114 -40.55 3.50 -13.38
C LYS K 114 -41.05 4.48 -14.44
N PHE K 115 -40.39 4.54 -15.59
CA PHE K 115 -40.81 5.40 -16.72
C PHE K 115 -40.29 4.79 -18.01
N ILE K 116 -40.94 5.13 -19.12
CA ILE K 116 -40.52 4.77 -20.51
C ILE K 116 -40.75 6.00 -21.38
N LEU K 117 -39.93 6.19 -22.41
CA LEU K 117 -40.00 7.39 -23.29
C LEU K 117 -40.38 7.00 -24.72
N ARG K 118 -41.24 7.80 -25.35
CA ARG K 118 -41.76 7.65 -26.74
C ARG K 118 -41.81 9.06 -27.37
N SER K 123 -37.21 14.05 -25.36
CA SER K 123 -36.85 15.50 -25.32
C SER K 123 -37.65 16.25 -24.23
N GLY K 124 -36.95 16.90 -23.29
CA GLY K 124 -37.53 17.73 -22.19
C GLY K 124 -37.11 17.27 -20.80
N THR K 125 -37.30 18.10 -19.77
CA THR K 125 -36.83 17.84 -18.38
C THR K 125 -37.60 16.66 -17.75
N ILE K 126 -36.87 15.72 -17.15
CA ILE K 126 -37.37 14.69 -16.20
C ILE K 126 -36.85 15.03 -14.80
N ARG K 127 -37.74 15.09 -13.81
CA ARG K 127 -37.40 15.35 -12.39
C ARG K 127 -37.51 14.05 -11.57
N PHE K 128 -36.45 13.72 -10.84
CA PHE K 128 -36.40 12.58 -9.88
C PHE K 128 -36.19 13.18 -8.48
N GLY K 129 -37.00 12.79 -7.51
CA GLY K 129 -36.88 13.39 -6.18
C GLY K 129 -37.78 12.77 -5.14
N PHE K 130 -37.64 13.30 -3.93
CA PHE K 130 -38.48 12.98 -2.77
C PHE K 130 -38.66 14.29 -2.01
N TYR K 131 -39.76 14.42 -1.29
CA TYR K 131 -40.09 15.66 -0.55
C TYR K 131 -41.10 15.35 0.55
N ASN K 132 -41.06 16.18 1.59
CA ASN K 132 -42.17 16.38 2.57
C ASN K 132 -42.14 17.84 3.02
N HIS K 133 -43.26 18.54 2.83
CA HIS K 133 -43.41 20.02 2.95
C HIS K 133 -44.16 20.38 4.23
N GLU K 134 -44.49 19.39 5.07
CA GLU K 134 -45.29 19.61 6.31
C GLU K 134 -44.41 20.36 7.31
N GLY K 135 -45.07 20.98 8.30
CA GLY K 135 -44.48 21.90 9.30
C GLY K 135 -43.69 21.19 10.39
N ASN K 136 -43.62 19.87 10.39
CA ASN K 136 -42.78 19.12 11.37
C ASN K 136 -41.31 19.13 10.90
N TRP K 137 -40.39 18.78 11.80
CA TRP K 137 -38.92 18.72 11.55
C TRP K 137 -38.54 17.29 11.20
N LYS K 138 -38.04 17.09 9.99
CA LYS K 138 -37.35 15.83 9.58
C LYS K 138 -35.88 15.96 9.97
N ARG K 139 -35.31 14.91 10.54
CA ARG K 139 -33.92 14.86 11.09
C ARG K 139 -33.26 13.53 10.71
N GLY K 140 -31.97 13.55 10.39
CA GLY K 140 -31.11 12.35 10.39
C GLY K 140 -31.35 11.44 9.19
N LEU K 141 -31.54 12.01 8.00
CA LEU K 141 -31.47 11.27 6.69
C LEU K 141 -30.18 11.63 5.96
N ASN K 142 -29.38 10.64 5.63
CA ASN K 142 -28.15 10.78 4.80
C ASN K 142 -28.48 10.26 3.41
N ILE K 143 -28.14 11.03 2.37
CA ILE K 143 -28.40 10.71 0.93
C ILE K 143 -27.07 10.38 0.25
N ARG K 144 -27.00 9.23 -0.40
CA ARG K 144 -25.78 8.82 -1.13
C ARG K 144 -25.93 9.14 -2.62
N THR K 145 -26.95 8.60 -3.30
CA THR K 145 -27.03 8.70 -4.78
C THR K 145 -28.41 8.33 -5.33
N LEU K 146 -28.79 8.98 -6.44
CA LEU K 146 -29.89 8.55 -7.33
C LEU K 146 -29.30 7.55 -8.34
N ALA K 147 -29.92 6.38 -8.50
CA ALA K 147 -29.55 5.38 -9.53
C ALA K 147 -30.66 5.29 -10.56
N ILE K 148 -30.31 5.30 -11.85
CA ILE K 148 -31.28 5.11 -12.97
C ILE K 148 -30.81 3.89 -13.79
N GLN K 149 -31.68 2.89 -13.95
CA GLN K 149 -31.37 1.54 -14.48
C GLN K 149 -32.41 1.14 -15.53
N ALA K 150 -32.08 0.18 -16.42
CA ALA K 150 -32.91 -0.24 -17.58
C ALA K 150 -32.69 -1.70 -17.95
N SER L 1 -15.27 16.74 -6.45
CA SER L 1 -16.29 15.70 -6.01
C SER L 1 -17.28 15.32 -7.14
N THR L 2 -17.65 14.04 -7.21
CA THR L 2 -18.33 13.43 -8.40
C THR L 2 -19.81 13.80 -8.41
N HIS L 3 -20.29 14.38 -9.53
CA HIS L 3 -21.72 14.80 -9.71
C HIS L 3 -22.50 13.70 -10.44
N TYR L 4 -21.95 13.15 -11.52
CA TYR L 4 -22.58 12.07 -12.32
C TYR L 4 -21.55 11.00 -12.67
N LEU L 5 -21.91 9.73 -12.51
CA LEU L 5 -21.30 8.59 -13.23
C LEU L 5 -22.31 8.17 -14.31
N ALA L 6 -21.86 8.01 -15.54
CA ALA L 6 -22.67 7.53 -16.68
C ALA L 6 -21.96 6.29 -17.24
N PHE L 7 -22.67 5.18 -17.33
CA PHE L 7 -22.15 3.86 -17.72
C PHE L 7 -22.33 3.67 -19.23
N PRO L 8 -21.46 2.89 -19.90
CA PRO L 8 -21.43 2.85 -21.36
C PRO L 8 -22.77 2.49 -22.02
N ARG L 9 -23.67 1.78 -21.35
CA ARG L 9 -25.03 1.51 -21.89
C ARG L 9 -25.78 2.82 -22.22
N ALA L 10 -25.53 3.89 -21.48
CA ALA L 10 -26.18 5.23 -21.66
C ALA L 10 -25.57 5.98 -22.85
N SER L 11 -24.45 5.47 -23.39
CA SER L 11 -23.67 6.06 -24.51
C SER L 11 -24.10 5.42 -25.84
N THR L 12 -23.70 6.04 -26.95
CA THR L 12 -23.77 5.48 -28.32
C THR L 12 -22.40 4.94 -28.68
N ILE L 13 -22.31 3.65 -29.04
CA ILE L 13 -21.04 3.00 -29.43
C ILE L 13 -21.25 2.40 -30.82
N THR L 14 -20.52 2.88 -31.81
CA THR L 14 -20.54 2.33 -33.18
C THR L 14 -20.20 0.85 -33.06
N TRP L 15 -21.08 0.01 -33.61
CA TRP L 15 -21.01 -1.46 -33.62
C TRP L 15 -21.18 -2.02 -32.20
N GLY L 16 -21.71 -1.24 -31.26
CA GLY L 16 -21.83 -1.62 -29.84
C GLY L 16 -22.63 -2.90 -29.65
N ASP L 17 -23.64 -3.13 -30.47
CA ASP L 17 -24.64 -4.22 -30.32
C ASP L 17 -24.21 -5.44 -31.14
N ASP L 18 -23.11 -5.32 -31.91
CA ASP L 18 -22.57 -6.34 -32.85
C ASP L 18 -21.45 -7.14 -32.16
N THR L 19 -21.71 -8.40 -31.81
CA THR L 19 -20.82 -9.28 -30.99
C THR L 19 -19.58 -9.75 -31.77
N ARG L 20 -19.45 -9.38 -33.04
CA ARG L 20 -18.18 -9.55 -33.82
C ARG L 20 -17.11 -8.55 -33.33
N TYR L 21 -17.54 -7.44 -32.75
CA TYR L 21 -16.69 -6.25 -32.50
C TYR L 21 -16.68 -5.89 -31.01
N TRP L 22 -17.86 -5.80 -30.39
CA TRP L 22 -18.03 -5.40 -28.97
C TRP L 22 -18.73 -6.53 -28.19
N SER L 23 -18.48 -6.59 -26.88
CA SER L 23 -19.26 -7.45 -25.97
C SER L 23 -19.59 -6.66 -24.70
N TRP L 24 -20.50 -7.20 -23.88
CA TRP L 24 -20.92 -6.62 -22.59
C TRP L 24 -20.81 -7.69 -21.52
N ALA L 25 -20.50 -7.27 -20.30
CA ALA L 25 -20.38 -8.17 -19.14
C ALA L 25 -20.96 -7.46 -17.92
N THR L 26 -21.86 -8.14 -17.22
CA THR L 26 -22.50 -7.65 -15.98
C THR L 26 -21.46 -7.79 -14.88
N VAL L 27 -21.23 -6.73 -14.10
CA VAL L 27 -20.38 -6.77 -12.88
C VAL L 27 -21.03 -5.88 -11.83
N ASP L 28 -20.57 -6.03 -10.58
CA ASP L 28 -21.02 -5.20 -9.44
C ASP L 28 -20.08 -3.99 -9.29
N PHE L 29 -20.66 -2.81 -9.09
CA PHE L 29 -19.91 -1.56 -8.81
C PHE L 29 -20.60 -0.85 -7.65
N CYS L 30 -20.08 -1.02 -6.43
CA CYS L 30 -20.65 -0.39 -5.20
C CYS L 30 -22.14 -0.73 -5.04
N SER L 31 -22.49 -2.01 -5.04
CA SER L 31 -23.89 -2.48 -4.82
C SER L 31 -24.71 -2.41 -6.10
N TYR L 32 -24.18 -1.79 -7.15
CA TYR L 32 -25.01 -1.51 -8.35
C TYR L 32 -24.55 -2.38 -9.52
N ALA L 33 -25.50 -3.05 -10.18
CA ALA L 33 -25.28 -3.81 -11.41
C ALA L 33 -24.97 -2.81 -12.54
N ILE L 34 -23.77 -2.91 -13.14
CA ILE L 34 -23.37 -2.15 -14.36
C ILE L 34 -22.91 -3.16 -15.41
N GLU L 35 -22.86 -2.72 -16.66
CA GLU L 35 -22.34 -3.53 -17.79
C GLU L 35 -21.13 -2.78 -18.36
N GLU L 36 -19.95 -3.39 -18.28
CA GLU L 36 -18.71 -2.95 -18.95
C GLU L 36 -18.86 -3.20 -20.44
N ALA L 37 -18.51 -2.21 -21.26
CA ALA L 37 -18.34 -2.36 -22.73
C ALA L 37 -16.90 -2.87 -22.98
N ARG L 38 -16.79 -4.06 -23.58
CA ARG L 38 -15.50 -4.77 -23.76
C ARG L 38 -15.26 -4.94 -25.25
N LEU L 39 -14.38 -4.10 -25.79
CA LEU L 39 -13.99 -4.10 -27.22
C LEU L 39 -13.19 -5.37 -27.50
N LEU L 40 -13.66 -6.19 -28.43
CA LEU L 40 -12.92 -7.35 -28.99
C LEU L 40 -12.03 -6.82 -30.13
N GLN L 41 -12.65 -6.13 -31.09
CA GLN L 41 -11.97 -5.53 -32.26
C GLN L 41 -12.94 -4.56 -32.96
N VAL L 42 -12.47 -3.39 -33.37
CA VAL L 42 -13.26 -2.44 -34.22
C VAL L 42 -12.29 -1.49 -34.90
N SER L 43 -12.66 -0.95 -36.06
CA SER L 43 -11.85 0.08 -36.77
C SER L 43 -12.45 1.46 -36.53
N TRP L 44 -13.76 1.59 -36.68
CA TRP L 44 -14.51 2.81 -36.28
C TRP L 44 -14.82 2.72 -34.78
N LEU L 45 -13.82 3.07 -33.96
CA LEU L 45 -13.96 3.21 -32.49
C LEU L 45 -14.57 4.58 -32.20
N ASP L 46 -15.78 4.58 -31.63
CA ASP L 46 -16.53 5.84 -31.32
C ASP L 46 -17.50 5.57 -30.17
N CYS L 47 -17.32 6.28 -29.06
CA CYS L 47 -18.15 6.24 -27.85
C CYS L 47 -18.50 7.68 -27.44
N ARG L 48 -19.78 8.01 -27.40
CA ARG L 48 -20.33 9.36 -27.07
C ARG L 48 -21.45 9.24 -26.05
N TRP L 49 -21.32 9.90 -24.91
CA TRP L 49 -22.45 10.20 -24.01
C TRP L 49 -23.06 11.53 -24.43
N SER L 50 -24.38 11.63 -24.48
CA SER L 50 -25.12 12.89 -24.68
C SER L 50 -25.84 13.27 -23.39
N MET L 51 -25.53 14.44 -22.83
CA MET L 51 -26.27 15.02 -21.67
C MET L 51 -26.60 16.48 -21.99
N ASP L 52 -27.63 17.05 -21.40
CA ASP L 52 -28.03 18.46 -21.62
C ASP L 52 -27.32 19.34 -20.59
N ALA L 53 -26.94 20.55 -20.97
CA ALA L 53 -26.30 21.57 -20.11
C ALA L 53 -27.16 21.84 -18.88
N SER L 54 -28.48 21.81 -19.02
CA SER L 54 -29.42 22.08 -17.90
C SER L 54 -29.31 20.96 -16.85
N ASP L 55 -28.73 19.81 -17.17
CA ASP L 55 -28.39 18.75 -16.18
C ASP L 55 -27.35 19.26 -15.17
N PHE L 56 -26.64 20.33 -15.51
CA PHE L 56 -25.42 20.77 -14.77
C PHE L 56 -25.67 22.15 -14.17
N LYS L 57 -24.93 22.48 -13.12
CA LYS L 57 -25.02 23.80 -12.44
C LYS L 57 -24.12 24.80 -13.18
N GLN L 58 -24.56 26.04 -13.26
CA GLN L 58 -23.82 27.13 -13.96
C GLN L 58 -22.76 27.72 -13.01
N ASP L 59 -21.87 28.55 -13.56
CA ASP L 59 -20.85 29.36 -12.83
C ASP L 59 -19.94 28.44 -12.01
N ILE L 60 -19.71 27.21 -12.46
CA ILE L 60 -18.81 26.24 -11.78
C ILE L 60 -18.11 25.36 -12.82
N TRP L 61 -16.81 25.15 -12.62
CA TRP L 61 -15.89 24.36 -13.49
C TRP L 61 -16.10 22.87 -13.27
N TYR L 62 -16.51 22.17 -14.33
CA TYR L 62 -16.66 20.69 -14.38
C TYR L 62 -15.46 20.09 -15.10
N ASN L 63 -14.95 18.97 -14.60
CA ASN L 63 -13.98 18.14 -15.36
C ASN L 63 -14.62 16.76 -15.60
N ALA L 64 -14.30 16.15 -16.72
CA ALA L 64 -14.88 14.86 -17.19
C ALA L 64 -13.75 13.87 -17.46
N SER L 65 -13.92 12.65 -16.98
CA SER L 65 -12.95 11.53 -17.15
C SER L 65 -13.71 10.28 -17.64
N VAL L 66 -13.00 9.38 -18.33
CA VAL L 66 -13.52 8.05 -18.74
C VAL L 66 -12.60 6.98 -18.13
N GLU L 67 -13.16 6.09 -17.31
CA GLU L 67 -12.38 5.01 -16.65
C GLU L 67 -12.37 3.79 -17.57
N VAL L 68 -11.18 3.32 -17.94
CA VAL L 68 -10.97 2.22 -18.91
C VAL L 68 -9.92 1.25 -18.36
N MET L 69 -9.80 0.10 -19.02
CA MET L 69 -8.81 -0.97 -18.74
C MET L 69 -8.39 -1.56 -20.10
N LEU L 70 -7.09 -1.72 -20.32
CA LEU L 70 -6.56 -2.49 -21.47
C LEU L 70 -6.44 -3.96 -21.02
N THR L 71 -6.85 -4.91 -21.87
CA THR L 71 -6.72 -6.37 -21.60
C THR L 71 -5.32 -6.84 -22.02
N SER L 72 -4.99 -8.08 -21.68
CA SER L 72 -3.75 -8.80 -22.08
C SER L 72 -3.67 -8.92 -23.61
N ASN L 73 -4.82 -8.81 -24.30
CA ASN L 73 -4.97 -9.01 -25.75
C ASN L 73 -4.94 -7.66 -26.48
N ALA L 74 -4.63 -6.56 -25.80
CA ALA L 74 -4.72 -5.19 -26.35
C ALA L 74 -3.76 -5.04 -27.55
N SER L 75 -4.14 -4.25 -28.54
CA SER L 75 -3.38 -3.98 -29.80
C SER L 75 -4.07 -2.89 -30.60
N GLY L 76 -3.34 -2.25 -31.51
CA GLY L 76 -3.85 -1.18 -32.41
C GLY L 76 -3.87 0.18 -31.74
N TRP L 77 -3.23 0.34 -30.58
CA TRP L 77 -3.30 1.59 -29.79
C TRP L 77 -2.10 2.49 -30.09
N ASN L 78 -1.31 2.14 -31.11
CA ASN L 78 -0.16 2.97 -31.58
C ASN L 78 -0.68 4.14 -32.40
N VAL L 79 -1.94 4.55 -32.16
CA VAL L 79 -2.60 5.68 -32.88
C VAL L 79 -3.16 6.63 -31.82
N PRO L 80 -3.40 7.91 -32.19
CA PRO L 80 -4.00 8.87 -31.26
C PRO L 80 -5.48 8.54 -31.01
N LEU L 81 -5.83 8.18 -29.76
CA LEU L 81 -7.24 8.16 -29.28
C LEU L 81 -7.68 9.61 -29.03
N HIS L 82 -8.57 10.12 -29.88
CA HIS L 82 -9.09 11.51 -29.82
C HIS L 82 -10.12 11.60 -28.69
N LEU L 83 -10.00 12.64 -27.86
CA LEU L 83 -10.87 12.94 -26.70
C LEU L 83 -11.61 14.26 -26.99
N GLU L 84 -12.90 14.33 -26.70
CA GLU L 84 -13.77 15.43 -27.17
C GLU L 84 -14.90 15.71 -26.17
N ILE L 85 -15.06 16.98 -25.81
CA ILE L 85 -16.30 17.56 -25.22
C ILE L 85 -16.84 18.57 -26.21
N GLU L 86 -18.03 18.33 -26.75
CA GLU L 86 -18.73 19.26 -27.66
C GLU L 86 -19.78 20.01 -26.84
N LEU L 87 -19.72 21.34 -26.87
CA LEU L 87 -20.70 22.23 -26.17
C LEU L 87 -21.85 22.54 -27.14
N PRO L 88 -22.97 23.10 -26.65
CA PRO L 88 -24.17 23.26 -27.48
C PRO L 88 -23.98 24.20 -28.68
N ASP L 89 -23.09 25.19 -28.57
CA ASP L 89 -22.81 26.17 -29.66
C ASP L 89 -22.08 25.49 -30.83
N GLY L 90 -21.53 24.28 -30.64
CA GLY L 90 -20.79 23.53 -31.67
C GLY L 90 -19.29 23.46 -31.40
N SER L 91 -18.79 24.29 -30.48
CA SER L 91 -17.34 24.40 -30.09
C SER L 91 -16.91 23.14 -29.33
N LYS L 92 -15.61 22.86 -29.29
CA LYS L 92 -15.04 21.53 -28.90
C LYS L 92 -13.78 21.68 -28.05
N GLN L 93 -13.67 20.95 -26.94
CA GLN L 93 -12.40 20.72 -26.20
C GLN L 93 -11.75 19.47 -26.80
N GLU L 94 -10.77 19.65 -27.70
CA GLU L 94 -10.08 18.53 -28.41
C GLU L 94 -8.73 18.27 -27.74
N SER L 95 -8.47 17.01 -27.39
CA SER L 95 -7.18 16.52 -26.85
C SER L 95 -6.98 15.08 -27.37
N GLN L 96 -5.82 14.47 -27.14
CA GLN L 96 -5.57 13.06 -27.55
C GLN L 96 -4.64 12.38 -26.54
N ILE L 97 -4.66 11.05 -26.55
CA ILE L 97 -3.75 10.21 -25.72
C ILE L 97 -3.43 8.95 -26.55
N VAL L 98 -2.24 8.39 -26.33
CA VAL L 98 -1.73 7.15 -26.98
C VAL L 98 -1.69 6.07 -25.90
N LEU L 99 -2.40 4.97 -26.11
CA LEU L 99 -2.64 3.94 -25.07
C LEU L 99 -1.61 2.83 -25.20
N ALA L 100 -0.79 2.83 -26.25
CA ALA L 100 0.20 1.77 -26.52
C ALA L 100 1.16 1.62 -25.32
N GLY L 101 1.47 0.38 -24.99
CA GLY L 101 2.44 -0.02 -23.93
C GLY L 101 2.07 0.52 -22.57
N ARG L 102 0.78 0.65 -22.24
CA ARG L 102 0.32 0.95 -20.86
C ARG L 102 0.15 -0.39 -20.14
N GLN L 103 0.13 -0.35 -18.80
CA GLN L 103 -0.11 -1.56 -17.97
C GLN L 103 -1.48 -2.12 -18.31
N PRO L 104 -1.59 -3.43 -18.61
CA PRO L 104 -2.90 -4.07 -18.76
C PRO L 104 -3.51 -4.48 -17.42
N ASN L 105 -4.83 -4.64 -17.39
CA ASN L 105 -5.59 -5.23 -16.26
C ASN L 105 -5.58 -4.29 -15.03
N VAL L 106 -5.38 -2.98 -15.22
CA VAL L 106 -5.63 -1.96 -14.15
C VAL L 106 -6.50 -0.85 -14.74
N TRP L 107 -7.50 -0.43 -13.97
CA TRP L 107 -8.36 0.73 -14.25
C TRP L 107 -7.52 2.01 -14.14
N PHE L 108 -7.66 2.91 -15.11
CA PHE L 108 -7.06 4.27 -15.10
C PHE L 108 -8.07 5.25 -15.71
N LYS L 109 -8.00 6.50 -15.25
CA LYS L 109 -8.97 7.56 -15.61
C LYS L 109 -8.33 8.48 -16.65
N ILE L 110 -8.86 8.45 -17.87
CA ILE L 110 -8.45 9.36 -18.98
C ILE L 110 -9.23 10.67 -18.81
N PRO L 111 -8.57 11.81 -18.54
CA PRO L 111 -9.27 13.10 -18.51
C PRO L 111 -9.61 13.48 -19.95
N ILE L 112 -10.85 13.92 -20.21
CA ILE L 112 -11.30 14.30 -21.58
C ILE L 112 -11.60 15.80 -21.67
N GLY L 113 -11.31 16.57 -20.61
CA GLY L 113 -11.38 18.03 -20.64
C GLY L 113 -12.26 18.65 -19.54
N LYS L 114 -12.48 19.96 -19.66
CA LYS L 114 -13.19 20.82 -18.68
C LYS L 114 -14.24 21.65 -19.41
N PHE L 115 -15.25 22.14 -18.67
CA PHE L 115 -16.27 23.07 -19.20
C PHE L 115 -16.88 23.85 -18.03
N ILE L 116 -17.44 25.03 -18.33
CA ILE L 116 -18.21 25.88 -17.38
C ILE L 116 -19.40 26.46 -18.15
N LEU L 117 -20.53 26.73 -17.50
CA LEU L 117 -21.74 27.26 -18.16
C LEU L 117 -22.08 28.66 -17.63
N ARG L 118 -22.58 29.54 -18.51
CA ARG L 118 -23.07 30.92 -18.23
C ARG L 118 -24.34 31.13 -19.09
N SER L 123 -28.38 25.36 -21.20
CA SER L 123 -29.41 24.78 -22.10
C SER L 123 -28.79 24.27 -23.44
N GLY L 124 -28.98 22.97 -23.75
CA GLY L 124 -28.58 22.33 -25.03
C GLY L 124 -27.65 21.12 -24.82
N THR L 125 -27.49 20.28 -25.85
CA THR L 125 -26.73 19.01 -25.76
C THR L 125 -25.23 19.26 -25.56
N ILE L 126 -24.62 18.58 -24.59
CA ILE L 126 -23.16 18.43 -24.40
C ILE L 126 -22.79 16.98 -24.70
N ARG L 127 -21.79 16.75 -25.57
CA ARG L 127 -21.28 15.42 -25.97
C ARG L 127 -19.92 15.18 -25.30
N PHE L 128 -19.77 14.06 -24.60
CA PHE L 128 -18.52 13.56 -23.98
C PHE L 128 -18.15 12.26 -24.68
N GLY L 129 -16.92 12.12 -25.16
CA GLY L 129 -16.58 10.95 -26.00
C GLY L 129 -15.10 10.82 -26.31
N PHE L 130 -14.76 9.68 -26.90
CA PHE L 130 -13.43 9.37 -27.45
C PHE L 130 -13.68 8.59 -28.74
N TYR L 131 -12.76 8.67 -29.69
CA TYR L 131 -12.90 8.02 -31.01
C TYR L 131 -11.54 7.87 -31.66
N ASN L 132 -11.43 6.86 -32.52
CA ASN L 132 -10.39 6.72 -33.57
C ASN L 132 -11.02 6.00 -34.77
N HIS L 133 -10.98 6.66 -35.93
CA HIS L 133 -11.73 6.31 -37.17
C HIS L 133 -10.80 5.69 -38.21
N GLU L 134 -9.52 5.50 -37.87
CA GLU L 134 -8.50 4.99 -38.82
C GLU L 134 -8.79 3.51 -39.11
N GLY L 135 -8.24 3.01 -40.22
CA GLY L 135 -8.51 1.69 -40.82
C GLY L 135 -7.83 0.55 -40.08
N ASN L 136 -7.04 0.82 -39.02
CA ASN L 136 -6.45 -0.26 -38.20
C ASN L 136 -7.51 -0.80 -37.21
N TRP L 137 -7.23 -1.97 -36.63
CA TRP L 137 -8.12 -2.65 -35.64
C TRP L 137 -7.64 -2.27 -34.24
N LYS L 138 -8.51 -1.61 -33.47
CA LYS L 138 -8.35 -1.43 -32.01
C LYS L 138 -8.95 -2.67 -31.34
N ARG L 139 -8.26 -3.19 -30.32
CA ARG L 139 -8.61 -4.44 -29.59
C ARG L 139 -8.37 -4.24 -28.10
N GLY L 140 -9.23 -4.81 -27.26
CA GLY L 140 -8.94 -5.05 -25.84
C GLY L 140 -8.99 -3.79 -24.99
N LEU L 141 -9.96 -2.90 -25.23
CA LEU L 141 -10.30 -1.76 -24.32
C LEU L 141 -11.63 -2.08 -23.63
N ASN L 142 -11.62 -2.07 -22.30
CA ASN L 142 -12.82 -2.21 -21.46
C ASN L 142 -13.16 -0.82 -20.93
N ILE L 143 -14.43 -0.43 -21.02
CA ILE L 143 -14.97 0.89 -20.58
C ILE L 143 -15.83 0.66 -19.35
N ARG L 144 -15.56 1.38 -18.27
CA ARG L 144 -16.36 1.26 -17.02
C ARG L 144 -17.37 2.40 -16.97
N THR L 145 -16.94 3.66 -17.03
CA THR L 145 -17.84 4.81 -16.76
C THR L 145 -17.23 6.16 -17.18
N LEU L 146 -18.10 7.08 -17.59
CA LEU L 146 -17.81 8.52 -17.68
C LEU L 146 -18.10 9.14 -16.32
N ALA L 147 -17.14 9.91 -15.77
CA ALA L 147 -17.30 10.64 -14.49
C ALA L 147 -17.31 12.14 -14.79
N ILE L 148 -18.27 12.87 -14.22
CA ILE L 148 -18.33 14.36 -14.30
C ILE L 148 -18.27 14.90 -12.87
N GLN L 149 -17.28 15.76 -12.60
CA GLN L 149 -16.89 16.25 -11.26
C GLN L 149 -16.78 17.78 -11.30
N ALA L 150 -16.76 18.44 -10.12
CA ALA L 150 -16.81 19.91 -9.95
C ALA L 150 -16.08 20.35 -8.67
#